data_5M2M
#
_entry.id   5M2M
#
_cell.length_a   145.380
_cell.length_b   83.844
_cell.length_c   150.063
_cell.angle_alpha   90.00
_cell.angle_beta   128.77
_cell.angle_gamma   90.00
#
_symmetry.space_group_name_H-M   'C 1 2 1'
#
loop_
_entity.id
_entity.type
_entity.pdbx_description
1 polymer 'Tumor necrosis factor'
2 polymer 'Llama nanobody VHH3'
3 water water
#
loop_
_entity_poly.entity_id
_entity_poly.type
_entity_poly.pdbx_seq_one_letter_code
_entity_poly.pdbx_strand_id
1 'polypeptide(L)'
;VRSSSRTPSDKPVAHVVANPQAEGQLQWLNRRANALLANGVELRDNQLVVPSEGLYLIYSQVLFKGQGCPSTHVLLTHTI
SRIAVSYQTKVNLLSAIKSPCQRETPEGAEAKPWYEPIYLGGVFQLEKGDRLSAEINRPDYLDFAESGQVYFGIIAL
;
A,B,C,G,I,M
2 'polypeptide(L)'
;QVQLQESGGGLVQPGGSLRLSCAASGRTFSDHSGYTYTIGWFRQAPGKEREFVARIYWSSGNTYYADSVKGRFAISRDIA
KNTVDLTMNNLEPEDTAVYYCAARDGIPTSRSVESYNYWGQGTQVTVSS
;
D,E,F,H,J,N
#
# COMPACT_ATOMS: atom_id res chain seq x y z
N THR A 7 -17.54 -2.90 -59.04
CA THR A 7 -16.30 -2.52 -59.71
C THR A 7 -16.59 -2.05 -61.15
N PRO A 8 -16.24 -0.79 -61.51
CA PRO A 8 -16.52 -0.32 -62.88
C PRO A 8 -15.43 -0.70 -63.91
N SER A 9 -14.20 -1.00 -63.42
CA SER A 9 -13.05 -1.34 -64.25
C SER A 9 -13.11 -2.78 -64.77
N ASP A 10 -12.48 -2.99 -65.92
CA ASP A 10 -12.38 -4.26 -66.64
C ASP A 10 -11.10 -5.01 -66.23
N LYS A 11 -10.20 -4.32 -65.50
CA LYS A 11 -8.89 -4.86 -65.12
C LYS A 11 -8.89 -5.80 -63.90
N PRO A 12 -8.26 -6.99 -64.01
CA PRO A 12 -8.13 -7.89 -62.84
C PRO A 12 -7.50 -7.19 -61.64
N VAL A 13 -8.15 -7.28 -60.46
CA VAL A 13 -7.74 -6.62 -59.21
C VAL A 13 -7.91 -7.47 -58.00
N ALA A 14 -7.09 -7.16 -57.00
CA ALA A 14 -7.17 -7.74 -55.67
C ALA A 14 -6.54 -6.79 -54.67
N HIS A 15 -7.17 -6.70 -53.50
CA HIS A 15 -6.67 -6.00 -52.32
C HIS A 15 -7.25 -6.75 -51.17
N VAL A 16 -6.47 -7.73 -50.69
CA VAL A 16 -6.89 -8.61 -49.62
C VAL A 16 -6.22 -8.18 -48.33
N VAL A 17 -6.86 -8.49 -47.21
CA VAL A 17 -6.42 -8.03 -45.91
C VAL A 17 -6.36 -9.17 -44.90
N ALA A 18 -5.45 -9.05 -43.91
CA ALA A 18 -5.31 -10.07 -42.86
C ALA A 18 -6.60 -10.20 -42.07
N ASN A 19 -6.99 -11.45 -41.78
CA ASN A 19 -8.17 -11.77 -40.98
C ASN A 19 -7.83 -11.38 -39.54
N PRO A 20 -8.53 -10.38 -38.92
CA PRO A 20 -8.21 -10.01 -37.53
C PRO A 20 -8.56 -11.09 -36.51
N GLN A 21 -9.45 -12.03 -36.90
CA GLN A 21 -9.93 -13.14 -36.08
C GLN A 21 -9.08 -14.42 -36.21
N ALA A 22 -8.13 -14.46 -37.17
CA ALA A 22 -7.28 -15.64 -37.38
C ALA A 22 -6.28 -15.78 -36.25
N GLU A 23 -5.97 -17.03 -35.87
CA GLU A 23 -5.03 -17.32 -34.79
C GLU A 23 -3.73 -17.90 -35.33
N GLY A 24 -2.61 -17.30 -34.91
CA GLY A 24 -1.26 -17.72 -35.25
C GLY A 24 -0.97 -17.95 -36.71
N GLN A 25 -1.60 -17.16 -37.60
CA GLN A 25 -1.43 -17.26 -39.05
C GLN A 25 -1.78 -15.96 -39.75
N LEU A 26 -1.20 -15.75 -40.94
CA LEU A 26 -1.52 -14.62 -41.78
C LEU A 26 -2.48 -15.17 -42.85
N GLN A 27 -3.78 -14.97 -42.59
CA GLN A 27 -4.88 -15.41 -43.45
C GLN A 27 -5.49 -14.24 -44.22
N TRP A 28 -5.34 -14.26 -45.54
CA TRP A 28 -5.85 -13.25 -46.47
C TRP A 28 -7.33 -13.37 -46.66
N LEU A 29 -8.01 -12.21 -46.61
CA LEU A 29 -9.46 -12.09 -46.71
C LEU A 29 -9.88 -10.98 -47.67
N ASN A 30 -10.91 -11.24 -48.46
CA ASN A 30 -11.52 -10.23 -49.32
C ASN A 30 -12.91 -9.84 -48.76
N ARG A 31 -13.42 -10.61 -47.82
CA ARG A 31 -14.73 -10.41 -47.20
C ARG A 31 -14.75 -9.32 -46.09
N ARG A 32 -14.24 -8.18 -46.43
CA ARG A 32 -14.21 -7.02 -45.54
C ARG A 32 -14.43 -5.76 -46.35
N ALA A 33 -14.91 -4.69 -45.70
CA ALA A 33 -15.09 -3.41 -46.39
C ALA A 33 -13.70 -2.87 -46.76
N ASN A 34 -13.55 -2.31 -47.97
CA ASN A 34 -12.31 -1.74 -48.52
C ASN A 34 -11.30 -2.82 -48.91
N ALA A 35 -11.83 -4.00 -49.25
CA ALA A 35 -11.09 -5.15 -49.74
C ALA A 35 -11.66 -5.50 -51.12
N LEU A 36 -10.77 -5.78 -52.10
CA LEU A 36 -11.13 -6.06 -53.48
C LEU A 36 -10.73 -7.43 -53.94
N LEU A 37 -11.49 -7.95 -54.90
CA LEU A 37 -11.33 -9.21 -55.61
C LEU A 37 -12.29 -9.10 -56.80
N ALA A 38 -11.77 -8.67 -57.96
CA ALA A 38 -12.60 -8.47 -59.14
C ALA A 38 -11.91 -8.86 -60.45
N ASN A 39 -12.74 -9.04 -61.49
CA ASN A 39 -12.38 -9.33 -62.87
C ASN A 39 -11.45 -10.55 -63.03
N GLY A 40 -11.85 -11.66 -62.40
CA GLY A 40 -11.15 -12.93 -62.53
C GLY A 40 -10.16 -13.30 -61.45
N VAL A 41 -9.58 -12.34 -60.70
CA VAL A 41 -8.63 -12.66 -59.63
C VAL A 41 -9.36 -13.46 -58.55
N GLU A 42 -8.73 -14.55 -58.10
CA GLU A 42 -9.24 -15.47 -57.09
C GLU A 42 -8.28 -15.56 -55.91
N LEU A 43 -8.84 -15.97 -54.76
CA LEU A 43 -8.13 -16.22 -53.52
C LEU A 43 -8.44 -17.68 -53.20
N ARG A 44 -7.48 -18.60 -53.50
CA ARG A 44 -7.73 -20.03 -53.33
C ARG A 44 -7.14 -20.65 -52.04
N ASP A 45 -5.85 -20.91 -51.98
CA ASP A 45 -5.27 -21.51 -50.77
C ASP A 45 -4.37 -20.46 -50.11
N ASN A 46 -5.01 -19.33 -49.71
CA ASN A 46 -4.37 -18.15 -49.12
C ASN A 46 -3.47 -17.44 -50.17
N GLN A 47 -3.71 -17.72 -51.45
CA GLN A 47 -2.92 -17.20 -52.57
C GLN A 47 -3.76 -16.51 -53.63
N LEU A 48 -3.20 -15.50 -54.29
CA LEU A 48 -3.91 -14.79 -55.37
C LEU A 48 -3.61 -15.49 -56.71
N VAL A 49 -4.69 -15.89 -57.41
CA VAL A 49 -4.59 -16.59 -58.68
C VAL A 49 -4.77 -15.60 -59.86
N VAL A 50 -3.75 -15.53 -60.74
CA VAL A 50 -3.70 -14.68 -61.92
C VAL A 50 -4.70 -15.19 -62.98
N PRO A 51 -5.72 -14.39 -63.38
CA PRO A 51 -6.71 -14.90 -64.37
C PRO A 51 -6.26 -14.82 -65.83
N SER A 52 -5.31 -13.92 -66.16
CA SER A 52 -4.83 -13.72 -67.52
C SER A 52 -3.40 -13.18 -67.54
N GLU A 53 -2.69 -13.41 -68.65
CA GLU A 53 -1.33 -12.93 -68.87
C GLU A 53 -1.28 -11.42 -68.95
N GLY A 54 -0.15 -10.85 -68.55
CA GLY A 54 0.10 -9.42 -68.61
C GLY A 54 1.00 -8.88 -67.53
N LEU A 55 1.10 -7.55 -67.46
CA LEU A 55 1.90 -6.84 -66.49
C LEU A 55 1.04 -6.56 -65.27
N TYR A 56 1.55 -6.87 -64.09
CA TYR A 56 0.83 -6.65 -62.85
C TYR A 56 1.66 -5.91 -61.86
N LEU A 57 1.06 -4.92 -61.19
CA LEU A 57 1.69 -4.25 -60.05
C LEU A 57 1.26 -5.12 -58.86
N ILE A 58 2.24 -5.63 -58.14
CA ILE A 58 2.02 -6.51 -56.98
C ILE A 58 2.60 -5.80 -55.76
N TYR A 59 1.87 -5.82 -54.64
CA TYR A 59 2.30 -5.17 -53.41
C TYR A 59 1.78 -5.88 -52.17
N SER A 60 2.44 -5.66 -51.04
CA SER A 60 2.03 -6.17 -49.74
C SER A 60 2.68 -5.37 -48.61
N GLN A 61 1.96 -5.25 -47.49
CA GLN A 61 2.48 -4.67 -46.26
C GLN A 61 2.15 -5.59 -45.12
N VAL A 62 3.11 -5.75 -44.20
CA VAL A 62 2.92 -6.45 -42.94
C VAL A 62 3.36 -5.48 -41.84
N LEU A 63 2.83 -5.67 -40.65
CA LEU A 63 3.21 -4.86 -39.50
C LEU A 63 3.61 -5.84 -38.41
N PHE A 64 4.83 -5.72 -37.92
CA PHE A 64 5.34 -6.54 -36.82
C PHE A 64 5.32 -5.76 -35.51
N LYS A 65 5.05 -6.45 -34.41
CA LYS A 65 5.00 -5.86 -33.08
C LYS A 65 5.62 -6.82 -32.08
N GLY A 66 6.37 -6.28 -31.15
CA GLY A 66 6.98 -7.03 -30.07
C GLY A 66 7.14 -6.15 -28.87
N GLN A 67 7.43 -6.74 -27.70
CA GLN A 67 7.64 -6.02 -26.45
C GLN A 67 8.93 -6.60 -25.86
N GLY A 68 9.98 -5.78 -25.82
CA GLY A 68 11.29 -6.24 -25.37
C GLY A 68 11.95 -7.16 -26.38
N CYS A 69 13.01 -7.90 -25.97
CA CYS A 69 13.75 -8.81 -26.86
C CYS A 69 14.06 -10.18 -26.22
N PRO A 70 13.67 -11.29 -26.88
CA PRO A 70 13.93 -12.61 -26.29
C PRO A 70 15.33 -13.16 -26.58
N SER A 71 15.88 -12.85 -27.77
CA SER A 71 17.21 -13.20 -28.29
C SER A 71 17.36 -12.50 -29.62
N HIS A 73 17.77 -15.47 -32.17
CA HIS A 73 17.66 -14.13 -32.75
C HIS A 73 16.27 -13.90 -33.36
N VAL A 74 15.83 -12.62 -33.43
CA VAL A 74 14.51 -12.28 -34.02
C VAL A 74 14.70 -11.81 -35.47
N LEU A 75 14.60 -12.77 -36.39
CA LEU A 75 14.71 -12.54 -37.82
C LEU A 75 13.27 -12.51 -38.39
N LEU A 76 12.84 -11.35 -38.90
CA LEU A 76 11.47 -11.14 -39.42
C LEU A 76 11.47 -10.96 -40.93
N THR A 77 10.88 -11.93 -41.66
CA THR A 77 10.83 -11.88 -43.11
C THR A 77 9.43 -11.65 -43.65
N HIS A 78 9.38 -11.05 -44.85
CA HIS A 78 8.17 -10.75 -45.60
C HIS A 78 8.54 -10.96 -47.06
N THR A 79 7.83 -11.88 -47.73
CA THR A 79 8.12 -12.19 -49.13
C THR A 79 6.86 -12.32 -49.98
N ILE A 80 6.96 -11.88 -51.25
CA ILE A 80 5.96 -12.14 -52.28
C ILE A 80 6.62 -13.13 -53.25
N SER A 81 6.01 -14.29 -53.43
CA SER A 81 6.57 -15.27 -54.35
C SER A 81 5.60 -15.64 -55.45
N ARG A 82 6.15 -16.07 -56.60
CA ARG A 82 5.43 -16.54 -57.77
C ARG A 82 5.48 -18.06 -57.83
N ILE A 83 4.32 -18.68 -58.02
CA ILE A 83 4.19 -20.13 -58.16
C ILE A 83 3.60 -20.33 -59.55
N ALA A 84 4.44 -20.74 -60.50
CA ALA A 84 4.03 -20.94 -61.89
C ALA A 84 3.20 -22.17 -62.12
N VAL A 85 2.31 -22.12 -63.12
CA VAL A 85 1.46 -23.24 -63.53
C VAL A 85 2.31 -24.29 -64.29
N SER A 86 3.26 -23.80 -65.09
CA SER A 86 4.17 -24.58 -65.95
C SER A 86 5.38 -25.18 -65.21
N TYR A 87 6.24 -24.31 -64.60
CA TYR A 87 7.44 -24.79 -63.90
C TYR A 87 7.11 -25.43 -62.53
N GLN A 88 5.93 -25.08 -61.94
CA GLN A 88 5.40 -25.57 -60.65
C GLN A 88 6.22 -25.11 -59.42
N THR A 89 7.38 -24.45 -59.65
CA THR A 89 8.33 -23.96 -58.64
C THR A 89 7.91 -22.62 -58.03
N LYS A 90 8.43 -22.32 -56.82
CA LYS A 90 8.19 -21.11 -56.05
C LYS A 90 9.44 -20.22 -56.11
N VAL A 91 9.29 -19.00 -56.67
CA VAL A 91 10.39 -18.03 -56.79
C VAL A 91 10.03 -16.72 -56.10
N ASN A 92 10.97 -16.14 -55.35
CA ASN A 92 10.74 -14.87 -54.67
C ASN A 92 10.82 -13.71 -55.65
N LEU A 93 9.75 -12.91 -55.70
CA LEU A 93 9.68 -11.74 -56.56
C LEU A 93 10.12 -10.49 -55.79
N LEU A 94 9.63 -10.34 -54.56
CA LEU A 94 9.84 -9.20 -53.66
C LEU A 94 10.13 -9.77 -52.27
N SER A 95 11.23 -9.33 -51.64
CA SER A 95 11.63 -9.87 -50.34
C SER A 95 12.27 -8.80 -49.45
N ALA A 96 11.97 -8.83 -48.14
CA ALA A 96 12.56 -7.91 -47.16
C ALA A 96 12.71 -8.56 -45.79
N ILE A 97 13.71 -8.11 -45.03
CA ILE A 97 14.04 -8.64 -43.72
C ILE A 97 14.15 -7.49 -42.72
N LYS A 98 13.75 -7.75 -41.48
CA LYS A 98 13.88 -6.82 -40.38
C LYS A 98 14.38 -7.55 -39.14
N SER A 99 15.35 -6.94 -38.46
CA SER A 99 15.93 -7.50 -37.25
C SER A 99 15.79 -6.42 -36.18
N PRO A 100 14.71 -6.47 -35.38
CA PRO A 100 14.53 -5.45 -34.33
C PRO A 100 15.47 -5.59 -33.12
N CYS A 101 15.81 -6.83 -32.75
CA CYS A 101 16.53 -7.23 -31.54
C CYS A 101 18.04 -7.40 -31.67
N GLN A 102 18.79 -6.38 -31.26
CA GLN A 102 20.26 -6.43 -31.33
C GLN A 102 20.85 -7.31 -30.23
N ARG A 103 20.19 -7.36 -29.07
CA ARG A 103 20.59 -8.17 -27.91
C ARG A 103 19.37 -8.49 -27.06
N GLU A 104 19.37 -9.65 -26.35
CA GLU A 104 18.29 -10.08 -25.44
C GLU A 104 18.11 -8.97 -24.37
N THR A 105 16.86 -8.47 -24.17
CA THR A 105 16.60 -7.40 -23.20
C THR A 105 17.18 -7.78 -21.83
N PRO A 106 18.13 -6.95 -21.28
CA PRO A 106 18.75 -7.30 -19.98
C PRO A 106 17.71 -7.56 -18.89
N GLU A 107 17.95 -8.60 -18.06
CA GLU A 107 17.11 -9.13 -16.98
C GLU A 107 16.07 -8.14 -16.39
N GLY A 108 16.47 -6.90 -16.04
CA GLY A 108 15.55 -5.91 -15.45
C GLY A 108 15.14 -4.73 -16.32
N ALA A 109 15.74 -4.58 -17.52
CA ALA A 109 15.42 -3.50 -18.45
C ALA A 109 13.96 -3.58 -18.90
N GLU A 110 13.31 -2.40 -19.06
CA GLU A 110 11.90 -2.30 -19.43
C GLU A 110 11.59 -2.82 -20.84
N ALA A 111 10.57 -3.69 -20.94
CA ALA A 111 10.09 -4.23 -22.21
C ALA A 111 9.13 -3.18 -22.82
N LYS A 112 9.69 -2.29 -23.65
CA LYS A 112 8.93 -1.22 -24.30
C LYS A 112 8.38 -1.76 -25.63
N PRO A 113 7.08 -1.55 -25.98
CA PRO A 113 6.56 -2.12 -27.24
C PRO A 113 7.15 -1.48 -28.49
N TRP A 114 7.71 -2.30 -29.40
CA TRP A 114 8.26 -1.83 -30.68
C TRP A 114 7.33 -2.22 -31.84
N TYR A 115 7.47 -1.55 -32.98
CA TYR A 115 6.67 -1.78 -34.17
C TYR A 115 7.56 -1.70 -35.39
N GLU A 116 7.43 -2.69 -36.29
CA GLU A 116 8.20 -2.79 -37.52
C GLU A 116 7.35 -3.04 -38.77
N PRO A 117 7.04 -1.99 -39.56
CA PRO A 117 6.30 -2.23 -40.82
C PRO A 117 7.25 -2.60 -41.97
N ILE A 118 6.75 -3.36 -42.95
CA ILE A 118 7.50 -3.76 -44.15
C ILE A 118 6.57 -3.56 -45.34
N TYR A 119 7.04 -2.88 -46.38
CA TYR A 119 6.26 -2.69 -47.60
C TYR A 119 7.01 -3.28 -48.79
N LEU A 120 6.32 -4.05 -49.64
CA LEU A 120 6.87 -4.68 -50.85
C LEU A 120 6.01 -4.25 -52.03
N GLY A 121 6.62 -3.96 -53.18
CA GLY A 121 5.86 -3.56 -54.35
C GLY A 121 6.65 -3.48 -55.63
N GLY A 122 6.10 -4.02 -56.73
CA GLY A 122 6.74 -3.95 -58.03
C GLY A 122 5.89 -4.47 -59.18
N VAL A 123 6.33 -4.18 -60.42
CA VAL A 123 5.68 -4.57 -61.68
C VAL A 123 6.33 -5.84 -62.24
N PHE A 124 5.49 -6.85 -62.51
CA PHE A 124 5.96 -8.16 -63.01
C PHE A 124 5.10 -8.67 -64.16
N GLN A 125 5.73 -9.38 -65.09
CA GLN A 125 5.04 -10.05 -66.20
C GLN A 125 4.61 -11.42 -65.64
N LEU A 126 3.30 -11.67 -65.59
CA LEU A 126 2.77 -12.92 -65.04
C LEU A 126 1.98 -13.67 -66.07
N GLU A 127 1.89 -15.00 -65.89
CA GLU A 127 1.14 -15.87 -66.79
C GLU A 127 -0.19 -16.26 -66.19
N LYS A 128 -1.16 -16.60 -67.05
CA LYS A 128 -2.50 -17.04 -66.66
C LYS A 128 -2.36 -18.31 -65.81
N GLY A 129 -2.95 -18.32 -64.64
CA GLY A 129 -2.89 -19.45 -63.72
C GLY A 129 -1.80 -19.38 -62.67
N ASP A 130 -0.93 -18.36 -62.74
CA ASP A 130 0.15 -18.17 -61.76
C ASP A 130 -0.45 -17.86 -60.39
N ARG A 131 0.22 -18.32 -59.33
CA ARG A 131 -0.21 -18.10 -57.96
C ARG A 131 0.77 -17.17 -57.25
N LEU A 132 0.23 -16.17 -56.55
CA LEU A 132 1.01 -15.19 -55.81
C LEU A 132 0.80 -15.42 -54.32
N SER A 133 1.89 -15.51 -53.59
CA SER A 133 1.87 -15.75 -52.15
C SER A 133 2.58 -14.58 -51.44
N ALA A 134 1.97 -14.07 -50.37
CA ALA A 134 2.57 -13.01 -49.55
C ALA A 134 2.64 -13.61 -48.16
N GLU A 135 3.83 -13.97 -47.74
CA GLU A 135 4.09 -14.69 -46.51
C GLU A 135 5.06 -14.04 -45.56
N ILE A 136 4.94 -14.41 -44.28
CA ILE A 136 5.83 -14.04 -43.18
C ILE A 136 6.31 -15.34 -42.51
N ASN A 137 7.37 -15.28 -41.71
CA ASN A 137 7.94 -16.43 -41.01
C ASN A 137 7.53 -16.52 -39.54
N ARG A 138 7.17 -15.38 -38.92
CA ARG A 138 6.86 -15.32 -37.49
C ARG A 138 5.45 -14.76 -37.18
N PRO A 139 4.40 -15.59 -37.21
CA PRO A 139 3.04 -15.08 -36.90
C PRO A 139 2.89 -14.57 -35.45
N ASP A 140 3.77 -15.01 -34.54
CA ASP A 140 3.79 -14.55 -33.15
C ASP A 140 4.18 -13.07 -33.04
N TYR A 141 4.82 -12.50 -34.07
CA TYR A 141 5.21 -11.09 -34.12
C TYR A 141 4.28 -10.26 -34.99
N LEU A 142 3.39 -10.90 -35.74
CA LEU A 142 2.47 -10.21 -36.64
C LEU A 142 1.41 -9.37 -35.89
N ASP A 143 1.16 -8.14 -36.38
CA ASP A 143 0.19 -7.21 -35.80
C ASP A 143 -0.92 -6.81 -36.80
N PHE A 144 -2.04 -7.56 -36.77
CA PHE A 144 -3.21 -7.32 -37.61
C PHE A 144 -4.42 -6.91 -36.75
N ALA A 145 -4.14 -6.39 -35.53
CA ALA A 145 -5.14 -6.00 -34.54
C ALA A 145 -6.10 -4.90 -35.02
N GLU A 146 -5.60 -3.97 -35.86
CA GLU A 146 -6.39 -2.86 -36.40
C GLU A 146 -6.32 -2.83 -37.94
N SER A 147 -7.32 -2.22 -38.59
CA SER A 147 -7.46 -2.13 -40.04
C SER A 147 -6.33 -1.35 -40.74
N GLY A 148 -6.02 -1.75 -41.98
CA GLY A 148 -5.03 -1.12 -42.84
C GLY A 148 -3.58 -1.46 -42.57
N GLN A 149 -3.31 -2.31 -41.56
CA GLN A 149 -1.95 -2.67 -41.13
C GLN A 149 -1.28 -3.76 -41.96
N VAL A 150 -2.06 -4.73 -42.46
CA VAL A 150 -1.45 -5.82 -43.24
C VAL A 150 -2.41 -6.17 -44.38
N TYR A 151 -1.86 -6.06 -45.60
CA TYR A 151 -2.59 -6.21 -46.85
C TYR A 151 -1.68 -6.76 -47.96
N PHE A 152 -2.31 -7.20 -49.05
CA PHE A 152 -1.68 -7.83 -50.20
C PHE A 152 -2.57 -7.54 -51.40
N GLY A 153 -2.00 -6.97 -52.46
CA GLY A 153 -2.79 -6.66 -53.64
C GLY A 153 -2.09 -6.75 -54.98
N ILE A 154 -2.88 -6.85 -56.05
CA ILE A 154 -2.40 -6.89 -57.45
C ILE A 154 -3.33 -6.06 -58.32
N ILE A 155 -2.82 -5.55 -59.44
CA ILE A 155 -3.59 -4.82 -60.43
C ILE A 155 -2.94 -4.99 -61.80
N ALA A 156 -3.71 -5.48 -62.78
CA ALA A 156 -3.23 -5.63 -64.16
C ALA A 156 -3.04 -4.24 -64.76
N LEU A 157 -1.88 -4.00 -65.39
CA LEU A 157 -1.54 -2.72 -66.02
C LEU A 157 -1.17 -2.94 -67.48
N THR B 7 6.49 -9.49 -73.95
CA THR B 7 5.65 -8.53 -73.23
C THR B 7 4.39 -8.23 -74.07
N PRO B 8 3.17 -8.45 -73.52
CA PRO B 8 1.96 -8.18 -74.32
C PRO B 8 1.50 -6.73 -74.31
N SER B 9 1.89 -5.96 -73.27
CA SER B 9 1.52 -4.56 -73.10
C SER B 9 2.29 -3.63 -74.02
N ASP B 10 1.67 -2.49 -74.36
CA ASP B 10 2.19 -1.43 -75.21
C ASP B 10 2.87 -0.34 -74.36
N LYS B 11 2.72 -0.41 -73.02
CA LYS B 11 3.23 0.59 -72.09
C LYS B 11 4.72 0.47 -71.74
N PRO B 12 5.51 1.58 -71.84
CA PRO B 12 6.92 1.53 -71.41
C PRO B 12 7.07 1.03 -69.96
N VAL B 13 7.95 0.04 -69.74
CA VAL B 13 8.16 -0.62 -68.44
C VAL B 13 9.60 -0.93 -68.16
N ALA B 14 9.91 -1.02 -66.87
CA ALA B 14 11.19 -1.46 -66.35
C ALA B 14 11.02 -1.96 -64.94
N HIS B 15 11.73 -3.04 -64.62
CA HIS B 15 11.86 -3.64 -63.31
C HIS B 15 13.22 -4.25 -63.32
N VAL B 16 14.20 -3.46 -62.88
CA VAL B 16 15.59 -3.86 -62.87
C VAL B 16 15.99 -4.24 -61.44
N VAL B 17 16.98 -5.11 -61.35
CA VAL B 17 17.38 -5.67 -60.07
C VAL B 17 18.87 -5.57 -59.86
N ALA B 18 19.31 -5.51 -58.59
CA ALA B 18 20.73 -5.44 -58.25
C ALA B 18 21.46 -6.68 -58.73
N ASN B 19 22.65 -6.49 -59.31
CA ASN B 19 23.51 -7.56 -59.78
C ASN B 19 24.07 -8.26 -58.52
N PRO B 20 23.73 -9.56 -58.25
CA PRO B 20 24.26 -10.21 -57.04
C PRO B 20 25.77 -10.43 -57.07
N GLN B 21 26.36 -10.42 -58.29
CA GLN B 21 27.78 -10.62 -58.55
C GLN B 21 28.62 -9.32 -58.54
N ALA B 22 27.97 -8.15 -58.50
CA ALA B 22 28.67 -6.86 -58.47
C ALA B 22 29.39 -6.65 -57.11
N GLU B 23 30.54 -5.99 -57.15
CA GLU B 23 31.35 -5.74 -55.96
C GLU B 23 31.34 -4.26 -55.61
N GLY B 24 31.02 -3.96 -54.34
CA GLY B 24 30.99 -2.62 -53.76
C GLY B 24 30.23 -1.56 -54.54
N GLN B 25 29.14 -1.97 -55.22
CA GLN B 25 28.30 -1.07 -56.00
C GLN B 25 26.88 -1.60 -56.16
N LEU B 26 25.93 -0.70 -56.40
CA LEU B 26 24.55 -1.06 -56.69
C LEU B 26 24.40 -0.93 -58.22
N GLN B 27 24.55 -2.07 -58.89
CA GLN B 27 24.48 -2.18 -60.34
C GLN B 27 23.16 -2.81 -60.79
N TRP B 28 22.35 -2.01 -61.52
CA TRP B 28 21.04 -2.42 -62.03
C TRP B 28 21.16 -3.31 -63.23
N LEU B 29 20.38 -4.39 -63.23
CA LEU B 29 20.36 -5.41 -64.25
C LEU B 29 18.95 -5.78 -64.69
N ASN B 30 18.77 -5.96 -65.97
CA ASN B 30 17.56 -6.46 -66.56
C ASN B 30 17.72 -7.92 -67.05
N ARG B 31 18.95 -8.42 -67.10
CA ARG B 31 19.30 -9.79 -67.56
C ARG B 31 19.13 -10.88 -66.54
N ARG B 32 17.96 -10.95 -65.96
CA ARG B 32 17.57 -11.88 -64.95
C ARG B 32 16.11 -12.22 -65.10
N ALA B 33 15.76 -13.38 -64.60
CA ALA B 33 14.38 -13.82 -64.60
C ALA B 33 13.53 -12.91 -63.65
N ASN B 34 12.33 -12.56 -64.10
CA ASN B 34 11.43 -11.67 -63.33
C ASN B 34 11.92 -10.21 -63.27
N ALA B 35 12.71 -9.82 -64.27
CA ALA B 35 13.24 -8.48 -64.50
C ALA B 35 12.72 -8.02 -65.87
N LEU B 36 12.25 -6.77 -65.95
CA LEU B 36 11.65 -6.19 -67.15
C LEU B 36 12.39 -4.99 -67.69
N LEU B 37 12.28 -4.81 -69.01
CA LEU B 37 12.79 -3.70 -69.80
C LEU B 37 12.06 -3.83 -71.15
N ALA B 38 10.93 -3.09 -71.30
CA ALA B 38 10.13 -3.17 -72.51
C ALA B 38 9.55 -1.86 -72.97
N ASN B 39 9.12 -1.84 -74.25
CA ASN B 39 8.44 -0.75 -74.94
C ASN B 39 9.20 0.60 -74.88
N GLY B 40 10.49 0.55 -75.22
CA GLY B 40 11.35 1.72 -75.31
C GLY B 40 12.22 2.07 -74.12
N VAL B 41 11.85 1.66 -72.88
CA VAL B 41 12.67 1.95 -71.70
C VAL B 41 14.05 1.27 -71.87
N GLU B 42 15.11 2.05 -71.58
CA GLU B 42 16.50 1.63 -71.67
C GLU B 42 17.19 1.75 -70.32
N LEU B 43 18.28 0.99 -70.16
CA LEU B 43 19.17 0.99 -69.02
C LEU B 43 20.54 1.32 -69.60
N ARG B 44 20.98 2.58 -69.46
CA ARG B 44 22.23 3.03 -70.08
C ARG B 44 23.43 3.08 -69.12
N ASP B 45 23.56 4.11 -68.29
CA ASP B 45 24.71 4.20 -67.39
C ASP B 45 24.21 4.02 -65.97
N ASN B 46 23.66 2.81 -65.72
CA ASN B 46 23.03 2.39 -64.46
C ASN B 46 21.76 3.20 -64.19
N GLN B 47 21.18 3.79 -65.25
CA GLN B 47 20.01 4.67 -65.16
C GLN B 47 18.90 4.26 -66.12
N LEU B 48 17.64 4.49 -65.74
CA LEU B 48 16.50 4.20 -66.61
C LEU B 48 16.19 5.41 -67.48
N VAL B 49 16.18 5.22 -68.81
CA VAL B 49 15.93 6.27 -69.80
C VAL B 49 14.45 6.23 -70.25
N VAL B 50 13.76 7.37 -70.07
CA VAL B 50 12.35 7.57 -70.41
C VAL B 50 12.18 7.66 -71.95
N PRO B 51 11.43 6.74 -72.59
CA PRO B 51 11.29 6.79 -74.06
C PRO B 51 10.28 7.81 -74.60
N SER B 52 9.29 8.20 -73.78
CA SER B 52 8.24 9.13 -74.17
C SER B 52 7.69 9.87 -72.96
N GLU B 53 7.10 11.05 -73.22
CA GLU B 53 6.45 11.89 -72.22
C GLU B 53 5.22 11.21 -71.65
N GLY B 54 4.92 11.52 -70.40
CA GLY B 54 3.75 11.01 -69.71
C GLY B 54 3.91 10.85 -68.21
N LEU B 55 2.92 10.20 -67.60
CA LEU B 55 2.88 9.92 -66.16
C LEU B 55 3.50 8.57 -65.94
N TYR B 56 4.41 8.50 -64.98
CA TYR B 56 5.08 7.28 -64.66
C TYR B 56 5.02 6.99 -63.18
N LEU B 57 4.74 5.74 -62.80
CA LEU B 57 4.86 5.30 -61.42
C LEU B 57 6.30 4.82 -61.32
N ILE B 58 7.07 5.42 -60.42
CA ILE B 58 8.48 5.12 -60.22
C ILE B 58 8.62 4.55 -58.80
N TYR B 59 9.40 3.50 -58.64
CA TYR B 59 9.61 2.85 -57.35
C TYR B 59 10.97 2.19 -57.24
N SER B 60 11.40 1.98 -56.00
CA SER B 60 12.66 1.30 -55.70
C SER B 60 12.72 0.82 -54.26
N GLN B 61 13.35 -0.34 -54.07
CA GLN B 61 13.62 -0.87 -52.75
C GLN B 61 15.08 -1.22 -52.64
N VAL B 62 15.66 -0.93 -51.49
CA VAL B 62 17.02 -1.35 -51.14
C VAL B 62 16.89 -2.07 -49.79
N LEU B 63 17.82 -2.97 -49.50
CA LEU B 63 17.86 -3.69 -48.24
C LEU B 63 19.25 -3.48 -47.69
N PHE B 64 19.34 -2.92 -46.48
CA PHE B 64 20.61 -2.71 -45.79
C PHE B 64 20.79 -3.77 -44.72
N LYS B 65 22.04 -4.18 -44.49
CA LYS B 65 22.41 -5.18 -43.51
C LYS B 65 23.72 -4.78 -42.85
N GLY B 66 23.82 -5.09 -41.57
CA GLY B 66 25.01 -4.87 -40.78
C GLY B 66 25.05 -5.91 -39.70
N GLN B 67 26.19 -6.02 -39.02
CA GLN B 67 26.38 -6.95 -37.92
C GLN B 67 27.05 -6.17 -36.81
N GLY B 68 26.30 -5.99 -35.73
CA GLY B 68 26.75 -5.18 -34.61
C GLY B 68 26.76 -3.71 -34.99
N CYS B 69 27.41 -2.87 -34.16
CA CYS B 69 27.48 -1.43 -34.40
C CYS B 69 28.87 -0.80 -34.17
N PRO B 70 29.37 0.05 -35.09
CA PRO B 70 30.66 0.73 -34.82
C PRO B 70 30.47 1.99 -33.97
N SER B 71 31.56 2.53 -33.36
CA SER B 71 31.53 3.78 -32.55
C SER B 71 30.88 4.95 -33.32
N THR B 72 31.13 4.97 -34.65
CA THR B 72 30.59 5.97 -35.58
C THR B 72 29.10 5.75 -35.86
N HIS B 73 28.40 6.85 -36.19
CA HIS B 73 26.99 6.77 -36.52
C HIS B 73 26.85 6.49 -38.02
N VAL B 74 25.91 5.59 -38.35
CA VAL B 74 25.72 5.13 -39.72
C VAL B 74 24.49 5.80 -40.35
N LEU B 75 24.74 6.66 -41.35
CA LEU B 75 23.70 7.38 -42.09
C LEU B 75 23.50 6.63 -43.42
N LEU B 76 22.31 6.01 -43.59
CA LEU B 76 21.96 5.20 -44.77
C LEU B 76 20.89 5.91 -45.60
N THR B 77 21.23 6.29 -46.84
CA THR B 77 20.29 6.98 -47.74
C THR B 77 19.93 6.15 -48.96
N HIS B 78 18.73 6.41 -49.50
CA HIS B 78 18.18 5.82 -50.70
C HIS B 78 17.39 6.92 -51.40
N THR B 79 17.77 7.22 -52.66
CA THR B 79 17.13 8.30 -53.41
C THR B 79 16.85 7.91 -54.86
N ILE B 80 15.70 8.34 -55.36
CA ILE B 80 15.32 8.26 -56.76
C ILE B 80 15.41 9.71 -57.24
N SER B 81 16.16 9.95 -58.32
CA SER B 81 16.33 11.29 -58.81
C SER B 81 16.10 11.37 -60.32
N ARG B 82 15.71 12.55 -60.81
CA ARG B 82 15.43 12.86 -62.20
C ARG B 82 16.56 13.68 -62.78
N ILE B 83 17.05 13.27 -63.96
CA ILE B 83 18.10 13.96 -64.70
C ILE B 83 17.46 14.35 -66.04
N ALA B 84 17.10 15.62 -66.18
CA ALA B 84 16.43 16.13 -67.37
C ALA B 84 17.35 16.27 -68.57
N VAL B 85 16.77 16.13 -69.77
CA VAL B 85 17.49 16.29 -71.05
C VAL B 85 17.75 17.77 -71.31
N SER B 86 16.76 18.62 -70.95
CA SER B 86 16.75 20.08 -71.13
C SER B 86 17.56 20.86 -70.07
N TYR B 87 17.18 20.74 -68.77
CA TYR B 87 17.87 21.47 -67.69
C TYR B 87 19.23 20.85 -67.33
N GLN B 88 19.44 19.54 -67.67
CA GLN B 88 20.67 18.75 -67.45
C GLN B 88 21.00 18.50 -65.96
N THR B 89 20.21 19.11 -65.04
CA THR B 89 20.36 19.02 -63.58
C THR B 89 19.73 17.75 -62.99
N LYS B 90 20.20 17.37 -61.78
CA LYS B 90 19.76 16.20 -61.01
C LYS B 90 18.91 16.68 -59.83
N VAL B 91 17.62 16.26 -59.79
CA VAL B 91 16.69 16.64 -58.72
C VAL B 91 16.13 15.39 -58.06
N ASN B 92 16.05 15.37 -56.73
CA ASN B 92 15.52 14.24 -56.00
C ASN B 92 14.02 14.20 -56.07
N LEU B 93 13.47 13.07 -56.55
CA LEU B 93 12.03 12.87 -56.66
C LEU B 93 11.49 12.20 -55.40
N LEU B 94 12.17 11.15 -54.95
CA LEU B 94 11.82 10.30 -53.79
C LEU B 94 13.08 10.07 -52.98
N SER B 95 13.02 10.30 -51.67
CA SER B 95 14.19 10.22 -50.80
C SER B 95 13.84 9.70 -49.40
N ALA B 96 14.71 8.85 -48.82
CA ALA B 96 14.54 8.32 -47.47
C ALA B 96 15.87 8.06 -46.78
N ILE B 97 15.88 8.14 -45.44
CA ILE B 97 17.07 7.96 -44.62
C ILE B 97 16.79 6.97 -43.49
N LYS B 98 17.82 6.25 -43.04
CA LYS B 98 17.77 5.34 -41.89
C LYS B 98 19.08 5.38 -41.14
N SER B 99 19.01 5.36 -39.81
CA SER B 99 20.20 5.36 -38.95
C SER B 99 20.10 4.19 -37.97
N PRO B 100 20.68 3.05 -38.36
CA PRO B 100 20.50 1.82 -37.59
C PRO B 100 21.16 1.68 -36.21
N CYS B 101 22.28 2.36 -35.95
CA CYS B 101 23.05 2.06 -34.74
C CYS B 101 22.90 3.04 -33.57
N GLN B 102 22.07 2.64 -32.58
CA GLN B 102 21.82 3.43 -31.36
C GLN B 102 23.06 3.49 -30.47
N ARG B 103 23.83 2.38 -30.40
CA ARG B 103 25.03 2.28 -29.58
C ARG B 103 26.02 1.28 -30.14
N GLU B 104 27.32 1.54 -29.91
CA GLU B 104 28.46 0.70 -30.31
C GLU B 104 28.31 -0.67 -29.62
N THR B 105 28.38 -1.79 -30.39
CA THR B 105 28.27 -3.15 -29.82
C THR B 105 29.32 -3.34 -28.71
N PRO B 106 28.91 -3.68 -27.46
CA PRO B 106 29.89 -3.80 -26.36
C PRO B 106 31.02 -4.77 -26.67
N GLU B 107 32.25 -4.37 -26.30
CA GLU B 107 33.54 -5.05 -26.51
C GLU B 107 33.48 -6.57 -26.81
N GLY B 108 32.79 -7.37 -25.96
CA GLY B 108 32.72 -8.83 -26.15
C GLY B 108 31.35 -9.38 -26.58
N ALA B 109 30.31 -8.52 -26.65
CA ALA B 109 28.95 -8.91 -27.07
C ALA B 109 28.95 -9.41 -28.51
N GLU B 110 28.12 -10.44 -28.79
CA GLU B 110 28.00 -11.03 -30.13
C GLU B 110 27.37 -10.03 -31.10
N ALA B 111 28.02 -9.82 -32.27
CA ALA B 111 27.51 -8.91 -33.29
C ALA B 111 26.28 -9.58 -33.90
N LYS B 112 25.09 -9.14 -33.47
CA LYS B 112 23.85 -9.69 -33.98
C LYS B 112 23.48 -8.99 -35.27
N PRO B 113 23.15 -9.74 -36.35
CA PRO B 113 22.86 -9.10 -37.63
C PRO B 113 21.58 -8.30 -37.68
N TRP B 114 21.65 -7.06 -38.18
CA TRP B 114 20.48 -6.19 -38.33
C TRP B 114 20.15 -6.00 -39.81
N TYR B 115 18.88 -5.71 -40.12
CA TYR B 115 18.37 -5.52 -41.48
C TYR B 115 17.45 -4.32 -41.53
N GLU B 116 17.67 -3.44 -42.53
CA GLU B 116 16.91 -2.24 -42.76
C GLU B 116 16.44 -2.07 -44.21
N PRO B 117 15.16 -2.38 -44.52
CA PRO B 117 14.65 -2.13 -45.88
C PRO B 117 14.14 -0.68 -46.03
N ILE B 118 14.18 -0.16 -47.26
CA ILE B 118 13.70 1.17 -47.60
C ILE B 118 12.92 1.02 -48.90
N TYR B 119 11.68 1.54 -48.94
CA TYR B 119 10.84 1.51 -50.13
C TYR B 119 10.48 2.95 -50.54
N LEU B 120 10.65 3.27 -51.83
CA LEU B 120 10.32 4.58 -52.40
C LEU B 120 9.35 4.34 -53.57
N GLY B 121 8.34 5.20 -53.72
CA GLY B 121 7.38 5.05 -54.80
C GLY B 121 6.42 6.20 -54.98
N GLY B 122 6.22 6.61 -56.24
CA GLY B 122 5.31 7.71 -56.58
C GLY B 122 5.10 7.94 -58.05
N VAL B 123 4.07 8.73 -58.38
CA VAL B 123 3.68 9.09 -59.75
C VAL B 123 4.26 10.47 -60.13
N PHE B 124 4.98 10.50 -61.27
CA PHE B 124 5.63 11.72 -61.75
C PHE B 124 5.41 11.94 -63.25
N GLN B 125 5.33 13.21 -63.65
CA GLN B 125 5.23 13.60 -65.04
C GLN B 125 6.68 13.70 -65.54
N LEU B 126 7.03 12.88 -66.52
CA LEU B 126 8.40 12.84 -67.06
C LEU B 126 8.43 13.19 -68.53
N GLU B 127 9.58 13.69 -69.00
CA GLU B 127 9.77 14.06 -70.39
C GLU B 127 10.58 12.99 -71.13
N LYS B 128 10.41 12.91 -72.46
CA LYS B 128 11.13 12.00 -73.33
C LYS B 128 12.64 12.30 -73.20
N GLY B 129 13.43 11.27 -72.91
CA GLY B 129 14.88 11.40 -72.74
C GLY B 129 15.35 11.63 -71.33
N ASP B 130 14.42 11.78 -70.36
CA ASP B 130 14.78 11.95 -68.94
C ASP B 130 15.43 10.69 -68.41
N ARG B 131 16.37 10.85 -67.48
CA ARG B 131 17.09 9.74 -66.87
C ARG B 131 16.70 9.61 -65.39
N LEU B 132 16.43 8.38 -64.96
CA LEU B 132 16.05 8.08 -63.58
C LEU B 132 17.16 7.31 -62.92
N SER B 133 17.57 7.76 -61.74
CA SER B 133 18.64 7.13 -60.98
C SER B 133 18.12 6.71 -59.61
N ALA B 134 18.43 5.48 -59.19
CA ALA B 134 18.07 4.97 -57.87
C ALA B 134 19.39 4.61 -57.20
N GLU B 135 19.82 5.45 -56.27
CA GLU B 135 21.12 5.35 -55.63
C GLU B 135 21.08 5.24 -54.12
N ILE B 136 22.18 4.69 -53.57
CA ILE B 136 22.47 4.58 -52.14
C ILE B 136 23.85 5.22 -51.89
N ASN B 137 24.16 5.54 -50.64
CA ASN B 137 25.43 6.17 -50.27
C ASN B 137 26.46 5.17 -49.71
N ARG B 138 25.99 4.04 -49.16
CA ARG B 138 26.87 3.06 -48.50
C ARG B 138 26.77 1.64 -49.07
N PRO B 139 27.51 1.32 -50.16
CA PRO B 139 27.44 -0.05 -50.71
C PRO B 139 27.95 -1.12 -49.75
N ASP B 140 28.77 -0.72 -48.75
CA ASP B 140 29.28 -1.64 -47.73
C ASP B 140 28.15 -2.17 -46.82
N TYR B 141 26.99 -1.49 -46.78
CA TYR B 141 25.84 -1.90 -45.99
C TYR B 141 24.75 -2.54 -46.85
N LEU B 142 24.87 -2.46 -48.17
CA LEU B 142 23.87 -3.00 -49.09
C LEU B 142 23.79 -4.54 -49.07
N ASP B 143 22.56 -5.08 -49.07
CA ASP B 143 22.29 -6.52 -49.06
C ASP B 143 21.48 -6.99 -50.29
N PHE B 144 22.19 -7.42 -51.33
CA PHE B 144 21.61 -7.95 -52.58
C PHE B 144 21.95 -9.44 -52.75
N ALA B 145 22.27 -10.12 -51.62
CA ALA B 145 22.67 -11.52 -51.57
C ALA B 145 21.63 -12.50 -52.09
N GLU B 146 20.34 -12.18 -51.91
CA GLU B 146 19.22 -13.01 -52.37
C GLU B 146 18.25 -12.21 -53.23
N SER B 147 17.49 -12.89 -54.08
CA SER B 147 16.50 -12.31 -55.01
C SER B 147 15.35 -11.53 -54.35
N GLY B 148 14.88 -10.48 -55.03
CA GLY B 148 13.75 -9.64 -54.61
C GLY B 148 14.01 -8.59 -53.55
N GLN B 149 15.26 -8.49 -53.08
CA GLN B 149 15.68 -7.59 -52.00
C GLN B 149 15.95 -6.16 -52.45
N VAL B 150 16.48 -5.97 -53.67
CA VAL B 150 16.78 -4.62 -54.12
C VAL B 150 16.45 -4.53 -55.61
N TYR B 151 15.55 -3.58 -55.92
CA TYR B 151 14.97 -3.39 -57.24
C TYR B 151 14.63 -1.93 -57.49
N PHE B 152 14.36 -1.60 -58.76
CA PHE B 152 14.08 -0.26 -59.25
C PHE B 152 13.21 -0.44 -60.47
N GLY B 153 12.07 0.23 -60.50
CA GLY B 153 11.16 0.10 -61.64
C GLY B 153 10.32 1.30 -61.98
N ILE B 154 9.82 1.35 -63.20
CA ILE B 154 8.95 2.39 -63.74
C ILE B 154 7.86 1.76 -64.59
N ILE B 155 6.71 2.44 -64.71
CA ILE B 155 5.61 2.02 -65.57
C ILE B 155 4.83 3.26 -65.99
N ALA B 156 4.69 3.46 -67.32
CA ALA B 156 3.91 4.56 -67.89
C ALA B 156 2.44 4.28 -67.60
N LEU B 157 1.71 5.28 -67.03
CA LEU B 157 0.30 5.21 -66.65
C LEU B 157 -0.46 6.30 -67.35
N THR C 7 -0.23 18.23 -68.42
CA THR C 7 -0.46 16.80 -68.20
C THR C 7 -1.06 16.19 -69.48
N PRO C 8 -0.43 15.15 -70.07
CA PRO C 8 -0.99 14.56 -71.31
C PRO C 8 -2.07 13.50 -71.07
N SER C 9 -2.09 12.91 -69.86
CA SER C 9 -3.03 11.86 -69.47
C SER C 9 -4.41 12.42 -69.13
N ASP C 10 -5.43 11.57 -69.33
CA ASP C 10 -6.84 11.85 -69.06
C ASP C 10 -7.23 11.38 -67.66
N LYS C 11 -6.34 10.62 -66.98
CA LYS C 11 -6.59 10.03 -65.68
C LYS C 11 -6.43 10.96 -64.48
N PRO C 12 -7.43 11.01 -63.55
CA PRO C 12 -7.28 11.80 -62.33
C PRO C 12 -5.99 11.44 -61.57
N VAL C 13 -5.18 12.46 -61.20
CA VAL C 13 -3.87 12.27 -60.53
C VAL C 13 -3.61 13.29 -59.46
N ALA C 14 -2.78 12.90 -58.51
CA ALA C 14 -2.25 13.76 -57.47
C ALA C 14 -0.95 13.19 -56.95
N HIS C 15 0.02 14.06 -56.69
CA HIS C 15 1.29 13.79 -56.03
C HIS C 15 1.60 15.07 -55.32
N VAL C 16 1.18 15.13 -54.07
CA VAL C 16 1.35 16.32 -53.24
C VAL C 16 2.48 16.08 -52.26
N VAL C 17 3.10 17.16 -51.83
CA VAL C 17 4.29 17.08 -51.00
C VAL C 17 4.17 17.98 -49.78
N ALA C 18 4.86 17.61 -48.68
CA ALA C 18 4.85 18.40 -47.45
C ALA C 18 5.45 19.78 -47.71
N ASN C 19 4.81 20.82 -47.15
CA ASN C 19 5.27 22.20 -47.25
C ASN C 19 6.53 22.29 -46.37
N PRO C 20 7.74 22.57 -46.94
CA PRO C 20 8.93 22.65 -46.08
C PRO C 20 8.92 23.85 -45.14
N GLN C 21 8.11 24.87 -45.45
CA GLN C 21 7.95 26.10 -44.69
C GLN C 21 6.87 26.04 -43.60
N ALA C 22 6.05 24.98 -43.56
CA ALA C 22 4.98 24.83 -42.56
C ALA C 22 5.57 24.55 -41.18
N GLU C 23 4.91 25.06 -40.14
CA GLU C 23 5.36 24.90 -38.76
C GLU C 23 4.42 23.97 -37.98
N GLY C 24 5.00 22.97 -37.34
CA GLY C 24 4.31 22.00 -36.49
C GLY C 24 3.09 21.33 -37.08
N GLN C 25 3.11 21.09 -38.41
CA GLN C 25 2.01 20.45 -39.13
C GLN C 25 2.50 19.80 -40.42
N LEU C 26 1.73 18.79 -40.89
CA LEU C 26 2.01 18.15 -42.16
C LEU C 26 0.97 18.76 -43.13
N GLN C 27 1.43 19.77 -43.89
CA GLN C 27 0.63 20.51 -44.86
C GLN C 27 0.97 20.11 -46.29
N TRP C 28 0.02 19.50 -46.99
CA TRP C 28 0.13 19.04 -48.36
C TRP C 28 0.09 20.18 -49.35
N LEU C 29 1.01 20.14 -50.31
CA LEU C 29 1.18 21.16 -51.33
C LEU C 29 1.33 20.56 -52.73
N ASN C 30 0.66 21.16 -53.68
CA ASN C 30 0.79 20.85 -55.06
C ASN C 30 1.57 21.92 -55.81
N ARG C 31 1.84 23.05 -55.19
CA ARG C 31 2.55 24.15 -55.84
C ARG C 31 4.04 24.09 -55.73
N ARG C 32 4.59 23.02 -56.28
CA ARG C 32 5.99 22.74 -56.30
C ARG C 32 6.36 21.98 -57.54
N ALA C 33 7.61 22.07 -57.91
CA ALA C 33 8.12 21.31 -59.02
C ALA C 33 8.06 19.79 -58.64
N ASN C 34 7.68 18.97 -59.58
CA ASN C 34 7.56 17.51 -59.42
C ASN C 34 6.41 17.12 -58.47
N ALA C 35 5.39 17.97 -58.42
CA ALA C 35 4.15 17.78 -57.67
C ALA C 35 2.99 17.87 -58.68
N LEU C 36 2.02 16.95 -58.56
CA LEU C 36 0.89 16.85 -59.48
C LEU C 36 -0.45 17.03 -58.81
N LEU C 37 -1.41 17.51 -59.61
CA LEU C 37 -2.82 17.72 -59.29
C LEU C 37 -3.49 17.95 -60.66
N ALA C 38 -4.05 16.89 -61.25
CA ALA C 38 -4.66 16.99 -62.56
C ALA C 38 -5.92 16.15 -62.73
N ASN C 39 -6.69 16.48 -63.78
CA ASN C 39 -7.88 15.81 -64.25
C ASN C 39 -8.96 15.63 -63.16
N GLY C 40 -9.27 16.73 -62.49
CA GLY C 40 -10.34 16.78 -61.48
C GLY C 40 -9.96 16.60 -60.03
N VAL C 41 -8.81 15.95 -59.71
CA VAL C 41 -8.39 15.78 -58.31
C VAL C 41 -8.12 17.17 -57.70
N GLU C 42 -8.65 17.39 -56.50
CA GLU C 42 -8.53 18.62 -55.75
C GLU C 42 -7.86 18.39 -54.40
N LEU C 43 -7.29 19.46 -53.84
CA LEU C 43 -6.67 19.52 -52.53
C LEU C 43 -7.42 20.60 -51.79
N ARG C 44 -8.38 20.21 -50.90
CA ARG C 44 -9.24 21.17 -50.24
C ARG C 44 -8.82 21.52 -48.80
N ASP C 45 -9.11 20.67 -47.81
CA ASP C 45 -8.75 21.00 -46.42
C ASP C 45 -7.66 20.03 -45.99
N ASN C 46 -6.51 20.11 -46.70
CA ASN C 46 -5.33 19.26 -46.56
C ASN C 46 -5.66 17.81 -46.99
N GLN C 47 -6.74 17.64 -47.76
CA GLN C 47 -7.24 16.33 -48.22
C GLN C 47 -7.41 16.24 -49.72
N LEU C 48 -7.21 15.05 -50.28
CA LEU C 48 -7.39 14.83 -51.73
C LEU C 48 -8.84 14.43 -51.99
N VAL C 49 -9.51 15.19 -52.88
CA VAL C 49 -10.92 14.97 -53.24
C VAL C 49 -11.01 14.16 -54.56
N VAL C 50 -11.67 12.98 -54.49
CA VAL C 50 -11.90 12.07 -55.61
C VAL C 50 -12.92 12.71 -56.61
N PRO C 51 -12.53 12.93 -57.89
CA PRO C 51 -13.47 13.56 -58.84
C PRO C 51 -14.50 12.61 -59.47
N SER C 52 -14.19 11.30 -59.53
CA SER C 52 -15.05 10.29 -60.14
C SER C 52 -14.81 8.92 -59.54
N GLU C 53 -15.83 8.05 -59.65
CA GLU C 53 -15.78 6.67 -59.18
C GLU C 53 -14.75 5.84 -59.95
N GLY C 54 -14.18 4.85 -59.27
CA GLY C 54 -13.22 3.93 -59.88
C GLY C 54 -12.18 3.38 -58.93
N LEU C 55 -11.20 2.69 -59.51
CA LEU C 55 -10.08 2.10 -58.78
C LEU C 55 -8.96 3.11 -58.73
N TYR C 56 -8.42 3.31 -57.54
CA TYR C 56 -7.33 4.25 -57.35
C TYR C 56 -6.19 3.61 -56.61
N LEU C 57 -4.95 3.85 -57.07
CA LEU C 57 -3.76 3.47 -56.34
C LEU C 57 -3.48 4.68 -55.44
N ILE C 58 -3.46 4.46 -54.14
CA ILE C 58 -3.23 5.50 -53.14
C ILE C 58 -1.92 5.16 -52.43
N TYR C 59 -1.08 6.17 -52.22
CA TYR C 59 0.19 6.00 -51.54
C TYR C 59 0.61 7.23 -50.77
N SER C 60 1.53 7.06 -49.82
CA SER C 60 2.08 8.14 -49.02
C SER C 60 3.35 7.66 -48.31
N GLN C 61 4.30 8.58 -48.14
CA GLN C 61 5.50 8.35 -47.36
C GLN C 61 5.68 9.51 -46.42
N VAL C 62 6.10 9.21 -45.19
CA VAL C 62 6.51 10.20 -44.20
C VAL C 62 7.91 9.78 -43.75
N LEU C 63 8.69 10.74 -43.27
CA LEU C 63 10.02 10.49 -42.75
C LEU C 63 10.05 11.09 -41.34
N PHE C 64 10.35 10.27 -40.33
CA PHE C 64 10.47 10.72 -38.96
C PHE C 64 11.93 10.84 -38.57
N LYS C 65 12.25 11.83 -37.71
CA LYS C 65 13.60 12.09 -37.22
C LYS C 65 13.55 12.43 -35.75
N GLY C 66 14.59 12.01 -35.02
CA GLY C 66 14.78 12.27 -33.60
C GLY C 66 16.25 12.24 -33.26
N GLN C 67 16.62 12.80 -32.11
CA GLN C 67 18.00 12.81 -31.64
C GLN C 67 17.96 12.36 -30.19
N GLY C 68 18.65 11.27 -29.90
CA GLY C 68 18.62 10.66 -28.58
C GLY C 68 17.26 10.07 -28.29
N CYS C 69 16.97 9.80 -27.02
CA CYS C 69 15.70 9.21 -26.61
C CYS C 69 15.19 9.70 -25.25
N PRO C 70 13.92 10.15 -25.15
CA PRO C 70 13.41 10.61 -23.85
C PRO C 70 12.93 9.48 -22.96
N THR C 72 10.07 8.84 -21.88
CA THR C 72 8.80 8.46 -22.49
C THR C 72 8.99 7.62 -23.75
N HIS C 73 8.04 6.72 -24.01
CA HIS C 73 8.06 5.88 -25.20
C HIS C 73 7.39 6.66 -26.34
N VAL C 74 8.03 6.70 -27.51
CA VAL C 74 7.59 7.46 -28.67
C VAL C 74 6.79 6.60 -29.67
N LEU C 75 5.47 6.80 -29.76
CA LEU C 75 4.57 6.08 -30.67
C LEU C 75 4.32 6.95 -31.92
N LEU C 76 4.83 6.51 -33.09
CA LEU C 76 4.75 7.24 -34.36
C LEU C 76 3.80 6.56 -35.34
N THR C 77 2.70 7.23 -35.71
CA THR C 77 1.73 6.67 -36.64
C THR C 77 1.67 7.44 -37.95
N HIS C 78 1.26 6.72 -39.01
CA HIS C 78 1.06 7.23 -40.36
C HIS C 78 -0.14 6.47 -40.92
N THR C 79 -1.18 7.22 -41.29
CA THR C 79 -2.40 6.61 -41.80
C THR C 79 -2.98 7.31 -43.03
N ILE C 80 -3.58 6.52 -43.92
CA ILE C 80 -4.35 7.01 -45.05
C ILE C 80 -5.80 6.61 -44.72
N SER C 81 -6.69 7.58 -44.69
CA SER C 81 -8.07 7.28 -44.39
C SER C 81 -9.00 7.83 -45.46
N ARG C 82 -10.16 7.17 -45.57
CA ARG C 82 -11.23 7.51 -46.50
C ARG C 82 -12.35 8.19 -45.75
N ILE C 83 -12.81 9.32 -46.25
CA ILE C 83 -13.93 10.08 -45.70
C ILE C 83 -14.99 10.10 -46.80
N ALA C 84 -16.02 9.28 -46.64
CA ALA C 84 -17.09 9.13 -47.62
C ALA C 84 -18.05 10.32 -47.65
N VAL C 85 -18.62 10.58 -48.84
CA VAL C 85 -19.62 11.64 -49.04
C VAL C 85 -20.97 11.21 -48.45
N SER C 86 -21.29 9.91 -48.59
CA SER C 86 -22.52 9.25 -48.14
C SER C 86 -22.54 8.90 -46.64
N TYR C 87 -21.60 8.04 -46.17
CA TYR C 87 -21.56 7.63 -44.76
C TYR C 87 -21.02 8.73 -43.83
N GLN C 88 -20.25 9.70 -44.38
CA GLN C 88 -19.64 10.87 -43.70
C GLN C 88 -18.54 10.48 -42.68
N THR C 89 -18.35 9.17 -42.42
CA THR C 89 -17.39 8.60 -41.47
C THR C 89 -15.97 8.49 -42.06
N LYS C 90 -14.97 8.41 -41.16
CA LYS C 90 -13.55 8.29 -41.45
C LYS C 90 -13.10 6.85 -41.18
N VAL C 91 -12.63 6.14 -42.22
CA VAL C 91 -12.15 4.75 -42.09
C VAL C 91 -10.70 4.66 -42.54
N ASN C 92 -9.86 3.95 -41.79
CA ASN C 92 -8.44 3.77 -42.15
C ASN C 92 -8.32 2.76 -43.27
N LEU C 93 -7.69 3.16 -44.37
CA LEU C 93 -7.46 2.29 -45.52
C LEU C 93 -6.08 1.62 -45.40
N LEU C 94 -5.06 2.41 -45.04
CA LEU C 94 -3.65 2.04 -44.94
C LEU C 94 -3.10 2.63 -43.64
N SER C 95 -2.45 1.80 -42.80
CA SER C 95 -1.97 2.27 -41.49
C SER C 95 -0.68 1.58 -41.07
N ALA C 96 0.25 2.34 -40.46
CA ALA C 96 1.53 1.80 -39.96
C ALA C 96 2.01 2.54 -38.71
N ILE C 97 2.76 1.84 -37.86
CA ILE C 97 3.26 2.35 -36.60
C ILE C 97 4.76 2.09 -36.49
N LYS C 98 5.47 2.97 -35.76
CA LYS C 98 6.87 2.82 -35.42
C LYS C 98 7.09 3.34 -34.01
N SER C 99 7.79 2.58 -33.14
CA SER C 99 8.04 3.01 -31.76
C SER C 99 9.56 2.97 -31.59
N PRO C 100 10.26 4.05 -31.99
CA PRO C 100 11.72 4.01 -32.09
C PRO C 100 12.61 4.05 -30.85
N CYS C 101 12.12 4.39 -29.65
CA CYS C 101 13.07 4.48 -28.54
C CYS C 101 13.17 3.21 -27.68
N GLN C 102 14.23 2.42 -27.97
CA GLN C 102 14.59 1.16 -27.33
C GLN C 102 14.94 1.35 -25.84
N ARG C 103 15.61 2.46 -25.51
CA ARG C 103 16.03 2.83 -24.16
C ARG C 103 16.24 4.33 -24.08
N GLU C 104 15.91 4.94 -22.93
CA GLU C 104 16.10 6.38 -22.67
C GLU C 104 17.60 6.67 -22.69
N THR C 105 18.05 7.67 -23.51
CA THR C 105 19.48 7.97 -23.66
C THR C 105 20.10 8.26 -22.26
N PRO C 106 21.13 7.46 -21.85
CA PRO C 106 21.73 7.65 -20.51
C PRO C 106 22.23 9.08 -20.30
N GLU C 107 22.01 9.62 -19.08
CA GLU C 107 22.33 10.97 -18.61
C GLU C 107 23.47 11.71 -19.36
N GLY C 108 24.64 11.06 -19.55
CA GLY C 108 25.80 11.69 -20.20
C GLY C 108 26.13 11.18 -21.63
N ALA C 109 25.42 10.13 -22.11
CA ALA C 109 25.63 9.56 -23.44
C ALA C 109 25.25 10.55 -24.55
N GLU C 110 26.01 10.53 -25.65
CA GLU C 110 25.79 11.42 -26.80
C GLU C 110 24.53 11.06 -27.59
N ALA C 111 23.69 12.08 -27.86
CA ALA C 111 22.45 11.95 -28.62
C ALA C 111 22.78 11.76 -30.10
N LYS C 112 22.54 10.55 -30.59
CA LYS C 112 22.78 10.20 -31.98
C LYS C 112 21.49 10.37 -32.80
N PRO C 113 21.51 11.09 -33.95
CA PRO C 113 20.26 11.29 -34.71
C PRO C 113 19.74 10.03 -35.40
N TRP C 114 18.48 9.67 -35.14
CA TRP C 114 17.83 8.52 -35.73
C TRP C 114 16.82 8.98 -36.81
N TYR C 115 16.49 8.07 -37.74
CA TYR C 115 15.60 8.33 -38.88
C TYR C 115 14.70 7.12 -39.09
N GLU C 116 13.39 7.38 -39.31
CA GLU C 116 12.38 6.35 -39.52
C GLU C 116 11.41 6.65 -40.66
N PRO C 117 11.61 6.06 -41.86
CA PRO C 117 10.63 6.26 -42.95
C PRO C 117 9.46 5.27 -42.85
N ILE C 118 8.31 5.64 -43.39
CA ILE C 118 7.10 4.81 -43.43
C ILE C 118 6.50 4.99 -44.82
N TYR C 119 6.20 3.88 -45.50
CA TYR C 119 5.58 3.91 -46.82
C TYR C 119 4.26 3.14 -46.77
N LEU C 120 3.19 3.74 -47.30
CA LEU C 120 1.86 3.16 -47.35
C LEU C 120 1.40 3.18 -48.80
N GLY C 121 0.68 2.16 -49.24
CA GLY C 121 0.20 2.13 -50.61
C GLY C 121 -0.69 0.96 -50.91
N GLY C 122 -1.71 1.20 -51.74
CA GLY C 122 -2.65 0.16 -52.15
C GLY C 122 -3.73 0.63 -53.12
N VAL C 123 -4.43 -0.34 -53.73
CA VAL C 123 -5.51 -0.11 -54.69
C VAL C 123 -6.87 -0.22 -53.99
N PHE C 124 -7.70 0.82 -54.14
CA PHE C 124 -9.02 0.92 -53.52
C PHE C 124 -10.09 1.41 -54.48
N GLN C 125 -11.32 0.92 -54.29
CA GLN C 125 -12.48 1.34 -55.04
C GLN C 125 -13.02 2.57 -54.28
N LEU C 126 -13.02 3.72 -54.94
CA LEU C 126 -13.47 4.98 -54.33
C LEU C 126 -14.66 5.56 -55.06
N GLU C 127 -15.47 6.33 -54.33
CA GLU C 127 -16.65 6.99 -54.91
C GLU C 127 -16.37 8.46 -55.19
N LYS C 128 -17.11 9.05 -56.13
CA LYS C 128 -17.03 10.46 -56.51
C LYS C 128 -17.35 11.30 -55.26
N GLY C 129 -16.45 12.22 -54.93
CA GLY C 129 -16.61 13.11 -53.77
C GLY C 129 -15.95 12.62 -52.50
N ASP C 130 -15.37 11.41 -52.51
CA ASP C 130 -14.66 10.86 -51.35
C ASP C 130 -13.42 11.70 -51.06
N ARG C 131 -13.07 11.83 -49.78
CA ARG C 131 -11.91 12.57 -49.34
C ARG C 131 -10.85 11.62 -48.78
N LEU C 132 -9.60 11.83 -49.19
CA LEU C 132 -8.46 11.03 -48.74
C LEU C 132 -7.57 11.88 -47.86
N SER C 133 -7.22 11.35 -46.70
CA SER C 133 -6.38 12.03 -45.73
C SER C 133 -5.14 11.18 -45.46
N ALA C 134 -3.95 11.81 -45.45
CA ALA C 134 -2.69 11.14 -45.11
C ALA C 134 -2.15 11.94 -43.93
N GLU C 135 -2.25 11.36 -42.75
CA GLU C 135 -1.91 12.00 -41.50
C GLU C 135 -0.89 11.28 -40.65
N ILE C 136 -0.24 12.06 -39.77
CA ILE C 136 0.69 11.62 -38.73
C ILE C 136 0.17 12.15 -37.38
N ASN C 137 0.65 11.58 -36.27
CA ASN C 137 0.24 11.98 -34.92
C ASN C 137 1.24 12.91 -34.24
N ARG C 138 2.53 12.86 -34.65
CA ARG C 138 3.60 13.63 -34.01
C ARG C 138 4.37 14.56 -34.95
N PRO C 139 3.86 15.79 -35.23
CA PRO C 139 4.59 16.70 -36.13
C PRO C 139 5.95 17.14 -35.61
N ASP C 140 6.19 17.00 -34.30
CA ASP C 140 7.48 17.30 -33.67
C ASP C 140 8.57 16.32 -34.10
N TYR C 141 8.20 15.13 -34.60
CA TYR C 141 9.12 14.11 -35.09
C TYR C 141 9.21 14.07 -36.62
N LEU C 142 8.32 14.80 -37.32
CA LEU C 142 8.29 14.82 -38.77
C LEU C 142 9.51 15.51 -39.41
N ASP C 143 10.07 14.92 -40.47
CA ASP C 143 11.23 15.43 -41.20
C ASP C 143 10.92 15.70 -42.70
N PHE C 144 10.53 16.96 -43.00
CA PHE C 144 10.23 17.41 -44.36
C PHE C 144 11.25 18.47 -44.81
N ALA C 145 12.44 18.47 -44.17
CA ALA C 145 13.52 19.44 -44.40
C ALA C 145 14.06 19.44 -45.82
N GLU C 146 14.08 18.27 -46.48
CA GLU C 146 14.57 18.13 -47.86
C GLU C 146 13.52 17.48 -48.75
N SER C 147 13.62 17.70 -50.08
CA SER C 147 12.69 17.19 -51.11
C SER C 147 12.63 15.66 -51.21
N GLY C 148 11.45 15.14 -51.55
CA GLY C 148 11.16 13.73 -51.76
C GLY C 148 10.98 12.87 -50.52
N GLN C 149 11.06 13.48 -49.33
CA GLN C 149 10.96 12.77 -48.04
C GLN C 149 9.54 12.48 -47.57
N VAL C 150 8.59 13.38 -47.87
CA VAL C 150 7.21 13.16 -47.41
C VAL C 150 6.25 13.63 -48.51
N TYR C 151 5.43 12.68 -48.95
CA TYR C 151 4.52 12.84 -50.08
C TYR C 151 3.27 11.99 -49.92
N PHE C 152 2.26 12.27 -50.75
CA PHE C 152 0.95 11.65 -50.72
C PHE C 152 0.43 11.74 -52.14
N GLY C 153 -0.03 10.63 -52.69
CA GLY C 153 -0.54 10.65 -54.04
C GLY C 153 -1.61 9.62 -54.36
N ILE C 154 -2.33 9.84 -55.46
CA ILE C 154 -3.38 8.95 -55.98
C ILE C 154 -3.30 8.93 -57.50
N ILE C 155 -3.78 7.84 -58.11
CA ILE C 155 -3.87 7.71 -59.57
C ILE C 155 -5.02 6.75 -59.88
N ALA C 156 -5.96 7.21 -60.74
CA ALA C 156 -7.09 6.39 -61.19
C ALA C 156 -6.55 5.33 -62.12
N LEU C 157 -6.94 4.07 -61.91
CA LEU C 157 -6.50 2.92 -62.71
C LEU C 157 -7.70 2.19 -63.27
N GLN D 3 51.88 -4.12 -42.04
CA GLN D 3 50.48 -3.87 -41.69
C GLN D 3 49.63 -5.12 -41.48
N LEU D 4 49.73 -6.14 -42.35
CA LEU D 4 48.91 -7.37 -42.21
C LEU D 4 49.73 -8.63 -41.85
N GLN D 5 49.21 -9.42 -40.89
CA GLN D 5 49.86 -10.64 -40.45
C GLN D 5 48.87 -11.79 -40.26
N GLU D 6 49.04 -12.86 -41.06
CA GLU D 6 48.20 -14.05 -40.99
C GLU D 6 48.76 -15.03 -39.97
N SER D 7 47.86 -15.68 -39.23
CA SER D 7 48.17 -16.71 -38.24
C SER D 7 47.23 -17.89 -38.43
N GLY D 8 47.53 -18.99 -37.76
CA GLY D 8 46.79 -20.23 -37.91
C GLY D 8 47.43 -20.96 -39.07
N GLY D 9 46.72 -21.91 -39.66
CA GLY D 9 47.30 -22.64 -40.77
C GLY D 9 48.16 -23.82 -40.36
N GLY D 10 48.70 -24.48 -41.35
CA GLY D 10 49.48 -25.70 -41.14
C GLY D 10 48.71 -26.87 -41.69
N LEU D 11 48.90 -28.05 -41.09
CA LEU D 11 48.31 -29.31 -41.52
C LEU D 11 46.95 -29.59 -40.93
N VAL D 12 46.07 -30.22 -41.75
CA VAL D 12 44.72 -30.66 -41.37
C VAL D 12 44.31 -31.89 -42.20
N GLN D 13 43.58 -32.82 -41.60
CA GLN D 13 43.09 -34.03 -42.26
C GLN D 13 41.92 -33.65 -43.20
N PRO D 14 41.77 -34.27 -44.41
CA PRO D 14 40.61 -33.96 -45.26
C PRO D 14 39.29 -34.19 -44.53
N GLY D 15 38.38 -33.23 -44.66
CA GLY D 15 37.10 -33.17 -43.98
C GLY D 15 37.18 -32.39 -42.69
N GLY D 16 38.41 -31.98 -42.32
CA GLY D 16 38.72 -31.24 -41.10
C GLY D 16 38.44 -29.76 -41.18
N SER D 17 38.63 -29.08 -40.05
CA SER D 17 38.45 -27.63 -39.97
C SER D 17 39.72 -26.90 -39.56
N LEU D 18 39.85 -25.64 -39.99
CA LEU D 18 40.99 -24.78 -39.69
C LEU D 18 40.55 -23.32 -39.61
N ARG D 19 41.05 -22.57 -38.61
CA ARG D 19 40.76 -21.13 -38.46
C ARG D 19 42.01 -20.28 -38.73
N LEU D 20 41.91 -19.39 -39.73
CA LEU D 20 42.97 -18.45 -40.07
C LEU D 20 42.60 -17.08 -39.49
N SER D 21 43.60 -16.31 -39.09
CA SER D 21 43.39 -14.99 -38.53
C SER D 21 44.27 -13.98 -39.22
N CYS D 22 43.74 -12.79 -39.43
CA CYS D 22 44.48 -11.71 -40.02
C CYS D 22 44.42 -10.49 -39.11
N ALA D 23 45.52 -10.18 -38.43
CA ALA D 23 45.61 -9.03 -37.54
C ALA D 23 46.25 -7.84 -38.24
N ALA D 24 45.77 -6.64 -37.92
CA ALA D 24 46.31 -5.41 -38.47
C ALA D 24 47.27 -4.82 -37.46
N SER D 25 48.54 -4.71 -37.86
CA SER D 25 49.64 -4.18 -37.06
C SER D 25 49.82 -2.71 -37.41
N GLY D 26 50.31 -1.94 -36.44
CA GLY D 26 50.51 -0.50 -36.59
C GLY D 26 49.20 0.25 -36.64
N ARG D 27 48.61 0.33 -37.85
CA ARG D 27 47.32 0.97 -38.10
C ARG D 27 46.22 -0.09 -38.05
N THR D 28 45.43 -0.05 -36.98
CA THR D 28 44.35 -0.99 -36.76
C THR D 28 43.18 -0.76 -37.73
N PHE D 29 42.37 -1.80 -37.97
CA PHE D 29 41.20 -1.76 -38.87
C PHE D 29 40.10 -0.77 -38.41
N SER D 30 40.09 -0.41 -37.11
CA SER D 30 39.14 0.50 -36.50
C SER D 30 39.30 1.94 -37.03
N ASP D 31 40.53 2.34 -37.41
CA ASP D 31 40.76 3.69 -37.95
C ASP D 31 41.12 3.66 -39.43
N HIS D 32 40.22 4.25 -40.23
CA HIS D 32 40.24 4.35 -41.69
C HIS D 32 39.89 5.80 -42.10
N SER D 33 40.43 6.27 -43.24
CA SER D 33 40.12 7.60 -43.77
C SER D 33 38.80 7.54 -44.53
N GLY D 34 38.53 6.38 -45.14
CA GLY D 34 37.36 6.12 -45.94
C GLY D 34 36.11 5.77 -45.16
N TYR D 35 35.19 5.03 -45.80
CA TYR D 35 33.94 4.61 -45.17
C TYR D 35 34.23 3.44 -44.26
N THR D 36 35.19 2.58 -44.68
CA THR D 36 35.63 1.36 -44.01
C THR D 36 36.87 0.75 -44.67
N TYR D 37 37.45 -0.23 -43.98
CA TYR D 37 38.49 -1.10 -44.51
C TYR D 37 37.73 -2.29 -45.09
N THR D 38 38.17 -2.76 -46.25
CA THR D 38 37.63 -3.96 -46.88
C THR D 38 38.76 -4.97 -46.79
N ILE D 39 38.48 -6.11 -46.16
CA ILE D 39 39.48 -7.16 -45.95
C ILE D 39 39.09 -8.37 -46.76
N GLY D 40 40.04 -8.87 -47.53
CA GLY D 40 39.87 -10.04 -48.37
C GLY D 40 40.86 -11.13 -48.05
N TRP D 41 40.41 -12.38 -48.22
CA TRP D 41 41.22 -13.58 -48.08
C TRP D 41 41.37 -14.14 -49.48
N PHE D 42 42.60 -14.48 -49.83
CA PHE D 42 42.99 -15.03 -51.12
C PHE D 42 43.81 -16.29 -50.89
N ARG D 43 44.00 -17.08 -51.95
CA ARG D 43 44.82 -18.28 -51.89
C ARG D 43 45.55 -18.49 -53.21
N GLN D 44 46.78 -18.98 -53.12
CA GLN D 44 47.59 -19.28 -54.30
C GLN D 44 48.15 -20.68 -54.20
N ALA D 45 47.65 -21.60 -55.05
CA ALA D 45 48.15 -22.98 -55.13
C ALA D 45 49.37 -22.94 -56.05
N PRO D 46 50.42 -23.78 -55.82
CA PRO D 46 51.63 -23.69 -56.65
C PRO D 46 51.37 -23.76 -58.15
N GLY D 47 51.98 -22.82 -58.86
CA GLY D 47 51.88 -22.65 -60.31
C GLY D 47 50.49 -22.38 -60.82
N LYS D 48 49.65 -21.76 -59.97
CA LYS D 48 48.27 -21.36 -60.28
C LYS D 48 48.12 -19.91 -59.87
N GLU D 49 47.23 -19.16 -60.55
CA GLU D 49 47.01 -17.75 -60.23
C GLU D 49 46.31 -17.56 -58.88
N ARG D 50 46.66 -16.47 -58.18
CA ARG D 50 46.10 -16.06 -56.90
C ARG D 50 44.59 -15.91 -57.07
N GLU D 51 43.80 -16.58 -56.22
CA GLU D 51 42.36 -16.53 -56.35
C GLU D 51 41.65 -16.05 -55.10
N PHE D 52 40.56 -15.31 -55.31
CA PHE D 52 39.70 -14.76 -54.27
C PHE D 52 39.03 -15.90 -53.48
N VAL D 53 38.95 -15.73 -52.15
CA VAL D 53 38.32 -16.72 -51.29
C VAL D 53 37.08 -16.09 -50.65
N ALA D 54 37.27 -15.01 -49.86
CA ALA D 54 36.19 -14.32 -49.14
C ALA D 54 36.53 -12.85 -48.87
N ARG D 55 35.50 -12.05 -48.71
CA ARG D 55 35.64 -10.63 -48.41
C ARG D 55 34.71 -10.28 -47.26
N ILE D 56 35.13 -9.33 -46.41
CA ILE D 56 34.34 -8.75 -45.33
C ILE D 56 34.63 -7.24 -45.28
N TYR D 57 33.58 -6.43 -45.01
CA TYR D 57 33.73 -4.99 -44.78
C TYR D 57 33.87 -4.87 -43.29
N TRP D 58 34.87 -4.13 -42.83
CA TRP D 58 35.08 -3.91 -41.40
C TRP D 58 33.87 -3.21 -40.71
N SER D 59 33.23 -2.28 -41.40
CA SER D 59 32.09 -1.51 -40.91
C SER D 59 30.86 -2.38 -40.63
N SER D 60 30.34 -2.99 -41.69
CA SER D 60 29.12 -3.77 -41.69
C SER D 60 29.25 -5.24 -41.33
N GLY D 61 30.36 -5.86 -41.68
CA GLY D 61 30.57 -7.29 -41.49
C GLY D 61 29.92 -8.10 -42.60
N ASN D 62 29.53 -7.40 -43.71
CA ASN D 62 28.90 -8.00 -44.89
C ASN D 62 29.93 -8.73 -45.73
N THR D 63 29.57 -9.93 -46.18
CA THR D 63 30.49 -10.87 -46.80
C THR D 63 30.16 -11.28 -48.24
N TYR D 64 31.19 -11.80 -48.92
CA TYR D 64 31.13 -12.39 -50.24
C TYR D 64 32.11 -13.57 -50.28
N TYR D 65 31.66 -14.70 -50.82
CA TYR D 65 32.44 -15.92 -50.90
C TYR D 65 32.54 -16.40 -52.34
N ALA D 66 33.66 -17.05 -52.66
CA ALA D 66 33.88 -17.71 -53.95
C ALA D 66 32.91 -18.91 -53.95
N ASP D 67 32.35 -19.26 -55.12
CA ASP D 67 31.36 -20.34 -55.24
C ASP D 67 31.76 -21.65 -54.56
N SER D 68 33.03 -22.06 -54.71
CA SER D 68 33.54 -23.32 -54.12
C SER D 68 33.74 -23.29 -52.59
N VAL D 69 33.62 -22.11 -51.93
CA VAL D 69 33.80 -21.98 -50.49
C VAL D 69 32.52 -21.58 -49.76
N LYS D 70 31.53 -21.05 -50.51
CA LYS D 70 30.23 -20.60 -49.99
C LYS D 70 29.51 -21.81 -49.32
N GLY D 71 29.14 -21.62 -48.04
CA GLY D 71 28.48 -22.62 -47.22
C GLY D 71 29.39 -23.45 -46.32
N ARG D 72 30.71 -23.46 -46.59
CA ARG D 72 31.71 -24.24 -45.84
C ARG D 72 32.75 -23.37 -45.14
N PHE D 73 32.95 -22.14 -45.64
CA PHE D 73 33.88 -21.18 -45.09
C PHE D 73 33.09 -19.99 -44.55
N ALA D 74 33.60 -19.41 -43.46
CA ALA D 74 32.97 -18.24 -42.86
C ALA D 74 34.02 -17.18 -42.55
N ILE D 75 33.88 -15.99 -43.16
CA ILE D 75 34.77 -14.86 -42.88
C ILE D 75 34.09 -14.01 -41.77
N SER D 76 34.81 -13.70 -40.69
CA SER D 76 34.28 -12.94 -39.57
C SER D 76 35.24 -11.86 -39.13
N ARG D 77 34.69 -10.82 -38.51
CA ARG D 77 35.44 -9.67 -38.03
C ARG D 77 35.30 -9.59 -36.51
N ASP D 78 36.44 -9.76 -35.81
CA ASP D 78 36.59 -9.73 -34.36
C ASP D 78 37.01 -8.31 -33.99
N ILE D 79 36.03 -7.40 -33.91
CA ILE D 79 36.20 -5.98 -33.59
C ILE D 79 37.14 -5.79 -32.38
N ALA D 80 36.88 -6.53 -31.28
CA ALA D 80 37.64 -6.52 -30.03
C ALA D 80 39.11 -6.86 -30.21
N LYS D 81 39.45 -7.94 -30.94
CA LYS D 81 40.83 -8.34 -31.16
C LYS D 81 41.45 -7.74 -32.43
N ASN D 82 40.69 -6.88 -33.16
CA ASN D 82 41.08 -6.20 -34.41
C ASN D 82 41.63 -7.19 -35.47
N THR D 83 40.92 -8.33 -35.58
CA THR D 83 41.29 -9.43 -36.45
C THR D 83 40.16 -9.80 -37.38
N VAL D 84 40.52 -10.27 -38.58
CA VAL D 84 39.61 -10.81 -39.58
C VAL D 84 39.88 -12.32 -39.63
N ASP D 85 38.90 -13.13 -39.23
CA ASP D 85 39.05 -14.58 -39.21
C ASP D 85 38.40 -15.27 -40.41
N LEU D 86 38.98 -16.38 -40.82
CA LEU D 86 38.44 -17.22 -41.88
C LEU D 86 38.35 -18.66 -41.34
N THR D 87 37.13 -19.08 -40.95
CA THR D 87 36.85 -20.43 -40.48
C THR D 87 36.58 -21.28 -41.70
N MET D 88 37.47 -22.24 -41.98
CA MET D 88 37.37 -23.13 -43.14
C MET D 88 36.96 -24.53 -42.68
N ASN D 89 35.82 -25.02 -43.19
CA ASN D 89 35.33 -26.37 -42.86
C ASN D 89 35.30 -27.20 -44.13
N ASN D 90 35.11 -28.55 -43.97
CA ASN D 90 34.96 -29.50 -45.09
C ASN D 90 36.10 -29.37 -46.09
N LEU D 91 37.33 -29.31 -45.55
CA LEU D 91 38.57 -29.17 -46.30
C LEU D 91 38.83 -30.43 -47.13
N GLU D 92 39.49 -30.22 -48.25
CA GLU D 92 39.77 -31.22 -49.25
C GLU D 92 41.23 -30.97 -49.74
N PRO D 93 41.99 -32.01 -50.17
CA PRO D 93 43.38 -31.79 -50.63
C PRO D 93 43.65 -30.61 -51.56
N GLU D 94 42.74 -30.30 -52.52
CA GLU D 94 42.98 -29.19 -53.44
C GLU D 94 42.76 -27.80 -52.80
N ASP D 95 42.41 -27.75 -51.49
CA ASP D 95 42.34 -26.51 -50.72
C ASP D 95 43.76 -26.14 -50.20
N THR D 96 44.76 -27.00 -50.43
CA THR D 96 46.16 -26.78 -50.04
C THR D 96 46.71 -25.63 -50.86
N ALA D 97 47.16 -24.58 -50.19
CA ALA D 97 47.67 -23.35 -50.81
C ALA D 97 48.23 -22.42 -49.78
N VAL D 98 48.90 -21.37 -50.23
CA VAL D 98 49.30 -20.33 -49.31
C VAL D 98 48.12 -19.35 -49.32
N TYR D 99 47.59 -19.07 -48.12
CA TYR D 99 46.46 -18.18 -47.90
C TYR D 99 46.96 -16.81 -47.48
N TYR D 100 46.45 -15.78 -48.17
CA TYR D 100 46.85 -14.39 -47.99
C TYR D 100 45.72 -13.51 -47.54
N CYS D 101 46.05 -12.57 -46.67
CA CYS D 101 45.12 -11.56 -46.21
C CYS D 101 45.48 -10.26 -46.95
N ALA D 102 44.47 -9.56 -47.45
CA ALA D 102 44.61 -8.30 -48.17
C ALA D 102 43.61 -7.28 -47.67
N ALA D 103 44.01 -6.02 -47.65
CA ALA D 103 43.15 -4.93 -47.19
C ALA D 103 43.20 -3.72 -48.09
N ARG D 104 42.13 -2.91 -48.02
CA ARG D 104 41.98 -1.67 -48.76
C ARG D 104 41.20 -0.70 -47.90
N ASP D 105 41.72 0.54 -47.72
CA ASP D 105 41.03 1.59 -46.97
C ASP D 105 40.04 2.25 -47.94
N GLY D 106 38.89 1.61 -48.09
CA GLY D 106 37.83 2.02 -49.01
C GLY D 106 37.04 0.83 -49.50
N ILE D 107 36.13 1.05 -50.46
CA ILE D 107 35.28 0.00 -51.01
C ILE D 107 35.65 -0.36 -52.47
N PRO D 108 36.33 -1.50 -52.69
CA PRO D 108 36.65 -1.92 -54.07
C PRO D 108 35.40 -2.24 -54.89
N THR D 109 35.48 -2.00 -56.21
CA THR D 109 34.40 -2.28 -57.16
C THR D 109 34.69 -3.58 -57.94
N SER D 110 35.62 -4.38 -57.39
CA SER D 110 36.07 -5.64 -57.96
C SER D 110 36.66 -6.54 -56.86
N ARG D 111 36.61 -7.87 -57.10
CA ARG D 111 37.19 -8.90 -56.22
C ARG D 111 38.52 -9.38 -56.80
N SER D 112 39.04 -8.61 -57.77
CA SER D 112 40.31 -8.84 -58.44
C SER D 112 41.46 -8.64 -57.43
N VAL D 113 42.55 -9.39 -57.64
CA VAL D 113 43.76 -9.32 -56.82
C VAL D 113 44.35 -7.89 -56.96
N GLU D 114 44.21 -7.28 -58.15
CA GLU D 114 44.64 -5.91 -58.50
C GLU D 114 43.96 -4.81 -57.65
N SER D 115 42.73 -5.09 -57.14
CA SER D 115 41.95 -4.17 -56.32
C SER D 115 42.53 -3.92 -54.92
N TYR D 116 43.43 -4.80 -54.45
CA TYR D 116 44.04 -4.67 -53.13
C TYR D 116 45.52 -4.35 -53.27
N ASN D 117 46.02 -3.41 -52.47
CA ASN D 117 47.42 -2.99 -52.50
C ASN D 117 48.25 -3.59 -51.37
N TYR D 118 47.63 -3.71 -50.18
CA TYR D 118 48.30 -4.18 -48.97
C TYR D 118 48.03 -5.63 -48.70
N TRP D 119 49.10 -6.39 -48.54
CA TRP D 119 49.08 -7.81 -48.36
C TRP D 119 49.90 -8.30 -47.18
N GLY D 120 49.45 -9.42 -46.60
CA GLY D 120 50.18 -10.11 -45.55
C GLY D 120 51.19 -11.01 -46.24
N GLN D 121 52.14 -11.57 -45.47
CA GLN D 121 53.17 -12.45 -46.05
C GLN D 121 52.63 -13.81 -46.52
N GLY D 122 51.47 -14.20 -46.00
CA GLY D 122 50.84 -15.46 -46.36
C GLY D 122 51.08 -16.56 -45.36
N THR D 123 50.18 -17.54 -45.33
CA THR D 123 50.26 -18.71 -44.45
C THR D 123 49.94 -19.98 -45.25
N GLN D 124 50.77 -21.01 -45.10
CA GLN D 124 50.55 -22.27 -45.78
C GLN D 124 49.45 -23.09 -45.07
N VAL D 125 48.53 -23.64 -45.86
CA VAL D 125 47.44 -24.53 -45.41
C VAL D 125 47.64 -25.80 -46.23
N THR D 126 47.79 -26.94 -45.54
CA THR D 126 47.98 -28.25 -46.17
C THR D 126 46.91 -29.21 -45.69
N VAL D 127 46.11 -29.68 -46.64
CA VAL D 127 45.04 -30.64 -46.34
C VAL D 127 45.51 -32.00 -46.84
N SER D 128 45.90 -32.91 -45.92
CA SER D 128 46.37 -34.27 -46.23
C SER D 128 46.22 -35.25 -45.07
N SER D 129 46.21 -36.56 -45.42
CA SER D 129 46.09 -37.72 -44.52
C SER D 129 47.24 -37.78 -43.52
N GLN E 3 10.64 31.54 -15.46
CA GLN E 3 10.81 30.22 -16.07
C GLN E 3 12.02 30.09 -16.99
N LEU E 4 12.32 31.10 -17.82
CA LEU E 4 13.47 31.04 -18.76
C LEU E 4 14.56 32.04 -18.43
N GLN E 5 15.83 31.60 -18.55
CA GLN E 5 17.00 32.46 -18.30
C GLN E 5 18.12 32.24 -19.31
N GLU E 6 18.46 33.30 -20.07
CA GLU E 6 19.50 33.29 -21.06
C GLU E 6 20.85 33.65 -20.44
N SER E 7 21.91 32.97 -20.88
CA SER E 7 23.29 33.20 -20.47
C SER E 7 24.19 33.22 -21.71
N GLY E 8 25.44 33.64 -21.53
CA GLY E 8 26.40 33.83 -22.61
C GLY E 8 26.18 35.22 -23.17
N GLY E 9 26.63 35.48 -24.38
CA GLY E 9 26.41 36.80 -24.97
C GLY E 9 27.46 37.84 -24.62
N GLY E 10 27.28 39.03 -25.20
CA GLY E 10 28.18 40.14 -25.05
C GLY E 10 28.90 40.49 -26.35
N LEU E 11 30.13 40.97 -26.23
CA LEU E 11 30.94 41.40 -27.35
C LEU E 11 31.69 40.29 -28.05
N VAL E 12 31.73 40.39 -29.40
CA VAL E 12 32.41 39.45 -30.30
C VAL E 12 32.85 40.19 -31.58
N GLN E 13 34.02 39.82 -32.10
CA GLN E 13 34.59 40.42 -33.32
C GLN E 13 33.80 39.89 -34.55
N PRO E 14 33.55 40.72 -35.60
CA PRO E 14 32.86 40.19 -36.80
C PRO E 14 33.61 39.01 -37.42
N GLY E 15 32.85 37.99 -37.82
CA GLY E 15 33.38 36.73 -38.33
C GLY E 15 33.59 35.73 -37.21
N GLY E 16 33.35 36.17 -35.97
CA GLY E 16 33.50 35.39 -34.75
C GLY E 16 32.33 34.50 -34.35
N SER E 17 32.53 33.73 -33.27
CA SER E 17 31.55 32.81 -32.73
C SER E 17 31.17 33.14 -31.28
N LEU E 18 29.94 32.74 -30.88
CA LEU E 18 29.40 32.94 -29.54
C LEU E 18 28.36 31.86 -29.23
N ARG E 19 28.33 31.35 -27.98
CA ARG E 19 27.35 30.35 -27.54
C ARG E 19 26.41 30.92 -26.48
N LEU E 20 25.10 30.90 -26.79
CA LEU E 20 24.02 31.33 -25.90
C LEU E 20 23.36 30.11 -25.28
N SER E 21 22.92 30.22 -24.04
CA SER E 21 22.23 29.13 -23.34
C SER E 21 20.93 29.59 -22.74
N CYS E 22 19.92 28.72 -22.75
CA CYS E 22 18.62 29.02 -22.16
C CYS E 22 18.26 27.95 -21.18
N ALA E 23 18.23 28.29 -19.89
CA ALA E 23 17.88 27.32 -18.86
C ALA E 23 16.45 27.49 -18.40
N ALA E 24 15.75 26.37 -18.27
CA ALA E 24 14.40 26.36 -17.75
C ALA E 24 14.48 26.22 -16.25
N SER E 25 14.14 27.29 -15.55
CA SER E 25 14.06 27.34 -14.10
C SER E 25 12.59 27.07 -13.72
N GLY E 26 12.38 26.53 -12.53
CA GLY E 26 11.05 26.16 -12.10
C GLY E 26 10.68 24.83 -12.70
N ARG E 27 9.80 24.82 -13.73
CA ARG E 27 9.46 23.54 -14.31
C ARG E 27 10.42 23.12 -15.43
N THR E 28 10.93 21.90 -15.30
CA THR E 28 11.88 21.31 -16.24
C THR E 28 11.23 21.08 -17.61
N PHE E 29 12.08 21.07 -18.67
CA PHE E 29 11.61 20.88 -20.04
C PHE E 29 11.03 19.48 -20.28
N SER E 30 11.42 18.53 -19.41
CA SER E 30 11.01 17.13 -19.44
C SER E 30 9.59 16.99 -18.91
N ASP E 31 9.17 17.91 -18.03
CA ASP E 31 7.83 17.90 -17.46
C ASP E 31 6.89 18.80 -18.25
N HIS E 32 6.27 18.22 -19.27
CA HIS E 32 5.30 18.84 -20.17
C HIS E 32 3.96 18.12 -20.06
N SER E 33 2.86 18.84 -20.23
CA SER E 33 1.52 18.23 -20.22
C SER E 33 1.20 17.73 -21.63
N GLY E 34 1.65 18.46 -22.64
CA GLY E 34 1.43 18.16 -24.05
C GLY E 34 2.34 17.07 -24.58
N TYR E 35 2.75 17.20 -25.85
CA TYR E 35 3.64 16.21 -26.47
C TYR E 35 5.09 16.54 -26.14
N THR E 36 5.42 17.86 -26.08
CA THR E 36 6.75 18.40 -25.82
C THR E 36 6.71 19.90 -25.53
N TYR E 37 7.86 20.44 -25.16
CA TYR E 37 8.08 21.87 -25.04
C TYR E 37 8.71 22.25 -26.38
N THR E 38 8.34 23.39 -26.91
CA THR E 38 8.94 23.91 -28.12
C THR E 38 9.69 25.16 -27.67
N ILE E 39 11.00 25.20 -27.92
CA ILE E 39 11.85 26.30 -27.51
C ILE E 39 12.35 27.03 -28.73
N GLY E 40 12.18 28.34 -28.71
CA GLY E 40 12.61 29.22 -29.78
C GLY E 40 13.57 30.28 -29.32
N TRP E 41 14.48 30.65 -30.21
CA TRP E 41 15.43 31.74 -30.02
C TRP E 41 14.99 32.83 -30.97
N PHE E 42 14.94 34.07 -30.45
CA PHE E 42 14.51 35.26 -31.15
C PHE E 42 15.56 36.34 -30.92
N ARG E 43 15.49 37.41 -31.71
CA ARG E 43 16.38 38.56 -31.56
C ARG E 43 15.65 39.85 -31.90
N GLN E 44 15.97 40.92 -31.17
CA GLN E 44 15.39 42.23 -31.41
C GLN E 44 16.49 43.27 -31.52
N ALA E 45 16.75 43.73 -32.75
CA ALA E 45 17.75 44.76 -33.03
C ALA E 45 17.12 46.08 -32.66
N PRO E 46 17.90 47.08 -32.16
CA PRO E 46 17.30 48.35 -31.75
C PRO E 46 16.39 48.99 -32.79
N GLY E 47 15.19 49.33 -32.35
CA GLY E 47 14.13 49.94 -33.15
C GLY E 47 13.66 49.13 -34.33
N LYS E 48 13.76 47.80 -34.22
CA LYS E 48 13.32 46.84 -35.23
C LYS E 48 12.43 45.80 -34.53
N GLU E 49 11.52 45.16 -35.29
CA GLU E 49 10.61 44.15 -34.73
C GLU E 49 11.36 42.86 -34.37
N ARG E 50 10.90 42.20 -33.29
CA ARG E 50 11.43 40.94 -32.78
C ARG E 50 11.36 39.89 -33.90
N GLU E 51 12.48 39.24 -34.20
CA GLU E 51 12.49 38.26 -35.28
C GLU E 51 12.96 36.88 -34.85
N PHE E 52 12.36 35.85 -35.48
CA PHE E 52 12.68 34.45 -35.26
C PHE E 52 14.11 34.14 -35.68
N VAL E 53 14.81 33.33 -34.88
CA VAL E 53 16.17 32.91 -35.19
C VAL E 53 16.19 31.40 -35.44
N ALA E 54 15.85 30.61 -34.42
CA ALA E 54 15.86 29.15 -34.51
C ALA E 54 14.84 28.54 -33.55
N ARG E 55 14.39 27.31 -33.82
CA ARG E 55 13.45 26.57 -33.00
C ARG E 55 13.95 25.14 -32.83
N ILE E 56 13.62 24.53 -31.70
CA ILE E 56 13.90 23.13 -31.41
C ILE E 56 12.73 22.57 -30.59
N TYR E 57 12.40 21.29 -30.79
CA TYR E 57 11.42 20.56 -29.99
C TYR E 57 12.22 19.83 -28.96
N TRP E 58 11.82 19.90 -27.68
CA TRP E 58 12.52 19.21 -26.60
C TRP E 58 12.53 17.67 -26.76
N SER E 59 11.45 17.11 -27.28
CA SER E 59 11.27 15.67 -27.50
C SER E 59 12.23 15.09 -28.54
N SER E 60 12.12 15.58 -29.78
CA SER E 60 12.83 15.10 -30.94
C SER E 60 14.17 15.76 -31.19
N GLY E 61 14.27 17.04 -30.84
CA GLY E 61 15.49 17.79 -31.11
C GLY E 61 15.51 18.31 -32.53
N ASN E 62 14.35 18.23 -33.24
CA ASN E 62 14.18 18.69 -34.63
C ASN E 62 14.15 20.20 -34.67
N THR E 63 14.86 20.77 -35.63
CA THR E 63 15.12 22.20 -35.72
C THR E 63 14.59 22.91 -36.98
N TYR E 64 14.49 24.23 -36.88
CA TYR E 64 14.14 25.14 -37.96
C TYR E 64 14.92 26.42 -37.74
N TYR E 65 15.53 26.94 -38.81
CA TYR E 65 16.35 28.15 -38.78
C TYR E 65 15.82 29.19 -39.74
N ALA E 66 15.99 30.46 -39.40
CA ALA E 66 15.67 31.60 -40.27
C ALA E 66 16.69 31.49 -41.43
N ASP E 67 16.28 31.85 -42.66
CA ASP E 67 17.12 31.75 -43.85
C ASP E 67 18.51 32.35 -43.69
N SER E 68 18.62 33.53 -43.05
CA SER E 68 19.89 34.24 -42.83
C SER E 68 20.81 33.59 -41.78
N VAL E 69 20.34 32.57 -41.01
CA VAL E 69 21.14 31.91 -39.96
C VAL E 69 21.41 30.42 -40.28
N LYS E 70 20.63 29.84 -41.21
CA LYS E 70 20.73 28.44 -41.63
C LYS E 70 22.14 28.20 -42.21
N GLY E 71 22.83 27.21 -41.63
CA GLY E 71 24.19 26.81 -42.01
C GLY E 71 25.29 27.40 -41.15
N ARG E 72 24.98 28.45 -40.37
CA ARG E 72 25.98 29.12 -39.52
C ARG E 72 25.60 29.09 -38.05
N PHE E 73 24.31 29.01 -37.76
CA PHE E 73 23.83 28.92 -36.38
C PHE E 73 23.35 27.49 -36.15
N ALA E 74 23.52 27.00 -34.92
CA ALA E 74 23.08 25.66 -34.54
C ALA E 74 22.35 25.71 -33.18
N ILE E 75 21.10 25.21 -33.15
CA ILE E 75 20.27 25.12 -31.95
C ILE E 75 20.32 23.66 -31.46
N SER E 76 20.61 23.46 -30.18
CA SER E 76 20.74 22.14 -29.58
C SER E 76 20.11 22.10 -28.19
N ARG E 77 19.76 20.90 -27.73
CA ARG E 77 19.13 20.69 -26.44
C ARG E 77 19.99 19.71 -25.60
N ASP E 78 20.16 20.04 -24.31
CA ASP E 78 20.93 19.28 -23.33
C ASP E 78 19.94 18.76 -22.30
N ILE E 79 19.41 17.54 -22.54
CA ILE E 79 18.41 16.88 -21.71
C ILE E 79 18.81 16.90 -20.22
N ALA E 80 20.04 16.45 -19.93
CA ALA E 80 20.62 16.37 -18.58
C ALA E 80 20.68 17.71 -17.85
N LYS E 81 21.15 18.78 -18.53
CA LYS E 81 21.26 20.10 -17.92
C LYS E 81 19.99 20.97 -18.09
N ASN E 82 18.94 20.42 -18.78
CA ASN E 82 17.63 21.06 -19.01
C ASN E 82 17.80 22.47 -19.63
N THR E 83 18.69 22.54 -20.64
CA THR E 83 19.08 23.78 -21.31
C THR E 83 18.91 23.65 -22.85
N VAL E 84 18.73 24.80 -23.52
CA VAL E 84 18.66 24.90 -24.98
C VAL E 84 19.77 25.89 -25.40
N ASP E 85 20.76 25.39 -26.14
CA ASP E 85 21.89 26.20 -26.58
C ASP E 85 21.77 26.68 -28.00
N LEU E 86 22.30 27.88 -28.27
CA LEU E 86 22.37 28.45 -29.60
C LEU E 86 23.83 28.84 -29.87
N THR E 87 24.47 28.09 -30.79
CA THR E 87 25.85 28.35 -31.23
C THR E 87 25.74 29.23 -32.47
N MET E 88 26.31 30.44 -32.39
CA MET E 88 26.26 31.41 -33.48
C MET E 88 27.63 31.66 -34.08
N ASN E 89 27.81 31.28 -35.34
CA ASN E 89 29.07 31.45 -36.07
C ASN E 89 28.92 32.49 -37.19
N ASN E 90 30.06 32.91 -37.78
CA ASN E 90 30.15 33.84 -38.92
C ASN E 90 29.33 35.10 -38.69
N LEU E 91 29.52 35.67 -37.49
CA LEU E 91 28.84 36.84 -37.00
C LEU E 91 29.18 38.10 -37.83
N GLU E 92 28.26 39.05 -37.84
CA GLU E 92 28.34 40.26 -38.66
C GLU E 92 27.71 41.43 -37.85
N PRO E 93 28.14 42.71 -38.04
CA PRO E 93 27.55 43.81 -37.25
C PRO E 93 26.02 43.88 -37.16
N GLU E 94 25.28 43.47 -38.22
CA GLU E 94 23.82 43.54 -38.15
C GLU E 94 23.21 42.36 -37.34
N ASP E 95 24.08 41.43 -36.84
CA ASP E 95 23.68 40.35 -35.93
C ASP E 95 23.52 40.88 -34.51
N THR E 96 23.97 42.16 -34.25
CA THR E 96 23.86 42.85 -32.96
C THR E 96 22.39 43.08 -32.67
N ALA E 97 21.91 42.53 -31.55
CA ALA E 97 20.52 42.61 -31.09
C ALA E 97 20.43 42.02 -29.70
N VAL E 98 19.26 42.15 -29.06
CA VAL E 98 19.11 41.45 -27.79
C VAL E 98 18.47 40.09 -28.17
N TYR E 99 19.07 38.99 -27.69
CA TYR E 99 18.64 37.64 -28.00
C TYR E 99 17.77 37.09 -26.88
N TYR E 100 16.58 36.59 -27.24
CA TYR E 100 15.59 36.09 -26.31
C TYR E 100 15.28 34.62 -26.51
N CYS E 101 15.05 33.94 -25.40
CA CYS E 101 14.63 32.55 -25.38
C CYS E 101 13.12 32.56 -25.07
N ALA E 102 12.35 31.76 -25.81
CA ALA E 102 10.90 31.62 -25.66
C ALA E 102 10.51 30.16 -25.67
N ALA E 103 9.47 29.81 -24.90
CA ALA E 103 9.00 28.43 -24.82
C ALA E 103 7.48 28.33 -24.87
N ARG E 104 6.97 27.15 -25.26
CA ARG E 104 5.56 26.81 -25.33
C ARG E 104 5.41 25.33 -24.99
N ASP E 105 4.52 25.00 -24.03
CA ASP E 105 4.21 23.61 -23.65
C ASP E 105 3.16 23.12 -24.68
N GLY E 106 3.66 22.66 -25.82
CA GLY E 106 2.90 22.21 -26.97
C GLY E 106 3.63 22.47 -28.27
N ILE E 107 2.98 22.21 -29.41
CA ILE E 107 3.56 22.38 -30.75
C ILE E 107 2.91 23.54 -31.52
N PRO E 108 3.60 24.70 -31.61
CA PRO E 108 3.04 25.84 -32.39
C PRO E 108 2.92 25.53 -33.88
N THR E 109 1.92 26.14 -34.53
CA THR E 109 1.65 26.01 -35.96
C THR E 109 2.13 27.28 -36.69
N SER E 110 3.05 28.02 -36.03
CA SER E 110 3.63 29.26 -36.54
C SER E 110 4.96 29.55 -35.81
N ARG E 111 5.86 30.27 -36.50
CA ARG E 111 7.15 30.74 -35.97
C ARG E 111 7.04 32.22 -35.56
N SER E 112 5.80 32.71 -35.48
CA SER E 112 5.47 34.08 -35.07
C SER E 112 5.82 34.27 -33.60
N VAL E 113 6.19 35.51 -33.24
CA VAL E 113 6.50 35.91 -31.86
C VAL E 113 5.23 35.71 -30.99
N GLU E 114 4.04 35.94 -31.58
CA GLU E 114 2.72 35.77 -30.97
C GLU E 114 2.43 34.31 -30.53
N SER E 115 3.07 33.32 -31.17
CA SER E 115 2.91 31.89 -30.87
C SER E 115 3.53 31.46 -29.54
N TYR E 116 4.42 32.28 -28.96
CA TYR E 116 5.07 31.97 -27.68
C TYR E 116 4.59 32.93 -26.61
N ASN E 117 4.28 32.40 -25.42
CA ASN E 117 3.80 33.22 -24.30
C ASN E 117 4.88 33.52 -23.27
N TYR E 118 5.77 32.54 -23.02
CA TYR E 118 6.81 32.62 -21.99
C TYR E 118 8.14 32.99 -22.56
N TRP E 119 8.73 34.03 -21.99
CA TRP E 119 9.98 34.61 -22.45
C TRP E 119 11.02 34.82 -21.35
N GLY E 120 12.28 34.75 -21.75
CA GLY E 120 13.41 35.05 -20.88
C GLY E 120 13.61 36.55 -20.91
N GLN E 121 14.45 37.08 -19.99
CA GLN E 121 14.70 38.52 -19.92
C GLN E 121 15.49 39.08 -21.12
N GLY E 122 16.23 38.22 -21.80
CA GLY E 122 17.04 38.58 -22.95
C GLY E 122 18.50 38.78 -22.61
N THR E 123 19.37 38.65 -23.62
CA THR E 123 20.81 38.82 -23.50
C THR E 123 21.35 39.60 -24.70
N GLN E 124 22.14 40.66 -24.45
CA GLN E 124 22.74 41.48 -25.50
C GLN E 124 23.91 40.78 -26.19
N VAL E 125 23.88 40.72 -27.53
CA VAL E 125 24.97 40.21 -28.37
C VAL E 125 25.39 41.42 -29.24
N THR E 126 26.65 41.87 -29.10
CA THR E 126 27.20 42.98 -29.86
C THR E 126 28.34 42.48 -30.73
N VAL E 127 28.20 42.66 -32.05
CA VAL E 127 29.20 42.24 -33.02
C VAL E 127 29.95 43.47 -33.56
N SER E 128 31.17 43.73 -33.06
CA SER E 128 32.02 44.87 -33.46
C SER E 128 33.52 44.66 -33.26
N SER E 129 34.33 45.46 -33.96
CA SER E 129 35.80 45.48 -33.95
C SER E 129 36.36 45.77 -32.55
N GLN F 3 3.85 -28.47 -14.32
CA GLN F 3 4.46 -27.41 -15.13
C GLN F 3 3.85 -26.02 -14.92
N LEU F 4 2.50 -25.91 -14.89
CA LEU F 4 1.83 -24.60 -14.71
C LEU F 4 1.11 -24.49 -13.37
N GLN F 5 1.24 -23.32 -12.71
CA GLN F 5 0.55 -23.06 -11.45
C GLN F 5 0.01 -21.65 -11.37
N GLU F 6 -1.32 -21.56 -11.19
CA GLU F 6 -2.05 -20.31 -11.06
C GLU F 6 -2.06 -19.86 -9.60
N SER F 7 -1.92 -18.55 -9.40
CA SER F 7 -1.97 -17.91 -8.09
C SER F 7 -2.88 -16.67 -8.18
N GLY F 8 -3.21 -16.10 -7.04
CA GLY F 8 -4.14 -14.99 -6.94
C GLY F 8 -5.53 -15.58 -6.87
N GLY F 9 -6.55 -14.80 -7.20
CA GLY F 9 -7.92 -15.31 -7.18
C GLY F 9 -8.58 -15.25 -5.82
N GLY F 10 -9.82 -15.74 -5.79
CA GLY F 10 -10.64 -15.76 -4.60
C GLY F 10 -11.80 -14.80 -4.72
N LEU F 11 -12.20 -14.21 -3.59
CA LEU F 11 -13.33 -13.29 -3.52
C LEU F 11 -12.99 -11.86 -3.88
N VAL F 12 -13.95 -11.20 -4.56
CA VAL F 12 -13.87 -9.80 -4.98
C VAL F 12 -15.31 -9.23 -5.10
N GLN F 13 -15.49 -7.95 -4.73
CA GLN F 13 -16.77 -7.26 -4.84
C GLN F 13 -17.05 -6.93 -6.33
N PRO F 14 -18.31 -7.01 -6.83
CA PRO F 14 -18.57 -6.61 -8.24
C PRO F 14 -18.13 -5.16 -8.51
N GLY F 15 -17.46 -4.95 -9.64
CA GLY F 15 -16.88 -3.67 -10.00
C GLY F 15 -15.40 -3.63 -9.64
N GLY F 16 -14.99 -4.57 -8.78
CA GLY F 16 -13.62 -4.72 -8.31
C GLY F 16 -12.63 -5.30 -9.30
N SER F 17 -11.37 -5.35 -8.87
CA SER F 17 -10.27 -5.85 -9.68
C SER F 17 -9.56 -7.00 -9.00
N LEU F 18 -8.92 -7.87 -9.79
CA LEU F 18 -8.18 -9.03 -9.33
C LEU F 18 -7.04 -9.37 -10.29
N ARG F 19 -5.86 -9.74 -9.75
CA ARG F 19 -4.70 -10.12 -10.56
C ARG F 19 -4.36 -11.59 -10.38
N LEU F 20 -4.39 -12.34 -11.49
CA LEU F 20 -4.04 -13.77 -11.54
C LEU F 20 -2.63 -13.90 -12.11
N SER F 21 -1.89 -14.89 -11.64
CA SER F 21 -0.54 -15.16 -12.12
C SER F 21 -0.38 -16.60 -12.51
N CYS F 22 0.37 -16.83 -13.59
CA CYS F 22 0.69 -18.17 -14.05
C CYS F 22 2.18 -18.37 -14.18
N ALA F 23 2.74 -19.16 -13.29
CA ALA F 23 4.15 -19.45 -13.29
C ALA F 23 4.46 -20.82 -13.88
N ALA F 24 5.58 -20.90 -14.62
CA ALA F 24 6.05 -22.15 -15.20
C ALA F 24 7.18 -22.69 -14.32
N SER F 25 6.95 -23.87 -13.72
CA SER F 25 7.95 -24.56 -12.90
C SER F 25 8.62 -25.65 -13.74
N GLY F 26 9.86 -25.98 -13.36
CA GLY F 26 10.66 -26.97 -14.05
C GLY F 26 11.21 -26.43 -15.35
N ARG F 27 10.37 -26.45 -16.39
CA ARG F 27 10.73 -25.94 -17.70
C ARG F 27 10.17 -24.52 -17.84
N THR F 28 11.07 -23.53 -17.83
CA THR F 28 10.71 -22.12 -17.94
C THR F 28 10.21 -21.77 -19.34
N PHE F 29 9.45 -20.67 -19.45
CA PHE F 29 8.91 -20.23 -20.73
C PHE F 29 10.00 -19.79 -21.73
N SER F 30 11.19 -19.46 -21.23
CA SER F 30 12.35 -19.08 -22.02
C SER F 30 12.97 -20.31 -22.72
N ASP F 31 12.69 -21.53 -22.22
CA ASP F 31 13.24 -22.76 -22.80
C ASP F 31 12.18 -23.51 -23.61
N HIS F 32 12.13 -23.20 -24.90
CA HIS F 32 11.22 -23.76 -25.90
C HIS F 32 12.02 -24.36 -27.07
N SER F 33 11.45 -25.39 -27.74
CA SER F 33 12.03 -26.01 -28.94
C SER F 33 11.53 -25.25 -30.17
N GLY F 34 10.30 -24.73 -30.05
CA GLY F 34 9.59 -23.98 -31.09
C GLY F 34 10.05 -22.53 -31.18
N TYR F 35 9.21 -21.69 -31.78
CA TYR F 35 9.52 -20.27 -31.95
C TYR F 35 9.30 -19.55 -30.61
N THR F 36 8.31 -20.03 -29.84
CA THR F 36 7.89 -19.49 -28.54
C THR F 36 6.92 -20.43 -27.82
N TYR F 37 6.62 -20.07 -26.57
CA TYR F 37 5.55 -20.68 -25.80
C TYR F 37 4.36 -19.74 -26.03
N THR F 38 3.18 -20.32 -26.17
CA THR F 38 1.95 -19.56 -26.27
C THR F 38 1.20 -19.87 -25.00
N ILE F 39 0.86 -18.84 -24.22
CA ILE F 39 0.18 -19.00 -22.94
C ILE F 39 -1.23 -18.44 -23.05
N GLY F 40 -2.19 -19.24 -22.65
CA GLY F 40 -3.59 -18.86 -22.67
C GLY F 40 -4.24 -18.94 -21.31
N TRP F 41 -5.19 -18.06 -21.08
CA TRP F 41 -6.01 -18.03 -19.88
C TRP F 41 -7.40 -18.44 -20.34
N PHE F 42 -8.01 -19.35 -19.57
CA PHE F 42 -9.33 -19.91 -19.82
C PHE F 42 -10.14 -19.82 -18.52
N ARG F 43 -11.46 -20.01 -18.64
CA ARG F 43 -12.34 -20.03 -17.49
C ARG F 43 -13.47 -21.02 -17.69
N GLN F 44 -13.86 -21.70 -16.60
CA GLN F 44 -14.97 -22.65 -16.65
C GLN F 44 -15.96 -22.34 -15.54
N ALA F 45 -17.13 -21.83 -15.93
CA ALA F 45 -18.21 -21.51 -14.97
C ALA F 45 -18.94 -22.83 -14.70
N PRO F 46 -19.47 -23.06 -13.47
CA PRO F 46 -20.13 -24.34 -13.17
C PRO F 46 -21.16 -24.78 -14.20
N GLY F 47 -21.01 -26.02 -14.64
CA GLY F 47 -21.85 -26.68 -15.63
C GLY F 47 -21.93 -26.00 -16.98
N LYS F 48 -20.84 -25.29 -17.36
CA LYS F 48 -20.69 -24.60 -18.63
C LYS F 48 -19.34 -25.02 -19.23
N GLU F 49 -19.22 -24.98 -20.56
CA GLU F 49 -17.98 -25.37 -21.24
C GLU F 49 -16.85 -24.38 -21.01
N ARG F 50 -15.62 -24.90 -20.92
CA ARG F 50 -14.38 -24.13 -20.74
C ARG F 50 -14.27 -23.12 -21.88
N GLU F 51 -14.09 -21.84 -21.52
CA GLU F 51 -14.01 -20.80 -22.55
C GLU F 51 -12.74 -19.99 -22.50
N PHE F 52 -12.27 -19.59 -23.70
CA PHE F 52 -11.07 -18.78 -23.89
C PHE F 52 -11.26 -17.39 -23.27
N VAL F 53 -10.20 -16.88 -22.62
CA VAL F 53 -10.23 -15.56 -22.03
C VAL F 53 -9.23 -14.66 -22.76
N ALA F 54 -7.96 -15.05 -22.71
CA ALA F 54 -6.88 -14.26 -23.30
C ALA F 54 -5.68 -15.13 -23.69
N ARG F 55 -4.85 -14.62 -24.60
CA ARG F 55 -3.66 -15.32 -25.05
C ARG F 55 -2.51 -14.35 -25.13
N ILE F 56 -1.30 -14.85 -24.86
CA ILE F 56 -0.05 -14.12 -25.00
C ILE F 56 1.06 -15.03 -25.56
N TYR F 57 1.90 -14.49 -26.45
CA TYR F 57 3.08 -15.19 -26.94
C TYR F 57 4.21 -14.74 -26.02
N TRP F 58 4.97 -15.69 -25.48
CA TRP F 58 6.11 -15.36 -24.61
C TRP F 58 7.21 -14.56 -25.33
N SER F 59 7.41 -14.78 -26.63
CA SER F 59 8.41 -14.09 -27.45
C SER F 59 8.13 -12.61 -27.66
N SER F 60 6.98 -12.31 -28.29
CA SER F 60 6.55 -10.98 -28.69
C SER F 60 5.75 -10.23 -27.64
N GLY F 61 4.98 -10.96 -26.84
CA GLY F 61 4.07 -10.35 -25.87
C GLY F 61 2.77 -9.88 -26.51
N ASN F 62 2.52 -10.33 -27.77
CA ASN F 62 1.31 -10.00 -28.55
C ASN F 62 0.12 -10.78 -28.01
N THR F 63 -1.01 -10.10 -27.89
CA THR F 63 -2.19 -10.59 -27.22
C THR F 63 -3.47 -10.70 -28.05
N TYR F 64 -4.41 -11.52 -27.54
CA TYR F 64 -5.74 -11.69 -28.09
C TYR F 64 -6.69 -11.88 -26.92
N TYR F 65 -7.82 -11.19 -26.94
CA TYR F 65 -8.82 -11.21 -25.87
C TYR F 65 -10.16 -11.65 -26.43
N ALA F 66 -10.96 -12.34 -25.60
CA ALA F 66 -12.36 -12.69 -25.91
C ALA F 66 -13.10 -11.34 -25.93
N ASP F 67 -14.11 -11.19 -26.81
CA ASP F 67 -14.87 -9.95 -26.96
C ASP F 67 -15.38 -9.36 -25.65
N SER F 68 -15.90 -10.20 -24.73
CA SER F 68 -16.44 -9.75 -23.44
C SER F 68 -15.38 -9.31 -22.42
N VAL F 69 -14.06 -9.54 -22.69
CA VAL F 69 -12.99 -9.15 -21.76
C VAL F 69 -12.08 -8.06 -22.32
N LYS F 70 -12.12 -7.85 -23.65
CA LYS F 70 -11.33 -6.85 -24.37
C LYS F 70 -11.69 -5.45 -23.82
N GLY F 71 -10.68 -4.73 -23.35
CA GLY F 71 -10.83 -3.40 -22.76
C GLY F 71 -10.82 -3.36 -21.25
N ARG F 72 -11.17 -4.49 -20.57
CA ARG F 72 -11.21 -4.58 -19.09
C ARG F 72 -10.18 -5.56 -18.51
N PHE F 73 -9.73 -6.52 -19.31
CA PHE F 73 -8.73 -7.49 -18.89
C PHE F 73 -7.44 -7.22 -19.64
N ALA F 74 -6.30 -7.45 -18.97
CA ALA F 74 -4.99 -7.27 -19.58
C ALA F 74 -4.09 -8.47 -19.25
N ILE F 75 -3.57 -9.13 -20.30
CA ILE F 75 -2.65 -10.26 -20.19
C ILE F 75 -1.23 -9.71 -20.45
N SER F 76 -0.29 -10.04 -19.55
CA SER F 76 1.09 -9.57 -19.63
C SER F 76 2.06 -10.68 -19.26
N ARG F 77 3.28 -10.57 -19.75
CA ARG F 77 4.33 -11.53 -19.52
C ARG F 77 5.49 -10.85 -18.76
N ASP F 78 5.83 -11.42 -17.59
CA ASP F 78 6.91 -10.96 -16.72
C ASP F 78 8.08 -11.93 -16.88
N ILE F 79 8.99 -11.61 -17.82
CA ILE F 79 10.15 -12.40 -18.24
C ILE F 79 11.04 -12.84 -17.06
N ALA F 80 11.55 -11.87 -16.28
CA ALA F 80 12.43 -12.10 -15.12
C ALA F 80 11.86 -13.08 -14.09
N LYS F 81 10.56 -12.94 -13.75
CA LYS F 81 9.91 -13.83 -12.78
C LYS F 81 9.24 -15.06 -13.43
N ASN F 82 9.39 -15.23 -14.78
CA ASN F 82 8.87 -16.34 -15.60
C ASN F 82 7.35 -16.63 -15.32
N THR F 83 6.56 -15.56 -15.35
CA THR F 83 5.13 -15.59 -15.07
C THR F 83 4.31 -14.89 -16.17
N VAL F 84 3.05 -15.31 -16.30
CA VAL F 84 2.06 -14.70 -17.19
C VAL F 84 0.94 -14.20 -16.29
N ASP F 85 0.75 -12.88 -16.25
CA ASP F 85 -0.27 -12.29 -15.42
C ASP F 85 -1.53 -11.93 -16.18
N LEU F 86 -2.68 -12.02 -15.51
CA LEU F 86 -3.96 -11.62 -16.02
C LEU F 86 -4.61 -10.65 -15.02
N THR F 87 -4.67 -9.36 -15.39
CA THR F 87 -5.29 -8.30 -14.60
C THR F 87 -6.73 -8.20 -15.07
N MET F 88 -7.68 -8.43 -14.14
CA MET F 88 -9.11 -8.41 -14.43
C MET F 88 -9.77 -7.26 -13.69
N ASN F 89 -10.26 -6.29 -14.44
CA ASN F 89 -10.94 -5.11 -13.89
C ASN F 89 -12.41 -5.22 -14.27
N ASN F 90 -13.26 -4.33 -13.72
CA ASN F 90 -14.69 -4.23 -13.97
C ASN F 90 -15.41 -5.58 -13.87
N LEU F 91 -15.09 -6.34 -12.81
CA LEU F 91 -15.64 -7.67 -12.54
C LEU F 91 -17.15 -7.62 -12.25
N GLU F 92 -17.83 -8.72 -12.58
CA GLU F 92 -19.27 -8.86 -12.53
C GLU F 92 -19.59 -10.29 -12.02
N PRO F 93 -20.75 -10.56 -11.34
CA PRO F 93 -21.02 -11.92 -10.84
C PRO F 93 -20.86 -13.07 -11.84
N GLU F 94 -21.15 -12.86 -13.13
CA GLU F 94 -21.00 -13.95 -14.11
C GLU F 94 -19.53 -14.17 -14.53
N ASP F 95 -18.57 -13.40 -13.92
CA ASP F 95 -17.13 -13.62 -14.10
C ASP F 95 -16.65 -14.72 -13.16
N THR F 96 -17.52 -15.15 -12.24
CA THR F 96 -17.25 -16.22 -11.29
C THR F 96 -17.10 -17.51 -12.06
N ALA F 97 -15.94 -18.14 -11.91
CA ALA F 97 -15.53 -19.35 -12.61
C ALA F 97 -14.20 -19.81 -12.07
N VAL F 98 -13.80 -21.02 -12.43
CA VAL F 98 -12.45 -21.41 -12.08
C VAL F 98 -11.61 -21.04 -13.33
N TYR F 99 -10.53 -20.28 -13.10
CA TYR F 99 -9.63 -19.76 -14.12
C TYR F 99 -8.41 -20.63 -14.26
N TYR F 100 -8.12 -21.03 -15.51
CA TYR F 100 -7.05 -21.94 -15.84
C TYR F 100 -6.01 -21.32 -16.74
N CYS F 101 -4.76 -21.69 -16.50
CA CYS F 101 -3.64 -21.28 -17.32
C CYS F 101 -3.26 -22.50 -18.17
N ALA F 102 -3.00 -22.27 -19.47
CA ALA F 102 -2.65 -23.30 -20.43
C ALA F 102 -1.47 -22.83 -21.28
N ALA F 103 -0.61 -23.76 -21.66
CA ALA F 103 0.55 -23.43 -22.48
C ALA F 103 0.77 -24.43 -23.61
N ARG F 104 1.47 -23.99 -24.66
CA ARG F 104 1.84 -24.79 -25.82
C ARG F 104 3.21 -24.32 -26.30
N ASP F 105 4.15 -25.28 -26.49
CA ASP F 105 5.49 -25.00 -27.02
C ASP F 105 5.34 -24.97 -28.55
N GLY F 106 4.95 -23.80 -29.05
CA GLY F 106 4.67 -23.55 -30.46
C GLY F 106 3.58 -22.51 -30.63
N ILE F 107 3.15 -22.28 -31.89
CA ILE F 107 2.12 -21.29 -32.22
C ILE F 107 0.80 -21.97 -32.67
N PRO F 108 -0.23 -22.01 -31.81
CA PRO F 108 -1.52 -22.61 -32.20
C PRO F 108 -2.21 -21.81 -33.30
N THR F 109 -2.98 -22.51 -34.15
CA THR F 109 -3.74 -21.93 -35.26
C THR F 109 -5.22 -21.86 -34.87
N SER F 110 -5.49 -21.98 -33.56
CA SER F 110 -6.83 -21.94 -32.97
C SER F 110 -6.77 -21.50 -31.50
N ARG F 111 -7.86 -20.91 -31.00
CA ARG F 111 -8.03 -20.49 -29.61
C ARG F 111 -8.87 -21.53 -28.84
N SER F 112 -9.09 -22.68 -29.48
CA SER F 112 -9.82 -23.81 -28.94
C SER F 112 -9.08 -24.39 -27.72
N VAL F 113 -9.84 -24.95 -26.78
CA VAL F 113 -9.33 -25.61 -25.58
C VAL F 113 -8.46 -26.82 -26.01
N GLU F 114 -8.85 -27.48 -27.13
CA GLU F 114 -8.16 -28.63 -27.76
C GLU F 114 -6.74 -28.29 -28.24
N SER F 115 -6.47 -27.01 -28.55
CA SER F 115 -5.17 -26.53 -29.03
C SER F 115 -4.07 -26.52 -27.96
N TYR F 116 -4.44 -26.60 -26.68
CA TYR F 116 -3.49 -26.62 -25.57
C TYR F 116 -3.47 -27.98 -24.89
N ASN F 117 -2.27 -28.50 -24.58
CA ASN F 117 -2.14 -29.80 -23.92
C ASN F 117 -1.85 -29.68 -22.43
N TYR F 118 -1.05 -28.68 -22.03
CA TYR F 118 -0.60 -28.50 -20.66
C TYR F 118 -1.41 -27.46 -19.93
N TRP F 119 -1.94 -27.85 -18.78
CA TRP F 119 -2.83 -27.05 -17.96
C TRP F 119 -2.43 -26.97 -16.50
N GLY F 120 -2.78 -25.85 -15.89
CA GLY F 120 -2.62 -25.63 -14.46
C GLY F 120 -3.81 -26.25 -13.75
N GLN F 121 -3.77 -26.39 -12.42
CA GLN F 121 -4.88 -26.99 -11.69
C GLN F 121 -6.13 -26.10 -11.62
N GLY F 122 -5.95 -24.81 -11.83
CA GLY F 122 -7.04 -23.84 -11.81
C GLY F 122 -7.14 -23.08 -10.51
N THR F 123 -7.74 -21.90 -10.57
CA THR F 123 -7.95 -21.04 -9.42
C THR F 123 -9.37 -20.48 -9.46
N GLN F 124 -10.07 -20.60 -8.32
CA GLN F 124 -11.43 -20.12 -8.16
C GLN F 124 -11.44 -18.60 -8.01
N VAL F 125 -12.31 -17.94 -8.79
CA VAL F 125 -12.54 -16.49 -8.74
C VAL F 125 -14.04 -16.32 -8.49
N THR F 126 -14.40 -15.73 -7.34
CA THR F 126 -15.79 -15.50 -6.96
C THR F 126 -16.05 -13.99 -6.89
N VAL F 127 -17.00 -13.51 -7.68
CA VAL F 127 -17.36 -12.09 -7.73
C VAL F 127 -18.74 -11.92 -7.06
N SER F 128 -18.76 -11.49 -5.77
CA SER F 128 -19.99 -11.29 -5.00
C SER F 128 -19.88 -10.21 -3.93
N SER F 129 -21.05 -9.70 -3.49
CA SER F 129 -21.24 -8.66 -2.47
C SER F 129 -20.69 -9.09 -1.11
N THR G 7 -17.19 -10.38 8.56
CA THR G 7 -18.03 -9.41 9.26
C THR G 7 -19.29 -9.12 8.42
N PRO G 8 -20.50 -9.33 8.98
CA PRO G 8 -21.73 -9.07 8.19
C PRO G 8 -22.19 -7.61 8.20
N SER G 9 -21.77 -6.84 9.22
CA SER G 9 -22.14 -5.43 9.38
C SER G 9 -21.37 -4.50 8.46
N ASP G 10 -21.99 -3.37 8.12
CA ASP G 10 -21.46 -2.32 7.26
C ASP G 10 -20.77 -1.22 8.10
N LYS G 11 -20.92 -1.28 9.43
CA LYS G 11 -20.40 -0.29 10.36
C LYS G 11 -18.90 -0.42 10.72
N PRO G 12 -18.11 0.67 10.63
CA PRO G 12 -16.70 0.62 11.05
C PRO G 12 -16.55 0.10 12.50
N VAL G 13 -15.67 -0.91 12.71
CA VAL G 13 -15.45 -1.57 14.00
C VAL G 13 -14.01 -1.88 14.28
N ALA G 14 -13.71 -1.97 15.57
CA ALA G 14 -12.42 -2.40 16.09
C ALA G 14 -12.59 -2.91 17.50
N HIS G 15 -11.87 -3.99 17.81
CA HIS G 15 -11.75 -4.58 19.13
C HIS G 15 -10.38 -5.21 19.11
N VAL G 16 -9.40 -4.43 19.55
CA VAL G 16 -8.00 -4.83 19.58
C VAL G 16 -7.61 -5.22 20.99
N VAL G 17 -6.63 -6.10 21.10
CA VAL G 17 -6.22 -6.67 22.37
C VAL G 17 -4.71 -6.56 22.59
N ALA G 18 -4.28 -6.49 23.86
CA ALA G 18 -2.86 -6.41 24.20
C ALA G 18 -2.13 -7.65 23.72
N ASN G 19 -0.92 -7.45 23.16
CA ASN G 19 -0.07 -8.54 22.68
C ASN G 19 0.48 -9.24 23.93
N PRO G 20 0.14 -10.54 24.19
CA PRO G 20 0.68 -11.19 25.40
C PRO G 20 2.19 -11.42 25.37
N GLN G 21 2.78 -11.39 24.16
CA GLN G 21 4.20 -11.61 23.90
C GLN G 21 5.04 -10.31 23.93
N ALA G 22 4.38 -9.13 23.98
CA ALA G 22 5.08 -7.84 24.01
C ALA G 22 5.78 -7.64 25.35
N GLU G 23 6.95 -6.97 25.33
CA GLU G 23 7.74 -6.70 26.52
C GLU G 23 7.74 -5.22 26.86
N GLY G 24 7.41 -4.92 28.13
CA GLY G 24 7.38 -3.58 28.70
C GLY G 24 6.62 -2.53 27.92
N GLN G 25 5.53 -2.93 27.25
CA GLN G 25 4.69 -2.03 26.45
C GLN G 25 3.28 -2.57 26.30
N LEU G 26 2.33 -1.66 26.04
CA LEU G 26 0.95 -2.01 25.75
C LEU G 26 0.80 -1.90 24.23
N GLN G 27 0.97 -3.04 23.54
CA GLN G 27 0.90 -3.17 22.09
C GLN G 27 -0.42 -3.79 21.65
N TRP G 28 -1.25 -3.00 20.94
CA TRP G 28 -2.55 -3.40 20.42
C TRP G 28 -2.43 -4.30 19.22
N LEU G 29 -3.22 -5.37 19.22
CA LEU G 29 -3.23 -6.40 18.20
C LEU G 29 -4.65 -6.78 17.76
N ASN G 30 -4.81 -7.02 16.48
CA ASN G 30 -6.06 -7.53 15.91
C ASN G 30 -5.87 -8.94 15.38
N ARG G 31 -4.67 -9.46 15.42
CA ARG G 31 -4.35 -10.77 14.92
C ARG G 31 -4.53 -11.92 15.89
N ARG G 32 -5.64 -11.93 16.55
CA ARG G 32 -5.99 -12.98 17.46
C ARG G 32 -7.48 -13.24 17.40
N ALA G 33 -7.86 -14.42 17.88
CA ALA G 33 -9.26 -14.85 17.88
C ALA G 33 -10.05 -13.92 18.81
N ASN G 34 -11.27 -13.53 18.39
CA ASN G 34 -12.19 -12.63 19.12
C ASN G 34 -11.71 -11.17 19.15
N ALA G 35 -10.89 -10.80 18.15
CA ALA G 35 -10.39 -9.45 17.93
C ALA G 35 -10.92 -8.98 16.55
N LEU G 36 -11.38 -7.72 16.49
CA LEU G 36 -11.98 -7.14 15.29
C LEU G 36 -11.24 -5.93 14.76
N LEU G 37 -11.36 -5.74 13.44
CA LEU G 37 -10.84 -4.63 12.65
C LEU G 37 -11.54 -4.75 11.30
N ALA G 38 -12.66 -4.03 11.13
CA ALA G 38 -13.47 -4.10 9.92
C ALA G 38 -14.07 -2.78 9.47
N ASN G 39 -14.50 -2.76 8.20
CA ASN G 39 -15.19 -1.65 7.51
C ASN G 39 -14.42 -0.31 7.58
N GLY G 40 -13.13 -0.36 7.24
CA GLY G 40 -12.28 0.84 7.18
C GLY G 40 -11.40 1.17 8.35
N VAL G 41 -11.76 0.72 9.58
CA VAL G 41 -10.94 1.01 10.77
C VAL G 41 -9.56 0.35 10.61
N GLU G 42 -8.51 1.13 10.89
CA GLU G 42 -7.12 0.71 10.80
C GLU G 42 -6.41 0.82 12.15
N LEU G 43 -5.32 0.06 12.29
CA LEU G 43 -4.43 0.04 13.45
C LEU G 43 -3.07 0.37 12.86
N ARG G 44 -2.63 1.64 12.99
CA ARG G 44 -1.37 2.07 12.36
C ARG G 44 -0.18 2.15 13.33
N ASP G 45 -0.06 3.19 14.15
CA ASP G 45 1.08 3.29 15.06
C ASP G 45 0.59 3.09 16.49
N ASN G 46 0.03 1.88 16.73
CA ASN G 46 -0.59 1.43 17.98
C ASN G 46 -1.86 2.25 18.26
N GLN G 47 -2.43 2.87 17.21
CA GLN G 47 -3.61 3.75 17.29
C GLN G 47 -4.71 3.33 16.34
N LEU G 48 -5.96 3.56 16.72
CA LEU G 48 -7.10 3.27 15.85
C LEU G 48 -7.42 4.48 14.97
N VAL G 49 -7.44 4.28 13.64
CA VAL G 49 -7.69 5.34 12.67
C VAL G 49 -9.16 5.32 12.22
N VAL G 50 -9.86 6.45 12.44
CA VAL G 50 -11.26 6.67 12.08
C VAL G 50 -11.41 6.74 10.55
N PRO G 51 -12.18 5.83 9.91
CA PRO G 51 -12.32 5.88 8.44
C PRO G 51 -13.32 6.91 7.89
N SER G 52 -14.31 7.31 8.71
CA SER G 52 -15.37 8.24 8.32
C SER G 52 -15.95 8.99 9.52
N GLU G 53 -16.53 10.17 9.26
CA GLU G 53 -17.17 11.00 10.28
C GLU G 53 -18.41 10.33 10.85
N GLY G 54 -18.71 10.65 12.11
CA GLY G 54 -19.88 10.14 12.80
C GLY G 54 -19.71 9.95 14.29
N LEU G 55 -20.72 9.32 14.91
CA LEU G 55 -20.74 9.04 16.34
C LEU G 55 -20.11 7.67 16.56
N TYR G 56 -19.19 7.59 17.51
CA TYR G 56 -18.52 6.35 17.82
C TYR G 56 -18.56 6.06 19.30
N LEU G 57 -18.84 4.79 19.66
CA LEU G 57 -18.73 4.34 21.03
C LEU G 57 -17.29 3.86 21.14
N ILE G 58 -16.53 4.47 22.04
CA ILE G 58 -15.11 4.16 22.26
C ILE G 58 -14.97 3.59 23.66
N TYR G 59 -14.20 2.52 23.81
CA TYR G 59 -14.00 1.87 25.10
C TYR G 59 -12.63 1.21 25.20
N SER G 60 -12.19 0.97 26.43
CA SER G 60 -10.93 0.29 26.72
C SER G 60 -10.89 -0.17 28.16
N GLN G 61 -10.21 -1.30 28.38
CA GLN G 61 -9.97 -1.82 29.70
C GLN G 61 -8.50 -2.19 29.80
N VAL G 62 -7.91 -1.90 30.95
CA VAL G 62 -6.57 -2.33 31.31
C VAL G 62 -6.69 -3.05 32.65
N LEU G 63 -5.76 -3.96 32.93
CA LEU G 63 -5.72 -4.68 34.20
C LEU G 63 -4.33 -4.48 34.76
N PHE G 64 -4.25 -3.92 35.97
CA PHE G 64 -2.97 -3.71 36.66
C PHE G 64 -2.79 -4.78 37.73
N LYS G 65 -1.54 -5.21 37.93
CA LYS G 65 -1.17 -6.21 38.92
C LYS G 65 0.15 -5.84 39.58
N GLY G 66 0.22 -6.15 40.85
CA GLY G 66 1.39 -5.97 41.69
C GLY G 66 1.44 -7.05 42.75
N GLN G 67 2.59 -7.16 43.41
CA GLN G 67 2.83 -8.12 44.47
C GLN G 67 3.47 -7.32 45.58
N GLY G 68 2.83 -7.35 46.76
CA GLY G 68 3.28 -6.54 47.88
C GLY G 68 3.13 -5.06 47.55
N CYS G 69 4.01 -4.22 48.13
CA CYS G 69 4.01 -2.77 47.97
C CYS G 69 5.37 -2.12 48.26
N PRO G 70 5.85 -1.20 47.38
CA PRO G 70 7.14 -0.55 47.65
C PRO G 70 7.03 0.66 48.57
N THR G 72 7.54 3.70 48.09
CA THR G 72 7.09 4.73 47.15
C THR G 72 5.61 4.55 46.77
N HIS G 73 4.96 5.66 46.39
CA HIS G 73 3.57 5.68 45.99
C HIS G 73 3.44 5.46 44.48
N VAL G 74 2.50 4.58 44.09
CA VAL G 74 2.24 4.23 42.69
C VAL G 74 0.97 4.88 42.19
N LEU G 75 1.15 5.66 41.13
CA LEU G 75 0.09 6.38 40.42
C LEU G 75 -0.10 5.67 39.06
N LEU G 76 -1.28 5.01 38.90
CA LEU G 76 -1.62 4.23 37.70
C LEU G 76 -2.69 4.93 36.88
N THR G 77 -2.35 5.33 35.63
CA THR G 77 -3.28 6.02 34.73
C THR G 77 -3.64 5.19 33.50
N HIS G 78 -4.83 5.45 32.97
CA HIS G 78 -5.39 4.86 31.76
C HIS G 78 -6.17 5.95 31.05
N THR G 79 -5.79 6.24 29.79
CA THR G 79 -6.41 7.32 29.02
C THR G 79 -6.69 6.96 27.57
N ILE G 80 -7.83 7.43 27.07
CA ILE G 80 -8.21 7.34 25.67
C ILE G 80 -8.14 8.78 25.16
N SER G 81 -7.32 9.01 24.13
CA SER G 81 -7.15 10.34 23.58
C SER G 81 -7.43 10.43 22.08
N ARG G 82 -7.90 11.61 21.65
CA ARG G 82 -8.20 11.93 20.26
C ARG G 82 -7.06 12.76 19.67
N ILE G 83 -6.56 12.34 18.51
CA ILE G 83 -5.51 13.05 17.77
C ILE G 83 -6.15 13.44 16.44
N ALA G 84 -6.52 14.72 16.31
CA ALA G 84 -7.19 15.23 15.12
C ALA G 84 -6.28 15.38 13.91
N VAL G 85 -6.86 15.24 12.71
CA VAL G 85 -6.15 15.41 11.44
C VAL G 85 -5.90 16.91 11.18
N SER G 86 -6.89 17.74 11.55
CA SER G 86 -6.89 19.21 11.39
C SER G 86 -6.09 19.98 12.45
N TYR G 87 -6.46 19.85 13.75
CA TYR G 87 -5.78 20.58 14.83
C TYR G 87 -4.40 19.97 15.18
N GLN G 88 -4.19 18.65 14.83
CA GLN G 88 -2.96 17.87 15.03
C GLN G 88 -2.63 17.59 16.53
N THR G 89 -3.42 18.20 17.45
CA THR G 89 -3.25 18.10 18.90
C THR G 89 -3.88 16.83 19.50
N LYS G 90 -3.40 16.44 20.70
CA LYS G 90 -3.85 15.28 21.46
C LYS G 90 -4.72 15.75 22.64
N VAL G 91 -5.99 15.33 22.67
CA VAL G 91 -6.94 15.70 23.74
C VAL G 91 -7.50 14.45 24.40
N ASN G 92 -7.57 14.44 25.74
CA ASN G 92 -8.10 13.29 26.47
C ASN G 92 -9.61 13.25 26.38
N LEU G 93 -10.15 12.12 25.93
CA LEU G 93 -11.59 11.90 25.82
C LEU G 93 -12.13 11.21 27.06
N LEU G 94 -11.43 10.13 27.50
CA LEU G 94 -11.76 9.28 28.64
C LEU G 94 -10.49 9.07 29.48
N SER G 95 -10.52 9.42 30.80
CA SER G 95 -9.35 9.31 31.68
C SER G 95 -9.69 8.79 33.07
N ALA G 96 -8.85 7.89 33.62
CA ALA G 96 -9.02 7.35 34.97
C ALA G 96 -7.69 7.09 35.68
N ILE G 97 -7.69 7.21 37.00
CA ILE G 97 -6.51 7.03 37.84
C ILE G 97 -6.81 6.03 38.95
N LYS G 98 -5.78 5.27 39.36
CA LYS G 98 -5.83 4.29 40.45
C LYS G 98 -4.54 4.33 41.27
N SER G 99 -4.68 4.42 42.61
CA SER G 99 -3.57 4.43 43.58
C SER G 99 -3.67 3.13 44.39
N PRO G 100 -2.94 2.08 43.99
CA PRO G 100 -3.11 0.78 44.66
C PRO G 100 -2.45 0.66 46.02
N CYS G 101 -1.15 0.96 46.11
CA CYS G 101 -0.37 0.81 47.33
C CYS G 101 -0.63 1.89 48.38
N GLN G 102 -1.28 1.46 49.49
CA GLN G 102 -1.60 2.29 50.63
C GLN G 102 -0.39 2.45 51.56
N ARG G 103 0.33 1.34 51.83
CA ARG G 103 1.53 1.31 52.66
C ARG G 103 2.46 0.17 52.23
N GLU G 104 3.79 0.40 52.34
CA GLU G 104 4.86 -0.56 51.99
C GLU G 104 4.66 -1.88 52.73
N THR G 105 4.78 -3.00 52.00
CA THR G 105 4.66 -4.34 52.57
C THR G 105 5.74 -4.55 53.66
N PRO G 106 5.36 -4.92 54.91
CA PRO G 106 6.35 -5.09 55.99
C PRO G 106 7.47 -6.06 55.62
N GLU G 107 8.72 -5.72 55.98
CA GLU G 107 9.98 -6.42 55.72
C GLU G 107 9.86 -7.93 55.37
N GLY G 108 9.20 -8.74 56.23
CA GLY G 108 9.07 -10.18 56.02
C GLY G 108 7.68 -10.68 55.64
N ALA G 109 6.68 -9.76 55.60
CA ALA G 109 5.29 -10.07 55.24
C ALA G 109 5.19 -10.68 53.84
N GLU G 110 4.25 -11.62 53.66
CA GLU G 110 4.04 -12.28 52.38
C GLU G 110 3.54 -11.27 51.36
N ALA G 111 4.21 -11.19 50.21
CA ALA G 111 3.84 -10.29 49.14
C ALA G 111 2.76 -10.97 48.31
N LYS G 112 1.50 -10.77 48.70
CA LYS G 112 0.32 -11.35 48.07
C LYS G 112 -0.11 -10.47 46.89
N PRO G 113 -0.39 -11.05 45.71
CA PRO G 113 -0.71 -10.21 44.54
C PRO G 113 -2.01 -9.44 44.63
N TRP G 114 -1.98 -8.16 44.22
CA TRP G 114 -3.16 -7.30 44.13
C TRP G 114 -3.51 -7.09 42.64
N TYR G 115 -4.76 -6.74 42.35
CA TYR G 115 -5.24 -6.54 40.98
C TYR G 115 -6.15 -5.32 40.91
N GLU G 116 -5.91 -4.45 39.90
CA GLU G 116 -6.66 -3.23 39.69
C GLU G 116 -7.14 -3.04 38.24
N PRO G 117 -8.41 -3.37 37.93
CA PRO G 117 -8.92 -3.11 36.57
C PRO G 117 -9.43 -1.66 36.41
N ILE G 118 -9.37 -1.14 35.19
CA ILE G 118 -9.87 0.20 34.84
C ILE G 118 -10.67 0.06 33.54
N TYR G 119 -11.89 0.59 33.52
CA TYR G 119 -12.73 0.57 32.32
C TYR G 119 -13.11 2.00 31.93
N LEU G 120 -12.92 2.33 30.64
CA LEU G 120 -13.27 3.64 30.06
C LEU G 120 -14.23 3.37 28.90
N GLY G 121 -15.26 4.20 28.74
CA GLY G 121 -16.24 4.03 27.67
C GLY G 121 -17.17 5.21 27.48
N GLY G 122 -17.37 5.62 26.23
CA GLY G 122 -18.27 6.73 25.90
C GLY G 122 -18.50 6.97 24.42
N VAL G 123 -19.54 7.76 24.10
CA VAL G 123 -19.93 8.11 22.75
C VAL G 123 -19.36 9.49 22.37
N PHE G 124 -18.65 9.56 21.24
CA PHE G 124 -18.01 10.79 20.76
C PHE G 124 -18.20 11.01 19.26
N GLN G 125 -18.28 12.30 18.87
CA GLN G 125 -18.37 12.71 17.48
C GLN G 125 -16.93 12.80 16.98
N LEU G 126 -16.57 11.98 15.99
CA LEU G 126 -15.22 11.94 15.46
C LEU G 126 -15.19 12.29 13.98
N GLU G 127 -14.04 12.79 13.51
CA GLU G 127 -13.85 13.16 12.11
C GLU G 127 -13.03 12.10 11.37
N LYS G 128 -13.19 12.06 10.02
CA LYS G 128 -12.48 11.17 9.12
C LYS G 128 -10.97 11.42 9.24
N GLY G 129 -10.20 10.40 9.57
CA GLY G 129 -8.76 10.51 9.72
C GLY G 129 -8.27 10.74 11.14
N ASP G 130 -9.20 10.87 12.12
CA ASP G 130 -8.84 11.04 13.53
C ASP G 130 -8.18 9.78 14.06
N ARG G 131 -7.24 9.94 14.98
CA ARG G 131 -6.52 8.83 15.59
C ARG G 131 -6.91 8.70 17.07
N LEU G 132 -7.18 7.46 17.50
CA LEU G 132 -7.57 7.15 18.88
C LEU G 132 -6.46 6.38 19.54
N SER G 133 -6.07 6.81 20.73
CA SER G 133 -5.00 6.17 21.48
C SER G 133 -5.47 5.77 22.86
N ALA G 134 -5.17 4.52 23.26
CA ALA G 134 -5.50 4.00 24.59
C ALA G 134 -4.19 3.64 25.23
N GLU G 135 -3.75 4.48 26.18
CA GLU G 135 -2.44 4.36 26.82
C GLU G 135 -2.48 4.28 28.34
N ILE G 136 -1.39 3.73 28.89
CA ILE G 136 -1.10 3.61 30.32
C ILE G 136 0.27 4.25 30.58
N ASN G 137 0.58 4.56 31.85
CA ASN G 137 1.86 5.19 32.23
C ASN G 137 2.87 4.19 32.80
N ARG G 138 2.40 3.06 33.34
CA ARG G 138 3.27 2.08 33.98
C ARG G 138 3.18 0.66 33.40
N PRO G 139 3.91 0.36 32.30
CA PRO G 139 3.84 -1.01 31.74
C PRO G 139 4.36 -2.10 32.68
N ASP G 140 5.17 -1.73 33.67
CA ASP G 140 5.70 -2.65 34.69
C ASP G 140 4.58 -3.18 35.60
N TYR G 141 3.42 -2.49 35.67
CA TYR G 141 2.26 -2.90 36.44
C TYR G 141 1.15 -3.53 35.59
N LEU G 142 1.28 -3.45 34.26
CA LEU G 142 0.28 -4.00 33.34
C LEU G 142 0.20 -5.53 33.36
N ASP G 143 -1.02 -6.08 33.36
CA ASP G 143 -1.29 -7.52 33.38
C ASP G 143 -2.11 -7.99 32.15
N PHE G 144 -1.39 -8.43 31.10
CA PHE G 144 -1.99 -8.96 29.87
C PHE G 144 -1.65 -10.45 29.69
N ALA G 145 -1.33 -11.13 30.81
CA ALA G 145 -0.94 -12.55 30.85
C ALA G 145 -1.99 -13.52 30.32
N GLU G 146 -3.29 -13.18 30.51
CA GLU G 146 -4.41 -14.00 30.05
C GLU G 146 -5.39 -13.19 29.19
N SER G 147 -6.19 -13.89 28.35
CA SER G 147 -7.16 -13.28 27.43
C SER G 147 -8.29 -12.50 28.11
N GLY G 148 -8.76 -11.44 27.43
CA GLY G 148 -9.87 -10.59 27.83
C GLY G 148 -9.60 -9.55 28.91
N GLN G 149 -8.35 -9.47 29.38
CA GLN G 149 -7.92 -8.56 30.45
C GLN G 149 -7.65 -7.13 29.99
N VAL G 150 -7.12 -6.95 28.78
CA VAL G 150 -6.82 -5.59 28.32
C VAL G 150 -7.15 -5.51 26.83
N TYR G 151 -8.05 -4.58 26.52
CA TYR G 151 -8.62 -4.38 25.20
C TYR G 151 -8.97 -2.91 24.95
N PHE G 152 -9.23 -2.59 23.69
CA PHE G 152 -9.51 -1.24 23.19
C PHE G 152 -10.39 -1.41 21.97
N GLY G 153 -11.53 -0.74 21.94
CA GLY G 153 -12.43 -0.86 20.81
C GLY G 153 -13.28 0.35 20.48
N ILE G 154 -13.76 0.40 19.23
CA ILE G 154 -14.65 1.45 18.71
C ILE G 154 -15.74 0.82 17.85
N ILE G 155 -16.89 1.50 17.74
CA ILE G 155 -17.99 1.09 16.88
C ILE G 155 -18.78 2.33 16.47
N ALA G 156 -18.96 2.52 15.15
CA ALA G 156 -19.73 3.63 14.60
C ALA G 156 -21.20 3.38 14.92
N LEU G 157 -21.90 4.40 15.44
CA LEU G 157 -23.31 4.33 15.81
C LEU G 157 -24.08 5.43 15.11
N GLN H 3 28.22 -5.06 40.44
CA GLN H 3 26.82 -4.80 40.79
C GLN H 3 25.97 -6.04 41.01
N LEU H 4 26.09 -7.08 40.14
CA LEU H 4 25.29 -8.31 40.28
C LEU H 4 26.11 -9.54 40.62
N GLN H 5 25.60 -10.36 41.57
CA GLN H 5 26.25 -11.60 41.99
C GLN H 5 25.26 -12.73 42.19
N GLU H 6 25.44 -13.80 41.40
CA GLU H 6 24.59 -15.00 41.47
C GLU H 6 25.15 -15.97 42.50
N SER H 7 24.24 -16.60 43.26
CA SER H 7 24.56 -17.62 44.26
C SER H 7 23.62 -18.82 44.07
N GLY H 8 23.94 -19.93 44.73
CA GLY H 8 23.22 -21.18 44.58
C GLY H 8 23.87 -21.90 43.42
N GLY H 9 23.18 -22.85 42.81
CA GLY H 9 23.75 -23.57 41.68
C GLY H 9 24.52 -24.80 42.09
N GLY H 10 25.07 -25.48 41.08
CA GLY H 10 25.82 -26.71 41.27
C GLY H 10 25.09 -27.92 40.73
N LEU H 11 25.32 -29.08 41.36
CA LEU H 11 24.74 -30.36 40.96
C LEU H 11 23.37 -30.65 41.57
N VAL H 12 22.50 -31.26 40.77
CA VAL H 12 21.15 -31.68 41.13
C VAL H 12 20.73 -32.90 40.30
N GLN H 13 19.99 -33.83 40.91
CA GLN H 13 19.49 -35.04 40.25
C GLN H 13 18.32 -34.65 39.31
N PRO H 14 18.18 -35.27 38.11
CA PRO H 14 17.02 -34.95 37.25
C PRO H 14 15.70 -35.19 37.98
N GLY H 15 14.81 -34.19 37.90
CA GLY H 15 13.52 -34.19 38.59
C GLY H 15 13.57 -33.40 39.88
N GLY H 16 14.78 -33.10 40.34
CA GLY H 16 15.03 -32.32 41.56
C GLY H 16 14.77 -30.85 41.41
N SER H 17 14.94 -30.10 42.51
CA SER H 17 14.78 -28.65 42.54
C SER H 17 16.07 -27.93 42.97
N LEU H 18 16.22 -26.65 42.57
CA LEU H 18 17.38 -25.80 42.89
C LEU H 18 17.00 -24.33 42.90
N ARG H 19 17.48 -23.58 43.91
CA ARG H 19 17.20 -22.15 44.03
C ARG H 19 18.45 -21.29 43.78
N LEU H 20 18.34 -20.37 42.79
CA LEU H 20 19.40 -19.42 42.43
C LEU H 20 19.01 -18.05 42.98
N SER H 21 20.00 -17.27 43.41
CA SER H 21 19.77 -15.93 43.94
C SER H 21 20.65 -14.91 43.26
N CYS H 22 20.14 -13.69 43.11
CA CYS H 22 20.87 -12.59 42.52
C CYS H 22 20.81 -11.40 43.45
N ALA H 23 21.95 -11.05 44.02
CA ALA H 23 22.09 -9.94 44.95
C ALA H 23 22.65 -8.71 44.27
N ALA H 24 22.05 -7.54 44.58
CA ALA H 24 22.50 -6.25 44.07
C ALA H 24 23.56 -5.76 45.05
N SER H 25 24.83 -5.88 44.63
CA SER H 25 26.00 -5.53 45.42
C SER H 25 26.28 -4.04 45.57
N GLY H 26 26.12 -3.26 44.50
CA GLY H 26 26.39 -1.82 44.54
C GLY H 26 25.18 -1.01 44.92
N ARG H 27 24.44 -0.56 43.89
CA ARG H 27 23.19 0.18 44.08
C ARG H 27 22.14 -0.84 44.47
N THR H 28 21.41 -0.58 45.56
CA THR H 28 20.33 -1.46 45.99
C THR H 28 19.21 -1.41 44.95
N PHE H 29 18.53 -2.55 44.73
CA PHE H 29 17.43 -2.66 43.78
C PHE H 29 16.30 -1.70 44.17
N SER H 30 16.14 -1.43 45.48
CA SER H 30 15.15 -0.52 46.08
C SER H 30 15.21 0.89 45.48
N ASP H 31 16.44 1.42 45.28
CA ASP H 31 16.61 2.74 44.68
C ASP H 31 16.92 2.65 43.19
N HIS H 32 16.13 3.38 42.40
CA HIS H 32 16.18 3.45 40.95
C HIS H 32 16.02 4.90 40.50
N SER H 33 16.54 5.21 39.31
CA SER H 33 16.42 6.55 38.73
C SER H 33 15.14 6.65 37.89
N GLY H 34 14.78 5.55 37.24
CA GLY H 34 13.58 5.46 36.40
C GLY H 34 12.34 5.13 37.20
N TYR H 35 11.56 4.14 36.73
CA TYR H 35 10.34 3.69 37.40
C TYR H 35 10.65 2.50 38.31
N THR H 36 11.53 1.61 37.82
CA THR H 36 11.96 0.38 38.49
C THR H 36 13.20 -0.21 37.83
N TYR H 37 13.77 -1.23 38.50
CA TYR H 37 14.84 -2.07 38.02
C TYR H 37 14.16 -3.30 37.45
N THR H 38 14.56 -3.70 36.24
CA THR H 38 14.03 -4.90 35.61
C THR H 38 15.15 -5.91 35.71
N ILE H 39 14.87 -7.05 36.34
CA ILE H 39 15.86 -8.10 36.55
C ILE H 39 15.47 -9.32 35.73
N GLY H 40 16.43 -9.82 34.97
CA GLY H 40 16.25 -10.98 34.12
C GLY H 40 17.23 -12.08 34.43
N TRP H 41 16.77 -13.31 34.25
CA TRP H 41 17.58 -14.52 34.40
C TRP H 41 17.74 -15.08 33.00
N PHE H 42 18.97 -15.43 32.66
CA PHE H 42 19.36 -15.97 31.36
C PHE H 42 20.17 -17.23 31.58
N ARG H 43 20.37 -18.02 30.52
CA ARG H 43 21.19 -19.23 30.58
C ARG H 43 21.93 -19.43 29.27
N GLN H 44 23.16 -19.93 29.36
CA GLN H 44 23.96 -20.21 28.17
C GLN H 44 24.52 -21.61 28.27
N ALA H 45 24.01 -22.52 27.41
CA ALA H 45 24.47 -23.90 27.33
C ALA H 45 25.72 -23.88 26.44
N PRO H 46 26.75 -24.73 26.72
CA PRO H 46 27.96 -24.69 25.90
C PRO H 46 27.73 -24.74 24.39
N GLY H 47 28.37 -23.81 23.69
CA GLY H 47 28.30 -23.64 22.24
C GLY H 47 26.92 -23.33 21.71
N LYS H 48 26.07 -22.70 22.54
CA LYS H 48 24.70 -22.29 22.20
C LYS H 48 24.54 -20.83 22.62
N GLU H 49 23.64 -20.09 21.95
CA GLU H 49 23.41 -18.68 22.26
C GLU H 49 22.70 -18.49 23.60
N ARG H 50 23.05 -17.39 24.30
CA ARG H 50 22.47 -16.99 25.58
C ARG H 50 20.96 -16.84 25.40
N GLU H 51 20.18 -17.53 26.25
CA GLU H 51 18.73 -17.48 26.12
C GLU H 51 18.03 -17.00 27.37
N PHE H 52 16.93 -16.26 27.15
CA PHE H 52 16.08 -15.71 28.20
C PHE H 52 15.41 -16.85 28.99
N VAL H 53 15.33 -16.68 30.32
CA VAL H 53 14.69 -17.67 31.19
C VAL H 53 13.44 -17.05 31.82
N ALA H 54 13.64 -16.00 32.63
CA ALA H 54 12.56 -15.32 33.33
C ALA H 54 12.90 -13.85 33.59
N ARG H 55 11.88 -13.02 33.80
CA ARG H 55 12.03 -11.60 34.08
C ARG H 55 11.10 -11.21 35.23
N ILE H 56 11.53 -10.25 36.05
CA ILE H 56 10.77 -9.66 37.15
C ILE H 56 11.03 -8.15 37.26
N TYR H 57 9.98 -7.37 37.51
CA TYR H 57 10.11 -5.93 37.75
C TYR H 57 10.22 -5.80 39.25
N TRP H 58 11.19 -4.99 39.73
CA TRP H 58 11.41 -4.79 41.17
C TRP H 58 10.21 -4.12 41.87
N SER H 59 9.53 -3.21 41.16
CA SER H 59 8.39 -2.45 41.64
C SER H 59 7.15 -3.32 41.89
N SER H 60 6.65 -3.94 40.82
CA SER H 60 5.43 -4.73 40.80
C SER H 60 5.58 -6.20 41.16
N GLY H 61 6.71 -6.81 40.79
CA GLY H 61 6.94 -8.23 40.98
C GLY H 61 6.34 -9.04 39.85
N ASN H 62 5.88 -8.34 38.78
CA ASN H 62 5.26 -8.96 37.59
C ASN H 62 6.31 -9.69 36.77
N THR H 63 5.96 -10.90 36.35
CA THR H 63 6.87 -11.83 35.71
C THR H 63 6.55 -12.25 34.27
N TYR H 64 7.57 -12.78 33.59
CA TYR H 64 7.50 -13.36 32.26
C TYR H 64 8.47 -14.53 32.23
N TYR H 65 8.01 -15.66 31.69
CA TYR H 65 8.80 -16.89 31.60
C TYR H 65 8.91 -17.37 30.17
N ALA H 66 10.01 -18.08 29.85
CA ALA H 66 10.23 -18.73 28.57
C ALA H 66 9.26 -19.92 28.56
N ASP H 67 8.69 -20.25 27.38
CA ASP H 67 7.71 -21.32 27.24
C ASP H 67 8.12 -22.64 27.91
N SER H 68 9.39 -23.07 27.75
CA SER H 68 9.91 -24.31 28.34
C SER H 68 10.10 -24.28 29.87
N VAL H 69 9.99 -23.10 30.52
CA VAL H 69 10.18 -22.97 31.98
C VAL H 69 8.89 -22.56 32.71
N LYS H 70 7.91 -22.01 31.97
CA LYS H 70 6.61 -21.59 32.49
C LYS H 70 5.90 -22.80 33.14
N GLY H 71 5.54 -22.65 34.41
CA GLY H 71 4.89 -23.71 35.18
C GLY H 71 5.81 -24.49 36.12
N ARG H 72 7.13 -24.52 35.84
CA ARG H 72 8.11 -25.25 36.68
C ARG H 72 9.14 -24.32 37.34
N PHE H 73 9.38 -23.15 36.75
CA PHE H 73 10.31 -22.18 37.30
C PHE H 73 9.51 -21.01 37.87
N ALA H 74 10.00 -20.42 38.96
CA ALA H 74 9.37 -19.27 39.60
C ALA H 74 10.42 -18.21 39.93
N ILE H 75 10.22 -16.99 39.40
CA ILE H 75 11.07 -15.83 39.66
C ILE H 75 10.37 -14.96 40.71
N SER H 76 11.11 -14.61 41.78
CA SER H 76 10.58 -13.82 42.89
C SER H 76 11.56 -12.77 43.36
N ARG H 77 11.05 -11.73 44.03
CA ARG H 77 11.89 -10.65 44.51
C ARG H 77 11.66 -10.44 46.01
N ASP H 78 12.76 -10.56 46.78
CA ASP H 78 12.77 -10.39 48.23
C ASP H 78 13.17 -8.95 48.53
N ILE H 79 12.15 -8.09 48.79
CA ILE H 79 12.31 -6.67 49.10
C ILE H 79 13.19 -6.48 50.36
N ALA H 80 13.06 -7.41 51.34
CA ALA H 80 13.84 -7.39 52.59
C ALA H 80 15.33 -7.71 52.40
N LYS H 81 15.66 -8.78 51.67
CA LYS H 81 17.06 -9.17 51.44
C LYS H 81 17.65 -8.55 50.17
N ASN H 82 16.85 -7.69 49.48
CA ASN H 82 17.21 -6.98 48.25
C ASN H 82 17.82 -7.94 47.19
N THR H 83 17.16 -9.10 47.00
CA THR H 83 17.61 -10.16 46.11
C THR H 83 16.51 -10.59 45.12
N VAL H 84 16.94 -11.20 44.00
CA VAL H 84 16.06 -11.75 42.96
C VAL H 84 16.33 -13.26 42.88
N ASP H 85 15.32 -14.06 43.28
CA ASP H 85 15.46 -15.51 43.30
C ASP H 85 14.81 -16.20 42.13
N LEU H 86 15.41 -17.32 41.71
CA LEU H 86 14.88 -18.18 40.66
C LEU H 86 14.81 -19.62 41.19
N THR H 87 13.59 -20.09 41.45
CA THR H 87 13.32 -21.45 41.93
C THR H 87 13.07 -22.30 40.69
N MET H 88 13.89 -23.33 40.50
CA MET H 88 13.81 -24.21 39.34
C MET H 88 13.33 -25.60 39.76
N ASN H 89 12.07 -25.93 39.45
CA ASN H 89 11.53 -27.26 39.79
C ASN H 89 11.50 -28.13 38.54
N ASN H 90 11.40 -29.47 38.72
CA ASN H 90 11.33 -30.48 37.66
C ASN H 90 12.46 -30.32 36.63
N LEU H 91 13.71 -30.34 37.10
CA LEU H 91 14.89 -30.18 36.24
C LEU H 91 15.14 -31.42 35.37
N GLU H 92 15.85 -31.23 34.26
CA GLU H 92 16.22 -32.28 33.32
C GLU H 92 17.67 -32.04 32.81
N PRO H 93 18.37 -33.06 32.24
CA PRO H 93 19.76 -32.85 31.79
C PRO H 93 20.03 -31.69 30.83
N GLU H 94 19.07 -31.30 29.96
CA GLU H 94 19.32 -30.20 29.03
C GLU H 94 19.16 -28.80 29.71
N ASP H 95 18.76 -28.77 31.00
CA ASP H 95 18.69 -27.53 31.79
C ASP H 95 20.12 -27.12 32.22
N THR H 96 21.11 -28.04 32.07
CA THR H 96 22.52 -27.86 32.40
C THR H 96 23.13 -26.73 31.58
N ALA H 97 23.37 -25.58 32.24
CA ALA H 97 23.93 -24.38 31.60
C ALA H 97 24.48 -23.42 32.66
N VAL H 98 25.19 -22.38 32.20
CA VAL H 98 25.65 -21.34 33.12
C VAL H 98 24.54 -20.27 33.14
N TYR H 99 23.96 -20.05 34.33
CA TYR H 99 22.84 -19.14 34.56
C TYR H 99 23.33 -17.77 34.98
N TYR H 100 22.85 -16.75 34.28
CA TYR H 100 23.24 -15.36 34.49
C TYR H 100 22.11 -14.46 34.93
N CYS H 101 22.43 -13.53 35.79
CA CYS H 101 21.52 -12.52 36.25
C CYS H 101 21.87 -11.22 35.53
N ALA H 102 20.85 -10.51 35.03
CA ALA H 102 21.00 -9.26 34.31
C ALA H 102 20.00 -8.23 34.82
N ALA H 103 20.40 -6.96 34.83
CA ALA H 103 19.53 -5.89 35.30
C ALA H 103 19.57 -4.67 34.39
N ARG H 104 18.51 -3.86 34.47
CA ARG H 104 18.35 -2.61 33.73
C ARG H 104 17.57 -1.63 34.60
N ASP H 105 18.10 -0.39 34.76
CA ASP H 105 17.41 0.66 35.51
C ASP H 105 16.47 1.33 34.50
N GLY H 106 15.28 0.73 34.39
CA GLY H 106 14.22 1.12 33.48
C GLY H 106 13.42 -0.08 33.01
N ILE H 107 12.50 0.14 32.06
CA ILE H 107 11.63 -0.91 31.53
C ILE H 107 11.99 -1.26 30.07
N PRO H 108 12.67 -2.42 29.82
CA PRO H 108 13.00 -2.81 28.44
C PRO H 108 11.75 -3.13 27.62
N THR H 109 11.84 -2.90 26.30
CA THR H 109 10.77 -3.16 25.35
C THR H 109 11.06 -4.45 24.57
N SER H 110 11.97 -5.27 25.12
CA SER H 110 12.42 -6.54 24.55
C SER H 110 13.02 -7.45 25.64
N ARG H 111 12.98 -8.78 25.40
CA ARG H 111 13.54 -9.82 26.29
C ARG H 111 14.88 -10.29 25.70
N SER H 112 15.40 -9.52 24.74
CA SER H 112 16.68 -9.76 24.07
C SER H 112 17.82 -9.57 25.06
N VAL H 113 18.90 -10.32 24.87
CA VAL H 113 20.13 -10.26 25.68
C VAL H 113 20.72 -8.81 25.53
N GLU H 114 20.57 -8.21 24.34
CA GLU H 114 20.99 -6.85 23.97
C GLU H 114 20.32 -5.74 24.82
N SER H 115 19.10 -6.02 25.34
CA SER H 115 18.31 -5.09 26.17
C SER H 115 18.89 -4.85 27.57
N TYR H 116 19.80 -5.73 28.03
CA TYR H 116 20.41 -5.61 29.35
C TYR H 116 21.88 -5.27 29.22
N ASN H 117 22.37 -4.32 30.02
CA ASN H 117 23.78 -3.90 29.99
C ASN H 117 24.60 -4.51 31.12
N TYR H 118 23.99 -4.63 32.31
CA TYR H 118 24.67 -5.10 33.52
C TYR H 118 24.41 -6.56 33.79
N TRP H 119 25.49 -7.32 33.93
CA TRP H 119 25.47 -8.75 34.12
C TRP H 119 26.30 -9.25 35.29
N GLY H 120 25.85 -10.36 35.87
CA GLY H 120 26.57 -11.07 36.91
C GLY H 120 27.58 -11.98 36.23
N GLN H 121 28.52 -12.53 37.00
CA GLN H 121 29.56 -13.41 36.44
C GLN H 121 29.04 -14.77 35.96
N GLY H 122 27.87 -15.19 36.47
CA GLY H 122 27.23 -16.44 36.11
C GLY H 122 27.48 -17.54 37.11
N THR H 123 26.57 -18.54 37.11
CA THR H 123 26.62 -19.71 38.00
C THR H 123 26.28 -20.97 37.18
N GLN H 124 27.16 -21.99 37.16
CA GLN H 124 26.98 -23.27 36.44
C GLN H 124 25.96 -24.24 37.13
N VAL H 125 24.86 -24.57 36.44
CA VAL H 125 23.86 -25.51 36.97
C VAL H 125 24.05 -26.84 36.22
N THR H 126 24.24 -27.95 36.96
CA THR H 126 24.45 -29.26 36.34
C THR H 126 23.36 -30.23 36.80
N VAL H 127 22.57 -30.74 35.85
CA VAL H 127 21.49 -31.68 36.11
C VAL H 127 21.91 -33.08 35.63
N SER H 128 22.34 -33.95 36.57
CA SER H 128 22.77 -35.33 36.27
C SER H 128 22.61 -36.30 37.45
N SER H 129 22.61 -37.61 37.14
CA SER H 129 22.48 -38.74 38.07
C SER H 129 23.62 -38.76 39.09
N THR I 7 -41.14 -3.94 23.52
CA THR I 7 -39.92 -3.49 22.87
C THR I 7 -40.23 -3.01 21.44
N PRO I 8 -39.91 -1.74 21.08
CA PRO I 8 -40.20 -1.26 19.72
C PRO I 8 -39.11 -1.61 18.69
N SER I 9 -37.88 -1.87 19.15
CA SER I 9 -36.73 -2.20 18.30
C SER I 9 -36.79 -3.63 17.77
N ASP I 10 -36.16 -3.84 16.60
CA ASP I 10 -36.05 -5.10 15.88
C ASP I 10 -34.77 -5.85 16.28
N LYS I 11 -33.86 -5.18 17.00
CA LYS I 11 -32.55 -5.71 17.39
C LYS I 11 -32.56 -6.66 18.60
N PRO I 12 -31.91 -7.86 18.49
CA PRO I 12 -31.79 -8.76 19.65
C PRO I 12 -31.16 -8.06 20.85
N VAL I 13 -31.81 -8.16 22.04
CA VAL I 13 -31.38 -7.51 23.29
C VAL I 13 -31.54 -8.38 24.49
N ALA I 14 -30.72 -8.08 25.51
CA ALA I 14 -30.80 -8.66 26.84
C ALA I 14 -30.16 -7.74 27.84
N HIS I 15 -30.78 -7.64 29.00
CA HIS I 15 -30.28 -6.94 30.18
C HIS I 15 -30.87 -7.71 31.34
N VAL I 16 -30.11 -8.69 31.81
CA VAL I 16 -30.51 -9.56 32.88
C VAL I 16 -29.83 -9.14 34.17
N VAL I 17 -30.48 -9.43 35.30
CA VAL I 17 -30.03 -8.97 36.59
C VAL I 17 -29.95 -10.11 37.60
N ALA I 18 -29.06 -10.00 38.60
CA ALA I 18 -28.92 -11.02 39.64
C ALA I 18 -30.20 -11.15 40.43
N ASN I 19 -30.60 -12.41 40.73
CA ASN I 19 -31.77 -12.71 41.53
C ASN I 19 -31.45 -12.31 42.97
N PRO I 20 -32.14 -11.31 43.58
CA PRO I 20 -31.81 -10.94 44.96
C PRO I 20 -32.17 -12.02 45.99
N GLN I 21 -33.06 -12.95 45.60
CA GLN I 21 -33.55 -14.06 46.43
C GLN I 21 -32.71 -15.35 46.29
N ALA I 22 -31.75 -15.40 45.34
CA ALA I 22 -30.90 -16.58 45.13
C ALA I 22 -29.90 -16.72 46.28
N GLU I 23 -29.56 -17.97 46.63
CA GLU I 23 -28.62 -18.26 47.72
C GLU I 23 -27.32 -18.84 47.17
N GLY I 24 -26.21 -18.24 47.59
CA GLY I 24 -24.85 -18.66 47.24
C GLY I 24 -24.56 -18.90 45.77
N GLN I 25 -25.19 -18.10 44.89
CA GLN I 25 -25.04 -18.20 43.44
C GLN I 25 -25.38 -16.89 42.74
N LEU I 26 -24.82 -16.70 41.55
CA LEU I 26 -25.13 -15.57 40.70
C LEU I 26 -26.09 -16.10 39.63
N GLN I 27 -27.40 -15.92 39.90
CA GLN I 27 -28.49 -16.36 39.04
C GLN I 27 -29.11 -15.19 38.28
N TRP I 28 -28.95 -15.22 36.95
CA TRP I 28 -29.48 -14.22 36.04
C TRP I 28 -30.97 -14.31 35.86
N LEU I 29 -31.62 -13.18 35.92
CA LEU I 29 -33.04 -13.05 35.80
C LEU I 29 -33.54 -11.94 34.89
N ASN I 30 -34.44 -12.29 34.00
CA ASN I 30 -35.10 -11.28 33.21
C ASN I 30 -36.43 -10.89 33.83
N ARG I 31 -36.93 -11.64 34.80
CA ARG I 31 -38.22 -11.35 35.39
C ARG I 31 -38.30 -10.22 36.42
N ARG I 32 -37.88 -9.04 36.03
CA ARG I 32 -37.88 -7.91 36.89
C ARG I 32 -38.10 -6.62 36.12
N ALA I 33 -38.51 -5.59 36.80
CA ALA I 33 -38.70 -4.30 36.13
C ALA I 33 -37.31 -3.77 35.75
N ASN I 34 -37.20 -3.17 34.54
CA ASN I 34 -35.96 -2.61 33.98
C ASN I 34 -34.93 -3.69 33.57
N ALA I 35 -35.45 -4.89 33.27
CA ALA I 35 -34.70 -6.05 32.77
C ALA I 35 -35.27 -6.40 31.39
N LEU I 36 -34.38 -6.69 30.42
CA LEU I 36 -34.75 -6.98 29.04
C LEU I 36 -34.35 -8.36 28.57
N LEU I 37 -35.12 -8.87 27.60
CA LEU I 37 -34.95 -10.13 26.89
C LEU I 37 -35.91 -10.03 25.71
N ALA I 38 -35.40 -9.58 24.55
CA ALA I 38 -36.23 -9.38 23.36
C ALA I 38 -35.55 -9.75 22.05
N ASN I 39 -36.38 -9.92 21.01
CA ASN I 39 -36.02 -10.20 19.63
C ASN I 39 -35.10 -11.43 19.46
N GLY I 40 -35.49 -12.54 20.08
CA GLY I 40 -34.80 -13.82 19.96
C GLY I 40 -33.81 -14.21 21.04
N VAL I 41 -33.23 -13.23 21.78
CA VAL I 41 -32.28 -13.56 22.85
C VAL I 41 -32.99 -14.37 23.94
N GLU I 42 -32.35 -15.46 24.37
CA GLU I 42 -32.87 -16.38 25.38
C GLU I 42 -31.92 -16.48 26.57
N LEU I 43 -32.46 -16.88 27.72
CA LEU I 43 -31.76 -17.13 28.96
C LEU I 43 -32.08 -18.58 29.30
N ARG I 44 -31.14 -19.51 29.00
CA ARG I 44 -31.41 -20.93 29.17
C ARG I 44 -30.82 -21.54 30.47
N ASP I 45 -29.51 -21.85 30.51
CA ASP I 45 -28.94 -22.44 31.71
C ASP I 45 -28.01 -21.40 32.35
N ASN I 46 -28.63 -20.27 32.78
CA ASN I 46 -27.99 -19.09 33.35
C ASN I 46 -27.09 -18.39 32.31
N GLN I 47 -27.33 -18.67 31.01
CA GLN I 47 -26.55 -18.16 29.90
C GLN I 47 -27.39 -17.46 28.84
N LEU I 48 -26.83 -16.44 28.17
CA LEU I 48 -27.53 -15.74 27.10
C LEU I 48 -27.26 -16.43 25.77
N VAL I 49 -28.32 -16.82 25.06
CA VAL I 49 -28.24 -17.53 23.78
C VAL I 49 -28.41 -16.54 22.61
N VAL I 50 -27.40 -16.46 21.74
CA VAL I 50 -27.34 -15.59 20.55
C VAL I 50 -28.36 -16.10 19.50
N PRO I 51 -29.37 -15.29 19.10
CA PRO I 51 -30.36 -15.78 18.11
C PRO I 51 -29.92 -15.71 16.65
N SER I 52 -28.96 -14.82 16.33
CA SER I 52 -28.47 -14.61 14.96
C SER I 52 -27.04 -14.09 14.94
N GLU I 53 -26.33 -14.32 13.83
CA GLU I 53 -24.97 -13.86 13.60
C GLU I 53 -24.91 -12.34 13.52
N GLY I 54 -23.77 -11.79 13.91
CA GLY I 54 -23.53 -10.35 13.86
C GLY I 54 -22.63 -9.82 14.95
N LEU I 55 -22.54 -8.48 15.02
CA LEU I 55 -21.73 -7.77 16.01
C LEU I 55 -22.60 -7.48 17.21
N TYR I 56 -22.08 -7.79 18.39
CA TYR I 56 -22.81 -7.58 19.63
C TYR I 56 -21.96 -6.84 20.63
N LEU I 57 -22.57 -5.85 21.32
CA LEU I 57 -21.93 -5.19 22.45
C LEU I 57 -22.34 -6.05 23.64
N ILE I 58 -21.36 -6.60 24.34
CA ILE I 58 -21.59 -7.47 25.51
C ILE I 58 -21.01 -6.76 26.72
N TYR I 59 -21.75 -6.77 27.83
CA TYR I 59 -21.31 -6.12 29.06
C TYR I 59 -21.84 -6.84 30.30
N SER I 60 -21.15 -6.62 31.43
CA SER I 60 -21.54 -7.15 32.74
C SER I 60 -20.88 -6.40 33.87
N GLN I 61 -21.63 -6.24 34.98
CA GLN I 61 -21.10 -5.66 36.20
C GLN I 61 -21.43 -6.57 37.35
N VAL I 62 -20.47 -6.73 38.26
CA VAL I 62 -20.66 -7.43 39.52
C VAL I 62 -20.22 -6.47 40.62
N LEU I 63 -20.76 -6.63 41.82
CA LEU I 63 -20.38 -5.82 42.98
C LEU I 63 -19.99 -6.80 44.06
N PHE I 64 -18.75 -6.69 44.56
CA PHE I 64 -18.26 -7.52 45.65
C PHE I 64 -18.27 -6.74 46.96
N LYS I 65 -18.56 -7.43 48.07
CA LYS I 65 -18.60 -6.89 49.42
C LYS I 65 -17.95 -7.89 50.39
N GLY I 66 -17.19 -7.34 51.33
CA GLY I 66 -16.52 -8.10 52.37
C GLY I 66 -16.37 -7.22 53.59
N GLN I 67 -16.14 -7.83 54.75
CA GLN I 67 -15.95 -7.10 56.00
C GLN I 67 -14.68 -7.66 56.62
N GLY I 68 -13.62 -6.86 56.58
CA GLY I 68 -12.30 -7.26 57.05
C GLY I 68 -11.62 -8.17 56.04
N CYS I 69 -10.59 -8.91 56.48
CA CYS I 69 -9.82 -9.82 55.63
C CYS I 69 -9.52 -11.18 56.30
N PRO I 70 -9.79 -12.31 55.60
CA PRO I 70 -9.51 -13.63 56.22
C PRO I 70 -8.13 -14.21 55.91
N SER I 71 -7.65 -14.09 54.65
CA SER I 71 -6.37 -14.55 54.10
C SER I 71 -6.22 -13.90 52.70
N HIS I 73 -5.98 -14.68 51.62
CA HIS I 73 -5.90 -14.09 50.29
C HIS I 73 -7.13 -14.41 49.47
N VAL I 74 -7.88 -13.36 49.13
CA VAL I 74 -9.15 -13.38 48.41
C VAL I 74 -8.99 -12.95 46.94
N LEU I 75 -8.94 -13.93 46.04
CA LEU I 75 -8.84 -13.72 44.61
C LEU I 75 -10.27 -13.63 44.06
N LEU I 76 -10.69 -12.44 43.60
CA LEU I 76 -12.05 -12.18 43.09
C LEU I 76 -12.03 -12.01 41.56
N THR I 77 -12.69 -12.93 40.83
CA THR I 77 -12.75 -12.88 39.36
C THR I 77 -14.16 -12.63 38.83
N HIS I 78 -14.22 -12.03 37.63
CA HIS I 78 -15.41 -11.75 36.86
C HIS I 78 -15.05 -11.96 35.40
N THR I 79 -15.75 -12.88 34.73
CA THR I 79 -15.46 -13.21 33.34
C THR I 79 -16.71 -13.36 32.48
N ILE I 80 -16.61 -12.92 31.22
CA ILE I 80 -17.62 -13.10 30.18
C ILE I 80 -16.99 -14.05 29.17
N SER I 81 -17.55 -15.25 29.04
CA SER I 81 -17.02 -16.26 28.14
C SER I 81 -18.01 -16.66 27.04
N ARG I 82 -17.48 -17.02 25.86
CA ARG I 82 -18.21 -17.48 24.69
C ARG I 82 -18.15 -19.01 24.63
N ILE I 83 -19.32 -19.63 24.45
CA ILE I 83 -19.45 -21.08 24.29
C ILE I 83 -20.05 -21.28 22.90
N ALA I 84 -19.21 -21.69 21.95
CA ALA I 84 -19.61 -21.87 20.56
C ALA I 84 -20.45 -23.12 20.33
N VAL I 85 -21.33 -23.07 19.32
CA VAL I 85 -22.19 -24.18 18.91
C VAL I 85 -21.35 -25.22 18.16
N SER I 86 -20.39 -24.74 17.34
CA SER I 86 -19.48 -25.52 16.50
C SER I 86 -18.27 -26.12 17.25
N TYR I 87 -17.41 -25.28 17.86
CA TYR I 87 -16.21 -25.76 18.57
C TYR I 87 -16.55 -26.39 19.93
N GLN I 88 -17.73 -26.04 20.52
CA GLN I 88 -18.28 -26.53 21.80
C GLN I 88 -17.46 -26.08 23.05
N THR I 89 -16.29 -25.42 22.81
CA THR I 89 -15.36 -24.95 23.84
C THR I 89 -15.76 -23.59 24.45
N LYS I 90 -15.24 -23.30 25.66
CA LYS I 90 -15.47 -22.07 26.41
C LYS I 90 -14.22 -21.19 26.33
N VAL I 91 -14.35 -19.98 25.77
CA VAL I 91 -13.24 -19.02 25.64
C VAL I 91 -13.60 -17.70 26.33
N ASN I 92 -12.65 -17.13 27.08
CA ASN I 92 -12.87 -15.86 27.77
C ASN I 92 -12.79 -14.69 26.80
N LEU I 93 -13.85 -13.88 26.75
CA LEU I 93 -13.93 -12.70 25.88
C LEU I 93 -13.50 -11.47 26.67
N LEU I 94 -14.03 -11.32 27.89
CA LEU I 94 -13.78 -10.19 28.79
C LEU I 94 -13.48 -10.77 30.17
N SER I 95 -12.38 -10.34 30.81
CA SER I 95 -11.96 -10.87 32.10
C SER I 95 -11.31 -9.81 32.99
N ALA I 96 -11.60 -9.84 34.29
CA ALA I 96 -11.01 -8.94 35.28
C ALA I 96 -10.84 -9.60 36.64
N ILE I 97 -9.81 -9.18 37.38
CA ILE I 97 -9.47 -9.72 38.70
C ILE I 97 -9.36 -8.57 39.70
N LYS I 98 -9.65 -8.87 40.98
CA LYS I 98 -9.55 -7.93 42.08
C LYS I 98 -9.14 -8.66 43.35
N SER I 99 -8.02 -8.23 43.95
CA SER I 99 -7.51 -8.83 45.18
C SER I 99 -7.41 -7.73 46.24
N PRO I 100 -8.49 -7.55 47.05
CA PRO I 100 -8.48 -6.45 48.01
C PRO I 100 -7.78 -6.74 49.34
N CYS I 101 -7.55 -8.03 49.66
CA CYS I 101 -6.92 -8.43 50.92
C CYS I 101 -5.40 -8.67 50.81
N GLN I 102 -4.60 -7.63 51.07
CA GLN I 102 -3.14 -7.71 51.06
C GLN I 102 -2.60 -8.51 52.25
N ARG I 103 -3.31 -8.46 53.39
CA ARG I 103 -2.95 -9.17 54.61
C ARG I 103 -4.20 -9.45 55.45
N GLU I 104 -4.19 -10.60 56.17
CA GLU I 104 -5.25 -11.04 57.08
C GLU I 104 -5.44 -9.95 58.14
N THR I 105 -6.70 -9.50 58.36
CA THR I 105 -7.02 -8.45 59.33
C THR I 105 -6.38 -8.78 60.70
N PRO I 106 -5.50 -7.89 61.22
CA PRO I 106 -4.84 -8.19 62.51
C PRO I 106 -5.83 -8.42 63.64
N GLU I 107 -5.51 -9.39 64.52
CA GLU I 107 -6.30 -9.76 65.70
C GLU I 107 -6.49 -8.48 66.51
N GLY I 108 -7.66 -7.91 66.39
CA GLY I 108 -7.97 -6.66 67.08
C GLY I 108 -8.39 -5.51 66.19
N ALA I 109 -7.84 -5.42 64.96
CA ALA I 109 -8.17 -4.38 63.98
C ALA I 109 -9.61 -4.50 63.51
N GLU I 110 -10.26 -3.35 63.30
CA GLU I 110 -11.66 -3.26 62.88
C GLU I 110 -11.92 -3.85 61.51
N ALA I 111 -12.95 -4.72 61.44
CA ALA I 111 -13.41 -5.35 60.21
C ALA I 111 -14.37 -4.37 59.55
N LYS I 112 -13.80 -3.44 58.76
CA LYS I 112 -14.54 -2.39 58.07
C LYS I 112 -15.13 -2.90 56.75
N PRO I 113 -16.40 -2.56 56.42
CA PRO I 113 -16.98 -3.08 55.17
C PRO I 113 -16.34 -2.48 53.91
N TRP I 114 -15.83 -3.36 53.03
CA TRP I 114 -15.24 -2.98 51.75
C TRP I 114 -16.13 -3.40 50.56
N TYR I 115 -16.18 -2.54 49.52
CA TYR I 115 -16.96 -2.74 48.30
C TYR I 115 -16.05 -2.66 47.08
N GLU I 116 -16.18 -3.65 46.19
CA GLU I 116 -15.39 -3.75 44.96
C GLU I 116 -16.23 -4.02 43.70
N PRO I 117 -16.53 -2.97 42.89
CA PRO I 117 -17.26 -3.21 41.62
C PRO I 117 -16.31 -3.59 40.49
N ILE I 118 -16.81 -4.35 39.50
CA ILE I 118 -16.06 -4.75 38.32
C ILE I 118 -17.00 -4.57 37.11
N TYR I 119 -16.52 -3.89 36.06
CA TYR I 119 -17.29 -3.69 34.85
C TYR I 119 -16.55 -4.28 33.65
N LEU I 120 -17.25 -5.06 32.81
CA LEU I 120 -16.71 -5.68 31.60
C LEU I 120 -17.59 -5.26 30.43
N GLY I 121 -16.98 -4.95 29.28
CA GLY I 121 -17.74 -4.50 28.13
C GLY I 121 -16.95 -4.40 26.84
N GLY I 122 -17.52 -4.93 25.75
CA GLY I 122 -16.88 -4.89 24.44
C GLY I 122 -17.72 -5.41 23.29
N VAL I 123 -17.29 -5.09 22.06
CA VAL I 123 -17.95 -5.49 20.81
C VAL I 123 -17.30 -6.76 20.25
N PHE I 124 -18.12 -7.79 19.97
CA PHE I 124 -17.66 -9.08 19.45
C PHE I 124 -18.53 -9.60 18.32
N GLN I 125 -17.90 -10.33 17.39
CA GLN I 125 -18.59 -10.99 16.29
C GLN I 125 -19.01 -12.36 16.84
N LEU I 126 -20.32 -12.60 16.89
CA LEU I 126 -20.86 -13.85 17.43
C LEU I 126 -21.65 -14.61 16.40
N GLU I 127 -21.74 -15.93 16.57
CA GLU I 127 -22.49 -16.80 15.68
C GLU I 127 -23.84 -17.17 16.28
N LYS I 128 -24.80 -17.52 15.42
CA LYS I 128 -26.14 -17.95 15.81
C LYS I 128 -26.00 -19.22 16.65
N GLY I 129 -26.60 -19.23 17.83
CA GLY I 129 -26.54 -20.36 18.74
C GLY I 129 -25.45 -20.31 19.79
N ASP I 130 -24.56 -19.28 19.73
CA ASP I 130 -23.49 -19.11 20.70
C ASP I 130 -24.09 -18.80 22.07
N ARG I 131 -23.42 -19.26 23.13
CA ARG I 131 -23.84 -19.04 24.50
C ARG I 131 -22.86 -18.11 25.22
N LEU I 132 -23.40 -17.12 25.93
CA LEU I 132 -22.61 -16.13 26.67
C LEU I 132 -22.82 -16.37 28.15
N SER I 133 -21.72 -16.47 28.89
CA SER I 133 -21.74 -16.70 30.32
C SER I 133 -21.03 -15.56 31.04
N ALA I 134 -21.65 -15.02 32.10
CA ALA I 134 -21.04 -13.98 32.93
C ALA I 134 -20.97 -14.58 34.32
N GLU I 135 -19.77 -14.97 34.73
CA GLU I 135 -19.51 -15.69 35.97
C GLU I 135 -18.53 -15.03 36.92
N ILE I 136 -18.66 -15.40 38.20
CA ILE I 136 -17.78 -15.02 39.31
C ILE I 136 -17.31 -16.32 39.98
N ASN I 137 -16.24 -16.24 40.77
CA ASN I 137 -15.67 -17.41 41.46
C ASN I 137 -16.07 -17.50 42.94
N ARG I 138 -16.42 -16.36 43.56
CA ARG I 138 -16.73 -16.30 44.99
C ARG I 138 -18.12 -15.73 45.31
N PRO I 139 -19.19 -16.58 45.28
CA PRO I 139 -20.53 -16.05 45.59
C PRO I 139 -20.69 -15.54 47.02
N ASP I 140 -19.81 -15.98 47.93
CA ASP I 140 -19.78 -15.53 49.32
C ASP I 140 -19.41 -14.05 49.44
N TYR I 141 -18.75 -13.48 48.40
CA TYR I 141 -18.37 -12.08 48.36
C TYR I 141 -19.31 -11.23 47.49
N LEU I 142 -20.21 -11.87 46.73
CA LEU I 142 -21.13 -11.18 45.84
C LEU I 142 -22.18 -10.34 46.57
N ASP I 143 -22.43 -9.10 46.09
CA ASP I 143 -23.41 -8.18 46.66
C ASP I 143 -24.51 -7.78 45.67
N PHE I 144 -25.64 -8.51 45.71
CA PHE I 144 -26.82 -8.26 44.88
C PHE I 144 -28.02 -7.85 45.74
N ALA I 145 -27.75 -7.33 46.96
CA ALA I 145 -28.74 -6.91 47.95
C ALA I 145 -29.69 -5.82 47.46
N GLU I 146 -29.19 -4.90 46.61
CA GLU I 146 -29.99 -3.81 46.05
C GLU I 146 -29.91 -3.79 44.51
N SER I 147 -30.92 -3.15 43.87
CA SER I 147 -31.06 -3.04 42.41
C SER I 147 -29.92 -2.28 41.72
N GLY I 148 -29.60 -2.69 40.48
CA GLY I 148 -28.59 -2.08 39.61
C GLY I 148 -27.13 -2.40 39.90
N GLN I 149 -26.88 -3.26 40.91
CA GLN I 149 -25.52 -3.62 41.35
C GLN I 149 -24.86 -4.71 40.52
N VAL I 150 -25.64 -5.68 40.03
CA VAL I 150 -25.04 -6.77 39.25
C VAL I 150 -26.00 -7.12 38.10
N TYR I 151 -25.47 -7.00 36.89
CA TYR I 151 -26.18 -7.16 35.64
C TYR I 151 -25.29 -7.71 34.53
N PHE I 152 -25.92 -8.17 33.44
CA PHE I 152 -25.29 -8.80 32.29
C PHE I 152 -26.19 -8.50 31.09
N GLY I 153 -25.62 -7.95 30.02
CA GLY I 153 -26.41 -7.61 28.85
C GLY I 153 -25.70 -7.68 27.52
N ILE I 154 -26.50 -7.80 26.44
CA ILE I 154 -26.03 -7.83 25.04
C ILE I 154 -26.96 -7.00 24.17
N ILE I 155 -26.45 -6.48 23.06
CA ILE I 155 -27.22 -5.74 22.07
C ILE I 155 -26.56 -5.90 20.70
N ALA I 156 -27.35 -6.34 19.71
CA ALA I 156 -26.86 -6.47 18.33
C ALA I 156 -26.63 -5.08 17.77
N LEU I 157 -25.49 -4.88 17.10
CA LEU I 157 -25.13 -3.60 16.49
C LEU I 157 -24.77 -3.82 15.03
N GLN J 3 -19.73 -29.60 68.03
CA GLN J 3 -19.07 -28.54 67.29
C GLN J 3 -19.68 -27.16 67.53
N LEU J 4 -21.02 -27.04 67.50
CA LEU J 4 -21.69 -25.75 67.67
C LEU J 4 -22.43 -25.61 69.00
N GLN J 5 -22.33 -24.44 69.65
CA GLN J 5 -23.04 -24.15 70.90
C GLN J 5 -23.61 -22.75 70.96
N GLU J 6 -24.89 -22.65 71.34
CA GLU J 6 -25.62 -21.39 71.47
C GLU J 6 -25.66 -20.93 72.91
N SER J 7 -25.53 -19.62 73.13
CA SER J 7 -25.59 -18.98 74.44
C SER J 7 -26.49 -17.74 74.35
N GLY J 8 -26.83 -17.18 75.51
CA GLY J 8 -27.77 -16.07 75.60
C GLY J 8 -29.16 -16.66 75.67
N GLY J 9 -30.18 -15.87 75.34
CA GLY J 9 -31.55 -16.36 75.36
C GLY J 9 -32.21 -16.30 76.72
N GLY J 10 -33.45 -16.78 76.76
CA GLY J 10 -34.27 -16.78 77.95
C GLY J 10 -35.43 -15.82 77.83
N LEU J 11 -35.85 -15.24 78.96
CA LEU J 11 -36.97 -14.33 79.03
C LEU J 11 -36.63 -12.89 78.70
N VAL J 12 -37.57 -12.22 78.01
CA VAL J 12 -37.51 -10.81 77.61
C VAL J 12 -38.93 -10.23 77.48
N GLN J 13 -39.11 -8.96 77.86
CA GLN J 13 -40.39 -8.26 77.77
C GLN J 13 -40.69 -7.91 76.30
N PRO J 14 -41.98 -7.91 75.85
CA PRO J 14 -42.28 -7.54 74.45
C PRO J 14 -41.87 -6.11 74.13
N GLY J 15 -41.22 -5.94 72.98
CA GLY J 15 -40.66 -4.67 72.52
C GLY J 15 -39.23 -4.49 72.97
N GLY J 16 -38.67 -5.54 73.57
CA GLY J 16 -37.31 -5.57 74.09
C GLY J 16 -36.29 -6.18 73.13
N SER J 17 -35.04 -6.30 73.61
CA SER J 17 -33.92 -6.83 72.84
C SER J 17 -33.20 -8.00 73.53
N LEU J 18 -32.57 -8.87 72.73
CA LEU J 18 -31.83 -10.04 73.20
C LEU J 18 -30.68 -10.41 72.24
N ARG J 19 -29.51 -10.78 72.78
CA ARG J 19 -28.35 -11.17 71.97
C ARG J 19 -28.01 -12.66 72.16
N LEU J 20 -28.03 -13.40 71.05
CA LEU J 20 -27.67 -14.82 71.01
C LEU J 20 -26.26 -14.95 70.43
N SER J 21 -25.51 -15.96 70.90
CA SER J 21 -24.15 -16.19 70.43
C SER J 21 -23.96 -17.65 70.03
N CYS J 22 -23.14 -17.90 69.00
CA CYS J 22 -22.82 -19.24 68.52
C CYS J 22 -21.31 -19.43 68.27
N ALA J 23 -20.69 -20.34 69.02
CA ALA J 23 -19.27 -20.64 68.88
C ALA J 23 -18.99 -22.04 68.34
N ALA J 24 -17.82 -22.23 67.70
CA ALA J 24 -17.37 -23.50 67.11
C ALA J 24 -16.16 -24.11 67.82
N SER J 25 -16.40 -25.17 68.62
CA SER J 25 -15.36 -25.86 69.39
C SER J 25 -14.60 -26.89 68.56
N GLY J 26 -13.35 -27.14 68.93
CA GLY J 26 -12.44 -28.09 68.29
C GLY J 26 -12.02 -27.62 66.91
N ARG J 27 -12.94 -27.77 65.93
CA ARG J 27 -12.75 -27.29 64.57
C ARG J 27 -13.14 -25.80 64.57
N THR J 28 -12.24 -24.94 64.09
CA THR J 28 -12.43 -23.49 64.06
C THR J 28 -13.15 -23.02 62.78
N PHE J 29 -13.78 -21.83 62.82
CA PHE J 29 -14.45 -21.26 61.65
C PHE J 29 -13.43 -20.85 60.57
N SER J 30 -12.17 -20.67 60.96
CA SER J 30 -11.04 -20.35 60.07
C SER J 30 -10.48 -21.64 59.44
N ASP J 31 -10.72 -22.78 60.12
CA ASP J 31 -10.29 -24.13 59.74
C ASP J 31 -11.32 -24.79 58.79
N HIS J 32 -11.37 -24.27 57.56
CA HIS J 32 -12.26 -24.75 56.51
C HIS J 32 -11.48 -25.39 55.36
N SER J 33 -12.12 -26.31 54.61
CA SER J 33 -11.54 -26.97 53.44
C SER J 33 -12.01 -26.25 52.17
N GLY J 34 -13.25 -25.73 52.23
CA GLY J 34 -13.87 -24.99 51.13
C GLY J 34 -13.41 -23.55 51.04
N TYR J 35 -14.32 -22.65 50.65
CA TYR J 35 -14.04 -21.22 50.51
C TYR J 35 -14.24 -20.51 51.85
N THR J 36 -15.26 -20.97 52.62
CA THR J 36 -15.66 -20.44 53.91
C THR J 36 -16.63 -21.37 54.64
N TYR J 37 -16.93 -21.02 55.89
CA TYR J 37 -17.99 -21.64 56.66
C TYR J 37 -19.18 -20.72 56.45
N THR J 38 -20.37 -21.31 56.32
CA THR J 38 -21.60 -20.54 56.21
C THR J 38 -22.35 -20.88 57.49
N ILE J 39 -22.69 -19.86 58.27
CA ILE J 39 -23.37 -20.02 59.54
C ILE J 39 -24.77 -19.43 59.44
N GLY J 40 -25.75 -20.23 59.84
CA GLY J 40 -27.15 -19.85 59.83
C GLY J 40 -27.80 -19.95 61.19
N TRP J 41 -28.75 -19.05 61.43
CA TRP J 41 -29.57 -19.03 62.63
C TRP J 41 -30.97 -19.44 62.18
N PHE J 42 -31.57 -20.36 62.92
CA PHE J 42 -32.90 -20.92 62.68
C PHE J 42 -33.70 -20.84 63.96
N ARG J 43 -35.02 -21.03 63.85
CA ARG J 43 -35.91 -21.06 65.00
C ARG J 43 -37.02 -22.06 64.78
N GLN J 44 -37.43 -22.74 65.87
CA GLN J 44 -38.53 -23.69 65.82
C GLN J 44 -39.52 -23.37 66.93
N ALA J 45 -40.68 -22.84 66.55
CA ALA J 45 -41.76 -22.50 67.45
C ALA J 45 -42.51 -23.80 67.74
N PRO J 46 -43.03 -24.00 68.98
CA PRO J 46 -43.70 -25.27 69.31
C PRO J 46 -44.73 -25.73 68.29
N GLY J 47 -44.59 -26.98 67.86
CA GLY J 47 -45.45 -27.64 66.88
C GLY J 47 -45.49 -26.99 65.50
N LYS J 48 -44.41 -26.30 65.13
CA LYS J 48 -44.26 -25.62 63.85
C LYS J 48 -42.92 -26.04 63.25
N GLU J 49 -42.79 -25.99 61.91
CA GLU J 49 -41.56 -26.38 61.22
C GLU J 49 -40.42 -25.39 61.46
N ARG J 50 -39.18 -25.92 61.53
CA ARG J 50 -37.94 -25.16 61.73
C ARG J 50 -37.83 -24.13 60.60
N GLU J 51 -37.65 -22.85 60.95
CA GLU J 51 -37.58 -21.81 59.93
C GLU J 51 -36.29 -21.00 59.99
N PHE J 52 -35.83 -20.59 58.79
CA PHE J 52 -34.63 -19.76 58.60
C PHE J 52 -34.82 -18.38 59.23
N VAL J 53 -33.77 -17.87 59.88
CA VAL J 53 -33.80 -16.55 60.50
C VAL J 53 -32.80 -15.63 59.77
N ALA J 54 -31.51 -15.98 59.84
CA ALA J 54 -30.44 -15.18 59.24
C ALA J 54 -29.26 -16.07 58.85
N ARG J 55 -28.43 -15.59 57.92
CA ARG J 55 -27.24 -16.28 57.45
C ARG J 55 -26.08 -15.30 57.37
N ILE J 56 -24.86 -15.80 57.61
CA ILE J 56 -23.64 -15.06 57.50
C ILE J 56 -22.52 -15.97 56.97
N TYR J 57 -21.65 -15.45 56.07
CA TYR J 57 -20.48 -16.16 55.58
C TYR J 57 -19.35 -15.73 56.49
N TRP J 58 -18.56 -16.68 57.01
CA TRP J 58 -17.46 -16.34 57.91
C TRP J 58 -16.39 -15.46 57.22
N SER J 59 -16.12 -15.73 55.94
CA SER J 59 -15.14 -15.03 55.11
C SER J 59 -15.44 -13.55 54.94
N SER J 60 -16.58 -13.25 54.29
CA SER J 60 -17.03 -11.93 53.92
C SER J 60 -17.85 -11.18 54.96
N GLY J 61 -18.63 -11.91 55.75
CA GLY J 61 -19.55 -11.30 56.70
C GLY J 61 -20.82 -10.81 56.00
N ASN J 62 -21.08 -11.30 54.77
CA ASN J 62 -22.25 -10.95 53.98
C ASN J 62 -23.45 -11.73 54.51
N THR J 63 -24.58 -11.03 54.65
CA THR J 63 -25.76 -11.52 55.31
C THR J 63 -27.03 -11.65 54.47
N TYR J 64 -27.98 -12.44 54.98
CA TYR J 64 -29.32 -12.63 54.43
C TYR J 64 -30.26 -12.83 55.61
N TYR J 65 -31.40 -12.13 55.59
CA TYR J 65 -32.40 -12.18 56.65
C TYR J 65 -33.74 -12.61 56.10
N ALA J 66 -34.54 -13.30 56.94
CA ALA J 66 -35.92 -13.66 56.62
C ALA J 66 -36.68 -12.33 56.60
N ASP J 67 -37.67 -12.19 55.71
CA ASP J 67 -38.45 -10.94 55.56
C ASP J 67 -38.97 -10.36 56.87
N SER J 68 -39.49 -11.21 57.77
CA SER J 68 -40.05 -10.79 59.07
C SER J 68 -39.00 -10.33 60.11
N VAL J 69 -37.68 -10.55 59.85
CA VAL J 69 -36.61 -10.17 60.79
C VAL J 69 -35.70 -9.06 60.22
N LYS J 70 -35.72 -8.86 58.89
CA LYS J 70 -34.94 -7.85 58.18
C LYS J 70 -35.28 -6.45 58.73
N GLY J 71 -34.24 -5.75 59.21
CA GLY J 71 -34.38 -4.42 59.80
C GLY J 71 -34.39 -4.37 61.31
N ARG J 72 -34.76 -5.49 61.99
CA ARG J 72 -34.82 -5.57 63.46
C ARG J 72 -33.83 -6.58 64.06
N PHE J 73 -33.35 -7.54 63.24
CA PHE J 73 -32.35 -8.52 63.67
C PHE J 73 -31.06 -8.25 62.92
N ALA J 74 -29.93 -8.48 63.59
CA ALA J 74 -28.61 -8.30 62.99
C ALA J 74 -27.71 -9.50 63.30
N ILE J 75 -27.19 -10.14 62.25
CA ILE J 75 -26.26 -11.26 62.35
C ILE J 75 -24.83 -10.72 62.11
N SER J 76 -23.92 -11.01 63.04
CA SER J 76 -22.54 -10.52 62.97
C SER J 76 -21.54 -11.62 63.33
N ARG J 77 -20.30 -11.50 62.85
CA ARG J 77 -19.29 -12.50 63.12
C ARG J 77 -18.07 -11.87 63.82
N ASP J 78 -17.78 -12.37 65.05
CA ASP J 78 -16.67 -11.94 65.89
C ASP J 78 -15.53 -12.93 65.69
N ILE J 79 -14.58 -12.55 64.81
CA ILE J 79 -13.41 -13.32 64.37
C ILE J 79 -12.53 -13.75 65.55
N ALA J 80 -12.15 -12.79 66.42
CA ALA J 80 -11.29 -13.02 67.58
C ALA J 80 -11.83 -14.03 68.58
N LYS J 81 -13.12 -13.93 68.94
CA LYS J 81 -13.74 -14.85 69.89
C LYS J 81 -14.38 -16.08 69.21
N ASN J 82 -14.25 -16.18 67.85
CA ASN J 82 -14.77 -17.23 66.95
C ASN J 82 -16.26 -17.52 67.21
N THR J 83 -17.06 -16.44 67.25
CA THR J 83 -18.48 -16.51 67.56
C THR J 83 -19.35 -15.72 66.57
N VAL J 84 -20.49 -16.32 66.18
CA VAL J 84 -21.51 -15.72 65.32
C VAL J 84 -22.63 -15.24 66.23
N ASP J 85 -22.84 -13.91 66.30
CA ASP J 85 -23.87 -13.32 67.13
C ASP J 85 -25.13 -12.96 66.36
N LEU J 86 -26.28 -13.06 67.05
CA LEU J 86 -27.57 -12.66 66.52
C LEU J 86 -28.22 -11.70 67.52
N THR J 87 -28.29 -10.42 67.14
CA THR J 87 -28.91 -9.36 67.95
C THR J 87 -30.35 -9.27 67.48
N MET J 88 -31.31 -9.47 68.39
CA MET J 88 -32.74 -9.45 68.09
C MET J 88 -33.42 -8.28 68.80
N ASN J 89 -33.84 -7.25 68.05
CA ASN J 89 -34.53 -6.08 68.63
C ASN J 89 -36.02 -6.17 68.30
N ASN J 90 -36.83 -5.28 68.93
CA ASN J 90 -38.29 -5.18 68.74
C ASN J 90 -38.96 -6.57 68.82
N LEU J 91 -38.71 -7.28 69.93
CA LEU J 91 -39.26 -8.61 70.15
C LEU J 91 -40.77 -8.60 70.34
N GLU J 92 -41.41 -9.71 69.95
CA GLU J 92 -42.86 -9.88 69.96
C GLU J 92 -43.19 -11.29 70.50
N PRO J 93 -44.36 -11.52 71.17
CA PRO J 93 -44.68 -12.87 71.67
C PRO J 93 -44.50 -14.02 70.68
N GLU J 94 -44.77 -13.82 69.37
CA GLU J 94 -44.61 -14.92 68.40
C GLU J 94 -43.12 -15.17 68.02
N ASP J 95 -42.19 -14.39 68.58
CA ASP J 95 -40.75 -14.62 68.40
C ASP J 95 -40.26 -15.73 69.34
N THR J 96 -41.10 -16.08 70.34
CA THR J 96 -40.87 -17.16 71.31
C THR J 96 -40.67 -18.46 70.55
N ALA J 97 -39.46 -19.05 70.69
CA ALA J 97 -39.06 -20.30 70.01
C ALA J 97 -37.70 -20.80 70.52
N VAL J 98 -37.32 -22.01 70.08
CA VAL J 98 -35.99 -22.56 70.36
C VAL J 98 -35.12 -22.19 69.15
N TYR J 99 -34.13 -21.32 69.39
CA TYR J 99 -33.23 -20.79 68.37
C TYR J 99 -32.00 -21.67 68.23
N TYR J 100 -31.72 -22.07 66.99
CA TYR J 100 -30.62 -22.97 66.65
C TYR J 100 -29.58 -22.35 65.75
N CYS J 101 -28.33 -22.73 66.00
CA CYS J 101 -27.21 -22.33 65.19
C CYS J 101 -26.83 -23.52 64.32
N ALA J 102 -26.57 -23.27 63.02
CA ALA J 102 -26.21 -24.30 62.04
C ALA J 102 -25.04 -23.83 61.19
N ALA J 103 -24.17 -24.77 60.80
CA ALA J 103 -23.01 -24.44 59.98
C ALA J 103 -22.79 -25.43 58.85
N ARG J 104 -22.07 -24.99 57.81
CA ARG J 104 -21.70 -25.78 56.63
C ARG J 104 -20.32 -25.30 56.16
N ASP J 105 -19.37 -26.25 55.96
CA ASP J 105 -18.04 -25.95 55.43
C ASP J 105 -18.20 -25.92 53.89
N GLY J 106 -18.61 -24.77 53.40
CA GLY J 106 -18.89 -24.50 51.99
C GLY J 106 -19.97 -23.46 51.83
N ILE J 107 -20.41 -23.24 50.57
CA ILE J 107 -21.45 -22.26 50.25
C ILE J 107 -22.75 -22.94 49.80
N PRO J 108 -23.80 -22.98 50.67
CA PRO J 108 -25.07 -23.58 50.27
C PRO J 108 -25.76 -22.79 49.17
N THR J 109 -26.53 -23.49 48.32
CA THR J 109 -27.29 -22.92 47.21
C THR J 109 -28.77 -22.80 47.59
N SER J 110 -29.05 -22.91 48.91
CA SER J 110 -30.39 -22.85 49.51
C SER J 110 -30.30 -22.44 50.98
N ARG J 111 -31.39 -21.83 51.49
CA ARG J 111 -31.57 -21.42 52.88
C ARG J 111 -32.43 -22.47 53.63
N SER J 112 -32.60 -23.64 52.99
CA SER J 112 -33.37 -24.77 53.52
C SER J 112 -32.63 -25.35 54.72
N VAL J 113 -33.41 -25.91 55.67
CA VAL J 113 -32.90 -26.56 56.88
C VAL J 113 -32.03 -27.78 56.44
N GLU J 114 -32.44 -28.44 55.33
CA GLU J 114 -31.76 -29.59 54.68
C GLU J 114 -30.33 -29.27 54.21
N SER J 115 -30.05 -27.99 53.89
CA SER J 115 -28.75 -27.51 53.41
C SER J 115 -27.64 -27.51 54.47
N TYR J 116 -28.01 -27.59 55.77
CA TYR J 116 -27.05 -27.61 56.87
C TYR J 116 -27.05 -28.97 57.55
N ASN J 117 -25.86 -29.50 57.86
CA ASN J 117 -25.71 -30.81 58.53
C ASN J 117 -25.42 -30.69 60.02
N TYR J 118 -24.61 -29.69 60.41
CA TYR J 118 -24.17 -29.50 61.78
C TYR J 118 -24.98 -28.47 62.51
N TRP J 119 -25.51 -28.87 63.66
CA TRP J 119 -26.39 -28.07 64.49
C TRP J 119 -26.00 -28.01 65.96
N GLY J 120 -26.37 -26.89 66.59
CA GLY J 120 -26.20 -26.70 68.03
C GLY J 120 -27.41 -27.32 68.71
N GLN J 121 -27.36 -27.48 70.06
CA GLN J 121 -28.49 -28.06 70.79
C GLN J 121 -29.74 -27.15 70.85
N GLY J 122 -29.54 -25.86 70.65
CA GLY J 122 -30.62 -24.88 70.67
C GLY J 122 -30.73 -24.14 71.98
N THR J 123 -31.34 -22.94 71.92
CA THR J 123 -31.56 -22.08 73.08
C THR J 123 -32.96 -21.50 73.04
N GLN J 124 -33.68 -21.65 74.17
CA GLN J 124 -35.04 -21.16 74.35
C GLN J 124 -35.05 -19.64 74.54
N VAL J 125 -35.89 -18.97 73.76
CA VAL J 125 -36.14 -17.52 73.82
C VAL J 125 -37.63 -17.37 74.06
N THR J 126 -37.99 -16.69 75.15
CA THR J 126 -39.39 -16.46 75.52
C THR J 126 -39.68 -14.96 75.62
N VAL J 127 -40.64 -14.48 74.83
CA VAL J 127 -41.02 -13.08 74.80
C VAL J 127 -42.40 -12.91 75.49
N SER J 128 -42.40 -12.46 76.76
CA SER J 128 -43.63 -12.27 77.56
C SER J 128 -43.49 -11.21 78.66
N SER J 129 -44.65 -10.69 79.13
CA SER J 129 -44.80 -9.67 80.18
C SER J 129 -44.22 -10.15 81.52
N THR K 7 -23.94 17.38 14.12
CA THR K 7 -24.14 15.94 14.31
C THR K 7 -24.76 15.34 13.03
N PRO K 8 -24.11 14.33 12.41
CA PRO K 8 -24.68 13.75 11.17
C PRO K 8 -25.74 12.67 11.41
N SER K 9 -25.73 12.04 12.60
CA SER K 9 -26.66 10.98 12.96
C SER K 9 -28.05 11.51 13.32
N ASP K 10 -29.07 10.66 13.12
CA ASP K 10 -30.48 10.93 13.39
C ASP K 10 -30.87 10.45 14.80
N LYS K 11 -29.97 9.70 15.46
CA LYS K 11 -30.21 9.09 16.77
C LYS K 11 -30.04 10.03 17.98
N PRO K 12 -31.04 10.08 18.91
CA PRO K 12 -30.89 10.88 20.14
C PRO K 12 -29.60 10.51 20.91
N VAL K 13 -28.79 11.52 21.27
CA VAL K 13 -27.49 11.35 21.95
C VAL K 13 -27.24 12.37 23.02
N ALA K 14 -26.39 11.98 23.96
CA ALA K 14 -25.87 12.85 25.01
C ALA K 14 -24.58 12.27 25.54
N HIS K 15 -23.62 13.15 25.81
CA HIS K 15 -22.35 12.87 26.46
C HIS K 15 -22.03 14.16 27.18
N VAL K 16 -22.47 14.24 28.43
CA VAL K 16 -22.29 15.40 29.27
C VAL K 16 -21.16 15.16 30.24
N VAL K 17 -20.51 16.25 30.65
CA VAL K 17 -19.33 16.17 31.48
C VAL K 17 -19.44 17.07 32.71
N ALA K 18 -18.75 16.70 33.81
CA ALA K 18 -18.75 17.49 35.04
C ALA K 18 -18.16 18.86 34.79
N ASN K 19 -18.81 19.90 35.36
CA ASN K 19 -18.35 21.28 35.26
C ASN K 19 -17.10 21.38 36.15
N PRO K 20 -15.89 21.66 35.58
CA PRO K 20 -14.69 21.74 36.44
C PRO K 20 -14.70 22.94 37.38
N GLN K 21 -15.53 23.96 37.07
CA GLN K 21 -15.69 25.20 37.84
C GLN K 21 -16.76 25.12 38.93
N ALA K 22 -17.60 24.06 38.95
CA ALA K 22 -18.66 23.89 39.96
C ALA K 22 -18.06 23.62 41.34
N GLU K 23 -18.73 24.12 42.39
CA GLU K 23 -18.28 23.95 43.76
C GLU K 23 -19.22 23.03 44.54
N GLY K 24 -18.63 22.03 45.19
CA GLY K 24 -19.31 21.03 46.03
C GLY K 24 -20.54 20.37 45.44
N GLN K 25 -20.53 20.14 44.11
CA GLN K 25 -21.63 19.50 43.39
C GLN K 25 -21.15 18.85 42.10
N LEU K 26 -21.91 17.87 41.61
CA LEU K 26 -21.64 17.21 40.34
C LEU K 26 -22.64 17.81 39.35
N GLN K 27 -22.19 18.84 38.61
CA GLN K 27 -22.99 19.57 37.64
C GLN K 27 -22.64 19.18 36.21
N TRP K 28 -23.60 18.59 35.51
CA TRP K 28 -23.37 18.15 34.14
C TRP K 28 -23.42 19.27 33.14
N LEU K 29 -22.53 19.20 32.16
CA LEU K 29 -22.42 20.22 31.14
C LEU K 29 -22.35 19.69 29.73
N ASN K 30 -23.05 20.36 28.83
CA ASN K 30 -22.92 19.98 27.44
C ASN K 30 -22.07 21.01 26.69
N ARG K 31 -21.93 22.21 27.23
CA ARG K 31 -21.16 23.29 26.61
C ARG K 31 -19.65 23.16 26.73
N ARG K 32 -19.10 22.16 26.14
CA ARG K 32 -17.70 21.91 26.17
C ARG K 32 -17.30 21.09 24.96
N ALA K 33 -16.04 21.15 24.64
CA ALA K 33 -15.54 20.39 23.54
C ALA K 33 -15.60 18.90 23.89
N ASN K 34 -15.93 18.10 22.92
CA ASN K 34 -16.07 16.63 23.07
C ASN K 34 -17.23 16.21 23.99
N ALA K 35 -18.24 17.09 24.10
CA ALA K 35 -19.49 16.89 24.84
C ALA K 35 -20.65 16.97 23.82
N LEU K 36 -21.62 16.04 23.94
CA LEU K 36 -22.75 15.93 23.03
C LEU K 36 -24.09 16.12 23.69
N LEU K 37 -25.05 16.59 22.89
CA LEU K 37 -26.46 16.81 23.21
C LEU K 37 -27.13 17.05 21.85
N ALA K 38 -27.68 15.98 21.25
CA ALA K 38 -28.29 16.07 19.93
C ALA K 38 -29.53 15.22 19.74
N ASN K 39 -30.30 15.55 18.69
CA ASN K 39 -31.49 14.87 18.22
C ASN K 39 -32.57 14.70 19.31
N GLY K 40 -32.89 15.79 19.99
CA GLY K 40 -33.95 15.85 20.99
C GLY K 40 -33.58 15.70 22.44
N VAL K 41 -32.44 15.04 22.76
CA VAL K 41 -32.02 14.87 24.16
C VAL K 41 -31.75 16.25 24.78
N GLU K 42 -32.29 16.47 25.98
CA GLU K 42 -32.17 17.71 26.74
C GLU K 42 -31.49 17.47 28.09
N LEU K 43 -30.91 18.55 28.65
CA LEU K 43 -30.27 18.60 29.96
C LEU K 43 -31.04 19.69 30.70
N ARG K 44 -31.99 19.30 31.57
CA ARG K 44 -32.85 20.28 32.24
C ARG K 44 -32.43 20.62 33.68
N ASP K 45 -32.74 19.76 34.67
CA ASP K 45 -32.37 20.06 36.05
C ASP K 45 -31.29 19.10 36.49
N ASN K 46 -30.13 19.19 35.78
CA ASN K 46 -28.95 18.33 35.93
C ASN K 46 -29.27 16.88 35.50
N GLN K 47 -30.35 16.71 34.71
CA GLN K 47 -30.84 15.40 34.27
C GLN K 47 -31.01 15.31 32.76
N LEU K 48 -30.81 14.11 32.19
CA LEU K 48 -31.00 13.90 30.75
C LEU K 48 -32.45 13.50 30.49
N VAL K 49 -33.11 14.26 29.59
CA VAL K 49 -34.52 14.05 29.24
C VAL K 49 -34.63 13.25 27.92
N VAL K 50 -35.30 12.08 28.00
CA VAL K 50 -35.53 11.17 26.88
C VAL K 50 -36.54 11.80 25.87
N PRO K 51 -36.14 12.02 24.59
CA PRO K 51 -37.08 12.64 23.63
C PRO K 51 -38.11 11.70 23.00
N SER K 52 -37.80 10.40 22.95
CA SER K 52 -38.66 9.38 22.33
C SER K 52 -38.42 8.01 22.94
N GLU K 53 -39.44 7.14 22.83
CA GLU K 53 -39.41 5.76 23.32
C GLU K 53 -38.39 4.94 22.54
N GLY K 54 -37.82 3.93 23.21
CA GLY K 54 -36.86 3.02 22.60
C GLY K 54 -35.82 2.47 23.54
N LEU K 55 -34.84 1.77 22.96
CA LEU K 55 -33.72 1.17 23.70
C LEU K 55 -32.59 2.17 23.75
N TYR K 56 -32.03 2.38 24.93
CA TYR K 56 -30.95 3.32 25.11
C TYR K 56 -29.81 2.68 25.87
N LEU K 57 -28.57 2.93 25.40
CA LEU K 57 -27.37 2.54 26.13
C LEU K 57 -27.09 3.74 27.02
N ILE K 58 -27.12 3.53 28.34
CA ILE K 58 -26.88 4.58 29.34
C ILE K 58 -25.56 4.24 30.05
N TYR K 59 -24.71 5.24 30.26
CA TYR K 59 -23.42 5.05 30.94
C TYR K 59 -23.01 6.30 31.71
N SER K 60 -22.14 6.13 32.71
CA SER K 60 -21.61 7.20 33.54
C SER K 60 -20.35 6.75 34.27
N GLN K 61 -19.35 7.65 34.34
CA GLN K 61 -18.14 7.43 35.11
C GLN K 61 -17.95 8.58 36.06
N VAL K 62 -17.52 8.26 37.28
CA VAL K 62 -17.12 9.24 38.28
C VAL K 62 -15.72 8.85 38.74
N LEU K 63 -14.93 9.81 39.21
CA LEU K 63 -13.59 9.56 39.74
C LEU K 63 -13.57 10.15 41.13
N PHE K 64 -13.27 9.33 42.13
CA PHE K 64 -13.16 9.79 43.52
C PHE K 64 -11.71 9.90 43.91
N LYS K 65 -11.40 10.87 44.76
CA LYS K 65 -10.04 11.03 45.23
C LYS K 65 -10.02 11.58 46.66
N GLY K 66 -9.07 11.08 47.44
CA GLY K 66 -8.88 11.45 48.82
C GLY K 66 -7.41 11.45 49.23
N GLN K 67 -7.14 11.87 50.46
CA GLN K 67 -5.81 11.98 51.06
C GLN K 67 -6.00 11.62 52.53
N GLY K 68 -5.37 10.52 52.95
CA GLY K 68 -5.51 10.02 54.32
C GLY K 68 -6.87 9.42 54.60
N CYS K 69 -7.15 9.16 55.88
CA CYS K 69 -8.42 8.58 56.33
C CYS K 69 -8.92 9.16 57.65
N PRO K 70 -10.18 9.67 57.70
CA PRO K 70 -10.71 10.21 58.97
C PRO K 70 -11.31 9.13 59.88
N HIS K 73 -14.64 6.35 58.77
CA HIS K 73 -15.01 5.47 57.67
C HIS K 73 -16.08 6.11 56.77
N VAL K 74 -15.83 6.11 55.44
CA VAL K 74 -16.70 6.72 54.42
C VAL K 74 -17.17 5.73 53.34
N LEU K 75 -18.44 5.89 52.92
CA LEU K 75 -19.12 5.10 51.90
C LEU K 75 -19.32 5.97 50.65
N LEU K 76 -18.81 5.53 49.49
CA LEU K 76 -18.90 6.29 48.23
C LEU K 76 -19.81 5.57 47.21
N THR K 77 -20.91 6.24 46.79
CA THR K 77 -21.88 5.67 45.82
C THR K 77 -21.94 6.46 44.52
N HIS K 78 -22.34 5.75 43.45
CA HIS K 78 -22.56 6.26 42.10
C HIS K 78 -23.76 5.51 41.55
N THR K 79 -24.82 6.25 41.20
CA THR K 79 -26.06 5.65 40.70
C THR K 79 -26.63 6.36 39.49
N ILE K 80 -27.24 5.57 38.58
CA ILE K 80 -27.98 6.04 37.41
C ILE K 80 -29.44 5.66 37.71
N SER K 81 -30.31 6.67 37.86
CA SER K 81 -31.71 6.43 38.19
C SER K 81 -32.69 7.01 37.17
N ARG K 82 -33.79 6.26 36.91
CA ARG K 82 -34.87 6.60 35.99
C ARG K 82 -35.99 7.30 36.76
N ILE K 83 -36.45 8.44 36.24
CA ILE K 83 -37.56 9.19 36.80
C ILE K 83 -38.63 9.22 35.69
N ALA K 84 -39.66 8.40 35.85
CA ALA K 84 -40.72 8.27 34.86
C ALA K 84 -41.69 9.45 34.84
N VAL K 85 -42.26 9.73 33.66
CA VAL K 85 -43.25 10.78 33.45
C VAL K 85 -44.60 10.35 34.04
N SER K 86 -44.92 9.05 33.90
CA SER K 86 -46.15 8.40 34.35
C SER K 86 -46.18 8.06 35.85
N TYR K 87 -45.25 7.20 36.33
CA TYR K 87 -45.22 6.78 37.74
C TYR K 87 -44.68 7.89 38.67
N GLN K 88 -43.89 8.85 38.12
CA GLN K 88 -43.27 10.01 38.80
C GLN K 88 -42.18 9.62 39.83
N THR K 89 -41.99 8.31 40.07
CA THR K 89 -41.03 7.73 41.02
C THR K 89 -39.61 7.61 40.44
N LYS K 90 -38.61 7.53 41.35
CA LYS K 90 -37.19 7.41 41.04
C LYS K 90 -36.74 5.97 41.33
N VAL K 91 -36.26 5.26 40.29
CA VAL K 91 -35.78 3.88 40.42
C VAL K 91 -34.33 3.76 39.95
N ASN K 92 -33.49 3.04 40.70
CA ASN K 92 -32.09 2.84 40.32
C ASN K 92 -31.96 1.82 39.21
N LEU K 93 -31.31 2.22 38.11
CA LEU K 93 -31.08 1.36 36.95
C LEU K 93 -29.71 0.69 37.06
N LEU K 94 -28.68 1.50 37.39
CA LEU K 94 -27.27 1.09 37.52
C LEU K 94 -26.74 1.68 38.81
N SER K 95 -26.09 0.87 39.64
CA SER K 95 -25.60 1.30 40.95
C SER K 95 -24.30 0.61 41.34
N ALA K 96 -23.37 1.37 41.98
CA ALA K 96 -22.09 0.83 42.46
C ALA K 96 -21.61 1.55 43.71
N ILE K 97 -20.90 0.82 44.56
CA ILE K 97 -20.37 1.33 45.83
C ILE K 97 -18.87 1.05 45.90
N LYS K 98 -18.13 1.98 46.48
CA LYS K 98 -16.70 1.85 46.70
C LYS K 98 -16.41 2.25 48.12
N SER K 99 -15.56 1.50 48.79
CA SER K 99 -15.27 1.81 50.17
C SER K 99 -13.79 2.10 50.42
N PRO K 100 -13.43 3.39 50.51
CA PRO K 100 -12.05 3.71 50.86
C PRO K 100 -11.88 3.60 52.39
N CYS K 101 -10.63 3.58 52.86
CA CYS K 101 -10.28 3.50 54.28
C CYS K 101 -10.69 2.17 54.98
N GLN K 102 -10.42 2.08 56.29
CA GLN K 102 -10.70 0.93 57.16
C GLN K 102 -10.70 1.41 58.61
N ARG K 103 -9.61 2.14 58.97
CA ARG K 103 -9.35 2.78 60.25
C ARG K 103 -8.61 4.09 59.99
N GLU K 104 -8.77 5.06 60.90
CA GLU K 104 -8.18 6.40 60.86
C GLU K 104 -6.69 6.34 60.54
N THR K 105 -6.23 7.10 59.50
CA THR K 105 -4.84 7.14 59.04
C THR K 105 -3.90 7.29 60.24
N PRO K 106 -3.01 6.29 60.49
CA PRO K 106 -2.16 6.36 61.67
C PRO K 106 -1.00 7.32 61.52
N GLU K 107 -2.01 8.94 63.78
CA GLU K 107 -1.47 10.23 64.15
C GLU K 107 -0.19 10.67 63.42
N GLY K 108 0.76 9.73 63.15
CA GLY K 108 2.06 10.06 62.56
C GLY K 108 2.28 9.68 61.07
N ALA K 109 1.45 8.80 60.52
CA ALA K 109 1.59 8.36 59.12
C ALA K 109 1.22 9.47 58.14
N GLU K 110 1.96 9.58 57.02
CA GLU K 110 1.71 10.59 56.00
C GLU K 110 0.43 10.30 55.21
N ALA K 111 -0.41 11.32 55.01
CA ALA K 111 -1.68 11.22 54.27
C ALA K 111 -1.42 11.08 52.75
N LYS K 112 -1.39 9.82 52.27
CA LYS K 112 -1.12 9.44 50.88
C LYS K 112 -2.37 9.59 49.98
N PRO K 113 -2.22 10.17 48.76
CA PRO K 113 -3.42 10.37 47.91
C PRO K 113 -3.98 9.12 47.23
N TRP K 114 -5.28 8.84 47.44
CA TRP K 114 -5.95 7.68 46.83
C TRP K 114 -6.95 8.11 45.72
N TYR K 115 -7.12 7.24 44.70
CA TYR K 115 -8.03 7.45 43.55
C TYR K 115 -8.90 6.23 43.32
N GLU K 116 -10.23 6.46 43.18
CA GLU K 116 -11.22 5.42 42.97
C GLU K 116 -12.21 5.72 41.83
N PRO K 117 -11.99 5.15 40.63
CA PRO K 117 -12.98 5.34 39.54
C PRO K 117 -14.14 4.34 39.62
N ILE K 118 -15.32 4.73 39.11
CA ILE K 118 -16.51 3.88 39.05
C ILE K 118 -17.12 4.05 37.65
N TYR K 119 -17.41 2.93 36.97
CA TYR K 119 -18.04 2.96 35.66
C TYR K 119 -19.38 2.20 35.70
N LEU K 120 -20.43 2.81 35.16
CA LEU K 120 -21.79 2.23 35.09
C LEU K 120 -22.22 2.25 33.61
N GLY K 121 -22.86 1.17 33.15
CA GLY K 121 -23.30 1.11 31.77
C GLY K 121 -24.21 -0.05 31.45
N GLY K 122 -25.30 0.23 30.73
CA GLY K 122 -26.28 -0.77 30.32
C GLY K 122 -27.36 -0.29 29.37
N VAL K 123 -28.05 -1.26 28.75
CA VAL K 123 -29.14 -1.03 27.78
C VAL K 123 -30.51 -1.14 28.49
N PHE K 124 -31.32 -0.08 28.34
CA PHE K 124 -32.64 0.00 28.96
C PHE K 124 -33.72 0.49 28.00
N GLN K 125 -34.96 0.00 28.20
CA GLN K 125 -36.12 0.44 27.45
C GLN K 125 -36.66 1.66 28.20
N LEU K 126 -36.67 2.81 27.54
CA LEU K 126 -37.12 4.07 28.16
C LEU K 126 -38.30 4.65 27.43
N GLU K 127 -39.10 5.45 28.16
CA GLU K 127 -40.28 6.11 27.59
C GLU K 127 -39.99 7.58 27.30
N LYS K 128 -40.75 8.16 26.35
CA LYS K 128 -40.65 9.58 25.97
C LYS K 128 -40.97 10.42 27.21
N GLY K 129 -40.07 11.34 27.55
CA GLY K 129 -40.23 12.22 28.71
C GLY K 129 -39.57 11.74 29.98
N ASP K 130 -38.99 10.52 29.97
CA ASP K 130 -38.29 9.98 31.13
C ASP K 130 -37.04 10.81 31.43
N ARG K 131 -36.70 10.92 32.71
CA ARG K 131 -35.52 11.67 33.16
C ARG K 131 -34.47 10.72 33.72
N LEU K 132 -33.22 10.91 33.30
CA LEU K 132 -32.08 10.10 33.74
C LEU K 132 -31.18 10.95 34.62
N SER K 133 -30.84 10.41 35.79
CA SER K 133 -30.01 11.09 36.76
C SER K 133 -28.78 10.24 37.06
N ALA K 134 -27.58 10.85 37.04
CA ALA K 134 -26.32 10.20 37.39
C ALA K 134 -25.79 10.99 38.56
N GLU K 135 -25.91 10.39 39.75
CA GLU K 135 -25.58 11.04 41.01
C GLU K 135 -24.55 10.31 41.85
N ILE K 136 -23.90 11.08 42.74
CA ILE K 136 -22.96 10.63 43.76
C ILE K 136 -23.47 11.17 45.11
N ASN K 137 -23.00 10.59 46.21
CA ASN K 137 -23.41 10.98 47.55
C ASN K 137 -22.42 11.93 48.24
N ARG K 138 -21.14 11.87 47.84
CA ARG K 138 -20.08 12.65 48.49
C ARG K 138 -19.30 13.58 47.53
N PRO K 139 -19.80 14.81 47.26
CA PRO K 139 -19.07 15.72 46.35
C PRO K 139 -17.70 16.14 46.86
N ASP K 140 -17.46 16.02 48.19
CA ASP K 140 -16.17 16.31 48.81
C ASP K 140 -15.12 15.29 48.41
N LEU K 142 -15.30 13.85 45.17
CA LEU K 142 -15.35 13.86 43.70
C LEU K 142 -14.13 14.57 43.09
N ASP K 143 -13.56 13.99 42.02
CA ASP K 143 -12.40 14.52 41.29
C ASP K 143 -12.71 14.79 39.80
N PHE K 144 -13.11 16.04 39.50
CA PHE K 144 -13.39 16.51 38.14
C PHE K 144 -12.37 17.57 37.70
N ALA K 145 -11.19 17.58 38.34
CA ALA K 145 -10.11 18.54 38.10
C ALA K 145 -9.56 18.55 36.67
N GLU K 146 -9.55 17.38 36.02
CA GLU K 146 -9.07 17.22 34.64
C GLU K 146 -10.13 16.58 33.74
N SER K 147 -10.04 16.80 32.41
CA SER K 147 -10.98 16.29 31.40
C SER K 147 -11.02 14.76 31.29
N GLY K 148 -12.20 14.23 30.95
CA GLY K 148 -12.46 12.80 30.74
C GLY K 148 -12.63 11.93 31.97
N GLN K 149 -12.56 12.54 33.17
CA GLN K 149 -12.65 11.84 34.46
C GLN K 149 -14.07 11.55 34.91
N VAL K 150 -15.03 12.44 34.63
CA VAL K 150 -16.40 12.22 35.07
C VAL K 150 -17.36 12.70 33.97
N TYR K 151 -18.17 11.76 33.50
CA TYR K 151 -19.08 11.92 32.38
C TYR K 151 -20.35 11.06 32.56
N PHE K 152 -21.37 11.35 31.73
CA PHE K 152 -22.68 10.72 31.76
C PHE K 152 -23.20 10.81 30.34
N GLY K 153 -23.59 9.67 29.77
CA GLY K 153 -24.09 9.65 28.40
C GLY K 153 -25.14 8.62 28.07
N ILE K 154 -25.94 8.91 27.02
CA ILE K 154 -27.00 8.03 26.48
C ILE K 154 -26.93 8.01 24.95
N ILE K 155 -27.39 6.92 24.35
CA ILE K 155 -27.49 6.77 22.91
C ILE K 155 -28.63 5.81 22.58
N ALA K 156 -29.58 6.26 21.73
CA ALA K 156 -30.69 5.45 21.29
C ALA K 156 -30.16 4.37 20.34
N LEU K 157 -30.55 3.11 20.57
CA LEU K 157 -30.12 1.97 19.76
C LEU K 157 -31.33 1.25 19.21
N GLN L 3 -13.04 30.89 67.07
CA GLN L 3 -12.95 29.56 66.49
C GLN L 3 -11.76 29.38 65.55
N LEU L 4 -11.43 30.40 64.75
CA LEU L 4 -10.28 30.31 63.82
C LEU L 4 -9.16 31.29 64.15
N GLN L 5 -7.90 30.82 64.04
CA GLN L 5 -6.72 31.65 64.29
C GLN L 5 -5.58 31.39 63.29
N GLU L 6 -5.25 32.43 62.52
CA GLU L 6 -4.18 32.38 61.52
C GLU L 6 -2.84 32.73 62.15
N SER L 7 -1.78 32.05 61.71
CA SER L 7 -0.40 32.27 62.14
C SER L 7 0.51 32.30 60.91
N GLY L 8 1.76 32.72 61.09
CA GLY L 8 2.72 32.91 60.02
C GLY L 8 2.50 34.31 59.47
N GLY L 9 2.93 34.55 58.24
CA GLY L 9 2.73 35.86 57.63
C GLY L 9 3.78 36.91 57.97
N GLY L 10 3.58 38.10 57.42
CA GLY L 10 4.48 39.23 57.58
C GLY L 10 5.14 39.64 56.28
N LEU L 11 6.39 40.10 56.38
CA LEU L 11 7.18 40.54 55.23
C LEU L 11 7.94 39.42 54.54
N VAL L 12 8.01 39.51 53.20
CA VAL L 12 8.71 38.57 52.32
C VAL L 12 9.17 39.31 51.05
N GLN L 13 10.35 38.94 50.52
CA GLN L 13 10.94 39.51 49.31
C GLN L 13 10.16 38.99 48.08
N PRO L 14 9.92 39.81 47.03
CA PRO L 14 9.23 39.29 45.83
C PRO L 14 9.95 38.09 45.22
N GLY L 15 9.16 37.10 44.82
CA GLY L 15 9.63 35.83 44.27
C GLY L 15 10.01 34.81 45.33
N GLY L 16 9.69 35.13 46.59
CA GLY L 16 9.98 34.29 47.74
C GLY L 16 8.85 33.35 48.15
N SER L 17 8.94 32.81 49.37
CA SER L 17 7.96 31.87 49.94
C SER L 17 7.54 32.21 51.36
N LEU L 18 6.32 31.82 51.74
CA LEU L 18 5.73 32.04 53.05
C LEU L 18 4.68 30.96 53.36
N ARG L 19 4.67 30.46 54.62
CA ARG L 19 3.69 29.45 55.05
C ARG L 19 2.74 30.01 56.11
N LEU L 20 1.44 29.97 55.81
CA LEU L 20 0.36 30.41 56.71
C LEU L 20 -0.29 29.18 57.31
N SER L 21 -0.76 29.30 58.56
CA SER L 21 -1.42 28.20 59.25
C SER L 21 -2.74 28.66 59.85
N CYS L 22 -3.75 27.78 59.79
CA CYS L 22 -5.06 28.07 60.34
C CYS L 22 -5.41 27.00 61.35
N ALA L 23 -5.51 27.41 62.62
CA ALA L 23 -5.85 26.52 63.72
C ALA L 23 -7.28 26.75 64.19
N ALA L 24 -8.01 25.64 64.39
CA ALA L 24 -9.36 25.69 64.91
C ALA L 24 -9.33 25.53 66.42
N SER L 25 -9.71 26.60 67.12
CA SER L 25 -9.77 26.66 68.58
C SER L 25 -11.20 26.27 69.00
N GLY L 26 -11.37 25.74 70.21
CA GLY L 26 -12.67 25.29 70.70
C GLY L 26 -13.14 24.03 70.00
N ARG L 27 -14.08 24.19 69.04
CA ARG L 27 -14.58 23.05 68.27
C ARG L 27 -13.54 22.61 67.23
N THR L 28 -13.06 21.36 67.35
CA THR L 28 -12.03 20.81 66.45
C THR L 28 -12.63 20.37 65.11
N PHE L 29 -11.81 20.35 64.05
CA PHE L 29 -12.22 20.00 62.69
C PHE L 29 -12.74 18.57 62.53
N SER L 30 -12.25 17.61 63.31
CA SER L 30 -12.70 16.21 63.25
C SER L 30 -14.14 16.05 63.76
N ASP L 31 -14.58 17.01 64.59
CA ASP L 31 -15.90 17.10 65.20
C ASP L 31 -16.83 17.97 64.35
N HIS L 32 -17.56 17.33 63.43
CA HIS L 32 -18.51 17.97 62.52
C HIS L 32 -19.85 17.25 62.57
N SER L 33 -20.94 17.99 62.31
CA SER L 33 -22.29 17.41 62.28
C SER L 33 -22.62 16.91 60.89
N GLY L 34 -22.10 17.61 59.88
CA GLY L 34 -22.32 17.28 58.48
C GLY L 34 -21.42 16.17 57.95
N TYR L 35 -20.95 16.33 56.70
CA TYR L 35 -20.09 15.35 56.05
C TYR L 35 -18.62 15.65 56.35
N THR L 36 -18.28 16.95 56.44
CA THR L 36 -16.94 17.49 56.69
C THR L 36 -16.97 18.98 56.97
N TYR L 37 -15.81 19.52 57.35
CA TYR L 37 -15.59 20.94 57.47
C TYR L 37 -14.96 21.32 56.13
N THR L 38 -15.33 22.48 55.60
CA THR L 38 -14.72 22.99 54.39
C THR L 38 -13.97 24.23 54.85
N ILE L 39 -12.66 24.27 54.60
CA ILE L 39 -11.80 25.36 55.03
C ILE L 39 -11.31 26.11 53.80
N GLY L 40 -11.48 27.42 53.82
CA GLY L 40 -11.04 28.30 52.75
C GLY L 40 -10.08 29.37 53.21
N TRP L 41 -9.17 29.74 52.34
CA TRP L 41 -8.23 30.83 52.53
C TRP L 41 -8.66 31.94 51.59
N PHE L 42 -8.72 33.16 52.11
CA PHE L 42 -9.13 34.37 51.41
C PHE L 42 -8.08 35.44 51.64
N ARG L 43 -8.14 36.52 50.85
CA ARG L 43 -7.25 37.65 51.00
C ARG L 43 -7.97 38.95 50.66
N GLN L 44 -7.65 40.02 51.39
CA GLN L 44 -8.23 41.33 51.14
C GLN L 44 -7.14 42.37 51.03
N ALA L 45 -6.91 42.86 49.79
CA ALA L 45 -5.92 43.88 49.49
C ALA L 45 -6.55 45.22 49.85
N PRO L 46 -5.76 46.20 50.37
CA PRO L 46 -6.37 47.49 50.79
C PRO L 46 -7.28 48.12 49.74
N GLY L 47 -8.48 48.49 50.20
CA GLY L 47 -9.54 49.11 49.40
C GLY L 47 -10.03 48.28 48.23
N LYS L 48 -9.93 46.95 48.34
CA LYS L 48 -10.37 45.99 47.33
C LYS L 48 -11.23 44.93 48.02
N GLU L 49 -12.13 44.28 47.27
CA GLU L 49 -13.02 43.25 47.83
C GLU L 49 -12.28 41.97 48.18
N ARG L 50 -12.73 41.31 49.26
CA ARG L 50 -12.20 40.04 49.76
C ARG L 50 -12.26 39.00 48.64
N GLU L 51 -11.14 38.34 48.36
CA GLU L 51 -11.12 37.37 47.27
C GLU L 51 -10.65 35.99 47.70
N PHE L 52 -11.24 34.97 47.07
CA PHE L 52 -10.94 33.55 47.29
C PHE L 52 -9.52 33.23 46.87
N VAL L 53 -8.83 32.41 47.67
CA VAL L 53 -7.46 31.99 47.37
C VAL L 53 -7.42 30.49 47.11
N ALA L 54 -7.73 29.70 48.14
CA ALA L 54 -7.72 28.23 48.06
C ALA L 54 -8.77 27.60 49.00
N ARG L 55 -9.22 26.38 48.70
CA ARG L 55 -10.19 25.64 49.50
C ARG L 55 -9.70 24.21 49.70
N ILE L 56 -10.04 23.62 50.84
CA ILE L 56 -9.77 22.24 51.18
C ILE L 56 -10.94 21.66 51.97
N TYR L 57 -11.24 20.36 51.74
CA TYR L 57 -12.22 19.62 52.54
C TYR L 57 -11.42 18.88 53.58
N TRP L 58 -11.84 18.92 54.86
CA TRP L 58 -11.14 18.23 55.95
C TRP L 58 -11.11 16.72 55.77
N SER L 59 -12.20 16.16 55.25
CA SER L 59 -12.39 14.73 55.03
C SER L 59 -11.44 14.15 53.98
N SER L 60 -11.56 14.63 52.74
CA SER L 60 -10.84 14.16 51.57
C SER L 60 -9.48 14.82 51.33
N GLY L 61 -9.37 16.09 51.69
CA GLY L 61 -8.16 16.86 51.42
C GLY L 61 -8.12 17.37 50.00
N ASN L 62 -9.28 17.29 49.29
CA ASN L 62 -9.44 17.75 47.91
C ASN L 62 -9.46 19.27 47.87
N THR L 63 -8.74 19.83 46.90
CA THR L 63 -8.48 21.26 46.80
C THR L 63 -9.01 21.97 45.54
N TYR L 64 -9.12 23.29 45.64
CA TYR L 64 -9.46 24.21 44.57
C TYR L 64 -8.68 25.50 44.80
N TYR L 65 -8.07 26.02 43.72
CA TYR L 65 -7.25 27.23 43.77
C TYR L 65 -7.79 28.27 42.81
N ALA L 66 -7.60 29.56 43.16
CA ALA L 66 -7.93 30.69 42.29
C ALA L 66 -6.92 30.60 41.14
N ASP L 67 -7.33 30.96 39.91
CA ASP L 67 -6.49 30.86 38.71
C ASP L 67 -5.10 31.46 38.87
N SER L 68 -4.99 32.64 39.51
CA SER L 68 -3.72 33.34 39.73
C SER L 68 -2.78 32.69 40.77
N VAL L 69 -3.28 31.70 41.55
CA VAL L 69 -2.47 31.03 42.60
C VAL L 69 -2.20 29.55 42.29
N LYS L 70 -2.98 28.96 41.36
CA LYS L 70 -2.88 27.56 40.94
C LYS L 70 -1.47 27.32 40.35
N GLY L 71 -0.77 26.34 40.92
CA GLY L 71 0.58 25.97 40.53
C GLY L 71 1.67 26.51 41.43
N ARG L 72 1.40 27.63 42.15
CA ARG L 72 2.39 28.25 43.06
C ARG L 72 2.01 28.12 44.53
N PHE L 73 0.71 28.13 44.82
CA PHE L 73 0.20 28.01 46.20
C PHE L 73 -0.29 26.59 46.44
N ALA L 74 -0.10 26.09 47.66
CA ALA L 74 -0.55 24.76 48.04
C ALA L 74 -1.28 24.79 49.40
N ILE L 75 -2.53 24.31 49.40
CA ILE L 75 -3.36 24.20 50.61
C ILE L 75 -3.33 22.74 51.09
N SER L 76 -3.00 22.54 52.38
CA SER L 76 -2.89 21.21 52.97
C SER L 76 -3.52 21.16 54.37
N ARG L 77 -3.89 19.96 54.82
CA ARG L 77 -4.48 19.84 56.14
C ARG L 77 -3.70 18.83 57.00
N ASP L 78 -3.44 19.22 58.25
CA ASP L 78 -2.72 18.46 59.27
C ASP L 78 -3.76 17.92 60.26
N ILE L 79 -4.24 16.67 60.03
CA ILE L 79 -5.26 16.00 60.85
C ILE L 79 -4.84 15.97 62.33
N ALA L 80 -3.61 15.53 62.60
CA ALA L 80 -3.02 15.42 63.94
C ALA L 80 -2.96 16.75 64.69
N LYS L 81 -2.52 17.84 64.03
CA LYS L 81 -2.41 19.16 64.66
C LYS L 81 -3.68 20.01 64.53
N ASN L 82 -4.74 19.48 63.84
CA ASN L 82 -6.04 20.14 63.59
C ASN L 82 -5.82 21.54 62.93
N THR L 83 -4.90 21.59 61.95
CA THR L 83 -4.47 22.81 61.26
C THR L 83 -4.64 22.72 59.71
N VAL L 84 -4.89 23.88 59.08
CA VAL L 84 -5.01 24.03 57.62
C VAL L 84 -3.90 24.99 57.18
N ASP L 85 -2.90 24.48 56.46
CA ASP L 85 -1.76 25.28 56.01
C ASP L 85 -1.88 25.75 54.57
N LEU L 86 -1.34 26.94 54.31
CA LEU L 86 -1.26 27.52 52.98
C LEU L 86 0.19 27.92 52.71
N THR L 87 0.84 27.17 51.80
CA THR L 87 2.22 27.42 51.36
C THR L 87 2.12 28.31 50.13
N MET L 88 2.70 29.51 50.21
CA MET L 88 2.66 30.50 49.13
C MET L 88 4.05 30.71 48.53
N ASN L 89 4.24 30.26 47.28
CA ASN L 89 5.50 30.41 46.55
C ASN L 89 5.33 31.43 45.43
N ASN L 90 6.47 31.91 44.86
CA ASN L 90 6.55 32.88 43.75
C ASN L 90 5.71 34.14 44.01
N LEU L 91 5.94 34.78 45.18
CA LEU L 91 5.23 35.99 45.61
C LEU L 91 5.51 37.22 44.72
N GLU L 92 4.59 38.21 44.76
CA GLU L 92 4.60 39.43 43.94
C GLU L 92 4.01 40.61 44.74
N PRO L 93 4.39 41.90 44.48
CA PRO L 93 3.80 43.02 45.24
C PRO L 93 2.27 43.09 45.32
N GLU L 94 1.55 42.57 44.31
CA GLU L 94 0.09 42.57 44.30
C GLU L 94 -0.51 41.46 45.18
N ASP L 95 0.35 40.61 45.79
CA ASP L 95 -0.06 39.55 46.72
C ASP L 95 -0.18 40.12 48.15
N THR L 96 0.23 41.41 48.33
CA THR L 96 0.15 42.14 49.61
C THR L 96 -1.33 42.34 50.00
N ALA L 97 -1.79 41.52 50.95
CA ALA L 97 -3.16 41.50 51.46
C ALA L 97 -3.22 40.89 52.86
N VAL L 98 -4.29 41.19 53.61
CA VAL L 98 -4.50 40.56 54.90
C VAL L 98 -5.21 39.23 54.56
N TYR L 99 -4.56 38.09 54.88
CA TYR L 99 -5.01 36.74 54.59
C TYR L 99 -5.87 36.19 55.70
N TYR L 100 -7.07 35.70 55.33
CA TYR L 100 -8.07 35.18 56.25
C TYR L 100 -8.39 33.73 56.05
N CYS L 101 -8.63 33.05 57.16
CA CYS L 101 -9.04 31.66 57.18
C CYS L 101 -10.55 31.65 57.48
N ALA L 102 -11.30 30.84 56.72
CA ALA L 102 -12.75 30.71 56.86
C ALA L 102 -13.15 29.25 56.86
N ALA L 103 -14.19 28.90 57.63
CA ALA L 103 -14.66 27.53 57.70
C ALA L 103 -16.18 27.43 57.64
N ARG L 104 -16.68 26.24 57.25
CA ARG L 104 -18.09 25.91 57.16
C ARG L 104 -18.25 24.42 57.51
N ASP L 105 -19.16 24.10 58.46
CA ASP L 105 -19.47 22.72 58.84
C ASP L 105 -20.52 22.24 57.81
N GLY L 106 -20.00 21.78 56.67
CA GLY L 106 -20.77 21.31 55.52
C GLY L 106 -20.03 21.56 54.22
N ILE L 107 -20.70 21.30 53.08
CA ILE L 107 -20.11 21.47 51.74
C ILE L 107 -20.75 22.66 50.97
N PRO L 108 -20.06 23.81 50.88
CA PRO L 108 -20.61 24.95 50.12
C PRO L 108 -20.75 24.65 48.62
N THR L 109 -21.75 25.28 48.00
CA THR L 109 -22.03 25.14 46.56
C THR L 109 -21.51 26.37 45.81
N SER L 110 -20.62 27.15 46.47
CA SER L 110 -20.00 28.37 45.96
C SER L 110 -18.68 28.66 46.70
N ARG L 111 -17.77 29.39 46.02
CA ARG L 111 -16.48 29.85 46.55
C ARG L 111 -16.59 31.32 46.96
N SER L 112 -17.83 31.82 47.05
CA SER L 112 -18.17 33.18 47.44
C SER L 112 -17.83 33.38 48.92
N VAL L 113 -17.46 34.62 49.28
CA VAL L 113 -17.15 35.02 50.66
C VAL L 113 -18.43 34.82 51.53
N GLU L 114 -19.62 35.04 50.94
CA GLU L 114 -20.95 34.87 51.53
C GLU L 114 -21.23 33.41 51.98
N SER L 115 -20.58 32.42 51.33
CA SER L 115 -20.73 30.98 51.64
C SER L 115 -20.12 30.55 52.97
N TYR L 116 -19.24 31.38 53.56
CA TYR L 116 -18.59 31.07 54.84
C TYR L 116 -19.08 32.03 55.91
N ASN L 117 -19.39 31.49 57.10
CA ASN L 117 -19.87 32.30 58.23
C ASN L 117 -18.79 32.60 59.26
N TYR L 118 -17.91 31.61 59.51
CA TYR L 118 -16.88 31.70 60.53
C TYR L 118 -15.53 32.07 59.96
N TRP L 119 -14.95 33.13 60.54
CA TRP L 119 -13.70 33.71 60.08
C TRP L 119 -12.68 33.94 61.18
N GLY L 120 -11.41 33.86 60.79
CA GLY L 120 -10.29 34.18 61.66
C GLY L 120 -10.09 35.68 61.65
N GLN L 121 -9.26 36.22 62.55
CA GLN L 121 -9.02 37.66 62.63
C GLN L 121 -8.22 38.21 61.44
N GLY L 122 -7.46 37.34 60.78
CA GLY L 122 -6.64 37.69 59.63
C GLY L 122 -5.18 37.89 59.98
N THR L 123 -4.30 37.74 58.97
CA THR L 123 -2.86 37.91 59.11
C THR L 123 -2.32 38.70 57.91
N GLN L 124 -1.56 39.78 58.19
CA GLN L 124 -0.95 40.64 57.17
C GLN L 124 0.24 39.97 56.48
N VAL L 125 0.22 39.93 55.13
CA VAL L 125 1.28 39.39 54.28
C VAL L 125 1.71 40.52 53.31
N THR L 126 2.93 41.04 53.49
CA THR L 126 3.50 42.12 52.69
C THR L 126 4.65 41.61 51.82
N VAL L 127 4.53 41.80 50.50
CA VAL L 127 5.54 41.37 49.53
C VAL L 127 6.30 42.60 49.00
N SER L 128 7.52 42.85 49.53
CA SER L 128 8.37 44.00 49.13
C SER L 128 9.87 43.77 49.35
N SER L 129 10.70 44.57 48.66
CA SER L 129 12.18 44.56 48.71
C SER L 129 12.70 44.87 50.11
#